data_6CYF
#
_entry.id   6CYF
#
_cell.length_a   80.686
_cell.length_b   160.384
_cell.length_c   260.681
_cell.angle_alpha   90.00
_cell.angle_beta   90.00
_cell.angle_gamma   90.00
#
_symmetry.space_group_name_H-M   'P 21 21 21'
#
loop_
_entity.id
_entity.type
_entity.pdbx_description
1 polymer 'Type III secretion system protein'
2 polymer 'IgG1 antibody, kappa light chain'
3 polymer 'IgG1 antibody, heavy chain fragment'
4 water water
#
loop_
_entity_poly.entity_id
_entity_poly.type
_entity_poly.pdbx_seq_one_letter_code
_entity_poly.pdbx_strand_id
1 'polypeptide(L)'
;RNLNAARELFLDELKALTAELKVYSVIQSQINAALSARQGIRIDAGGIDLVDPTLYGYAVGDPRWKDSPEYALLSNLDTF
SGKLSIKDFLSGSPKQSGELKGLSDEYPFEKDNNPVGNFATTVSDRSR
;
A,B,I,Q
2 'polypeptide(L)'
;AIQMTQSPSSLSASVGDRVTITCRASQGIRNDLGWYQQKPGKAPKLLIYSASTLQSGVPSRFSGSGSGTDFTLTISSLQP
EDFATYYCLQDYNYPWTFGQGTKVEIKRTVAAPSVFIFPPSDEQLKSGTASVVCLLNNFYPREAKVQWKVDNALQSGNSQ
ESVTEQDSKDSTYSLSSTLTLSKADYEKHKVYACEVTHQGLSSPVTKSFNRGEC
;
C,L,E,T
3 'polypeptide(L)'
;EVQLVESGGGLVQPGGSLRLSCAASGFTFSSYAMDWVRQAPGKGLEWVSAITMSGITAYYTDDVKGRFTISRDNSKNTLY
LQMNSLRAEDTAVYYCAKEEFLPGTHYFYGMDVWGQGTTVTVSSASTKGPSVFPLAPSSKSTSGGTAALGCLVKDYFPEP
VTVSWNSGALTSGVHTFPAVLQSSGLYSLSSVVTVPSSSLGTQTYICNVNHKPSNTKVDKKVEPKSC
;
D,M,F,U
#
# COMPACT_ATOMS: atom_id res chain seq x y z
N ASN A 2 65.39 31.09 80.84
CA ASN A 2 66.48 30.36 80.10
C ASN A 2 66.34 28.84 80.27
N LEU A 3 66.07 28.40 81.50
CA LEU A 3 65.98 26.97 81.84
C LEU A 3 64.56 26.46 81.66
N ASN A 4 63.58 27.24 82.08
CA ASN A 4 62.17 26.89 81.91
C ASN A 4 61.73 26.98 80.44
N ALA A 5 62.40 27.82 79.65
CA ALA A 5 62.19 27.87 78.20
C ALA A 5 62.72 26.60 77.52
N ALA A 6 63.90 26.17 77.94
CA ALA A 6 64.53 24.94 77.41
C ALA A 6 63.69 23.68 77.71
N ARG A 7 63.13 23.62 78.91
CA ARG A 7 62.16 22.59 79.27
C ARG A 7 61.02 22.53 78.26
N GLU A 8 60.43 23.68 77.95
CA GLU A 8 59.24 23.75 77.09
C GLU A 8 59.52 23.45 75.61
N LEU A 9 60.74 23.70 75.14
CA LEU A 9 61.13 23.25 73.80
C LEU A 9 61.22 21.73 73.77
N PHE A 10 61.81 21.10 74.78
CA PHE A 10 61.87 19.64 74.86
C PHE A 10 60.49 18.98 75.02
N LEU A 11 59.52 19.67 75.64
CA LEU A 11 58.14 19.19 75.65
C LEU A 11 57.50 19.30 74.27
N ASP A 12 57.80 20.36 73.54
CA ASP A 12 57.31 20.53 72.16
C ASP A 12 57.92 19.50 71.19
N GLU A 13 59.20 19.18 71.34
CA GLU A 13 59.83 18.10 70.56
C GLU A 13 59.16 16.77 70.88
N LEU A 14 58.93 16.51 72.17
CA LEU A 14 58.30 15.26 72.62
C LEU A 14 56.83 15.14 72.18
N LYS A 15 56.17 16.28 72.06
CA LYS A 15 54.79 16.34 71.58
C LYS A 15 54.74 15.96 70.11
N ALA A 16 55.65 16.52 69.32
CA ALA A 16 55.76 16.27 67.86
C ALA A 16 56.09 14.82 67.54
N LEU A 17 57.08 14.25 68.21
CA LEU A 17 57.39 12.82 68.06
C LEU A 17 56.22 11.93 68.42
N THR A 18 55.56 12.25 69.53
CA THR A 18 54.40 11.49 69.97
C THR A 18 53.26 11.53 68.92
N ALA A 19 53.14 12.66 68.23
CA ALA A 19 52.15 12.83 67.16
C ALA A 19 52.51 11.97 65.95
N GLU A 20 53.76 12.04 65.53
CA GLU A 20 54.25 11.23 64.40
C GLU A 20 53.98 9.76 64.66
N LEU A 21 54.39 9.25 65.84
CA LEU A 21 54.08 7.88 66.22
C LEU A 21 52.58 7.58 66.17
N LYS A 22 51.75 8.56 66.55
CA LYS A 22 50.30 8.39 66.52
C LYS A 22 49.81 8.15 65.08
N VAL A 23 50.33 8.92 64.13
CA VAL A 23 49.95 8.76 62.71
C VAL A 23 50.36 7.38 62.22
N TYR A 24 51.62 6.98 62.49
CA TYR A 24 52.05 5.60 62.17
C TYR A 24 51.14 4.53 62.77
N SER A 25 50.63 4.78 63.97
CA SER A 25 49.67 3.86 64.59
C SER A 25 48.36 3.75 63.81
N VAL A 26 47.88 4.89 63.33
CA VAL A 26 46.66 4.94 62.54
C VAL A 26 46.86 4.16 61.24
N ILE A 27 47.99 4.41 60.57
CA ILE A 27 48.32 3.74 59.31
C ILE A 27 48.41 2.25 59.58
N GLN A 28 49.22 1.89 60.57
CA GLN A 28 49.45 0.49 60.91
C GLN A 28 48.14 -0.25 61.28
N SER A 29 47.15 0.45 61.82
CA SER A 29 45.89 -0.22 62.17
C SER A 29 45.00 -0.44 60.94
N GLN A 30 45.10 0.44 59.94
CA GLN A 30 44.45 0.21 58.63
C GLN A 30 45.08 -1.02 57.96
N ILE A 31 46.40 -1.11 58.03
CA ILE A 31 47.12 -2.23 57.46
C ILE A 31 46.72 -3.54 58.13
N ASN A 32 46.58 -3.55 59.46
CA ASN A 32 46.18 -4.77 60.17
C ASN A 32 44.70 -5.11 59.89
N ALA A 33 43.88 -4.09 59.70
CA ALA A 33 42.47 -4.32 59.36
C ALA A 33 42.38 -5.06 58.03
N ALA A 34 43.22 -4.64 57.07
CA ALA A 34 43.33 -5.30 55.78
C ALA A 34 43.81 -6.73 55.92
N LEU A 35 44.94 -6.93 56.60
CA LEU A 35 45.46 -8.30 56.83
C LEU A 35 44.40 -9.21 57.46
N SER A 36 43.68 -8.70 58.44
CA SER A 36 42.62 -9.47 59.11
C SER A 36 41.49 -9.93 58.18
N ALA A 37 41.04 -9.06 57.27
CA ALA A 37 39.97 -9.39 56.33
C ALA A 37 40.49 -9.97 55.00
N ARG A 38 41.75 -10.43 54.97
CA ARG A 38 42.41 -10.92 53.75
C ARG A 38 42.06 -9.97 52.59
N GLN A 39 42.43 -8.72 52.80
CA GLN A 39 41.99 -7.59 51.97
C GLN A 39 43.20 -6.74 51.55
N GLY A 40 42.99 -5.91 50.52
CA GLY A 40 44.04 -5.02 50.01
C GLY A 40 43.91 -3.67 50.66
N ILE A 41 44.85 -2.77 50.37
CA ILE A 41 44.77 -1.41 50.89
C ILE A 41 45.26 -0.40 49.88
N ARG A 42 44.43 0.61 49.61
CA ARG A 42 44.86 1.77 48.83
C ARG A 42 45.49 2.79 49.77
N ILE A 43 46.60 3.38 49.33
CA ILE A 43 47.28 4.41 50.12
C ILE A 43 47.39 5.76 49.39
N ASP A 44 46.66 5.91 48.28
CA ASP A 44 46.62 7.16 47.53
C ASP A 44 45.32 7.88 47.91
N ALA A 45 44.81 8.78 47.05
CA ALA A 45 43.60 9.53 47.37
C ALA A 45 42.33 8.66 47.56
N GLY A 46 42.37 7.44 47.01
CA GLY A 46 41.31 6.46 47.22
C GLY A 46 41.35 5.78 48.56
N GLY A 47 42.48 5.82 49.26
CA GLY A 47 42.59 5.34 50.65
C GLY A 47 42.12 6.36 51.66
N ILE A 48 42.38 6.12 52.95
CA ILE A 48 41.95 7.09 53.97
C ILE A 48 42.67 8.43 53.89
N ASP A 49 42.00 9.45 54.44
CA ASP A 49 42.52 10.80 54.62
C ASP A 49 43.06 10.90 56.05
N LEU A 50 44.36 11.16 56.19
CA LEU A 50 45.00 11.28 57.51
C LEU A 50 44.76 12.63 58.18
N VAL A 51 44.32 13.64 57.43
CA VAL A 51 43.93 14.94 57.99
C VAL A 51 42.45 14.85 58.33
N ASP A 52 42.15 14.11 59.38
CA ASP A 52 40.79 13.87 59.81
C ASP A 52 40.80 13.84 61.33
N PRO A 53 40.20 14.86 61.96
CA PRO A 53 40.15 15.00 63.42
C PRO A 53 39.80 13.69 64.16
N THR A 54 38.78 12.99 63.66
CA THR A 54 38.24 11.79 64.29
C THR A 54 39.27 10.69 64.55
N LEU A 55 40.32 10.65 63.73
CA LEU A 55 41.38 9.66 63.88
C LEU A 55 42.21 9.84 65.15
N TYR A 56 42.29 11.09 65.62
CA TYR A 56 43.16 11.46 66.74
C TYR A 56 42.41 11.94 68.01
N GLY A 57 41.11 11.64 68.12
CA GLY A 57 40.32 11.97 69.32
C GLY A 57 39.49 13.26 69.30
N TYR A 58 39.67 14.09 68.29
CA TYR A 58 38.94 15.37 68.14
C TYR A 58 37.65 15.15 67.37
N ALA A 59 36.57 15.80 67.80
CA ALA A 59 35.31 15.77 67.03
C ALA A 59 35.42 16.73 65.84
N VAL A 60 34.51 16.57 64.87
CA VAL A 60 34.68 17.15 63.52
C VAL A 60 34.90 18.68 63.48
N GLY A 61 34.08 19.43 64.23
CA GLY A 61 34.14 20.89 64.24
C GLY A 61 34.94 21.55 65.35
N ASP A 62 35.58 20.74 66.21
CA ASP A 62 36.41 21.21 67.34
C ASP A 62 37.50 22.19 66.86
N PRO A 63 37.48 23.44 67.33
CA PRO A 63 38.43 24.44 66.79
C PRO A 63 39.88 24.22 67.23
N ARG A 64 40.09 23.47 68.31
CA ARG A 64 41.44 23.17 68.82
C ARG A 64 42.13 21.99 68.09
N TRP A 65 41.44 21.37 67.13
CA TRP A 65 42.07 20.49 66.13
C TRP A 65 43.22 21.19 65.41
N LYS A 66 42.98 22.41 64.96
CA LYS A 66 44.00 23.18 64.20
C LYS A 66 45.25 23.53 65.01
N ASP A 67 45.08 23.64 66.33
CA ASP A 67 46.18 23.90 67.27
C ASP A 67 46.87 22.63 67.74
N SER A 68 46.44 21.46 67.28
CA SER A 68 46.98 20.19 67.77
C SER A 68 48.38 19.92 67.23
N PRO A 69 49.20 19.15 67.97
CA PRO A 69 50.52 18.75 67.45
C PRO A 69 50.44 17.79 66.24
N GLU A 70 49.34 17.04 66.16
CA GLU A 70 49.04 16.18 65.01
C GLU A 70 48.85 17.01 63.75
N TYR A 71 47.91 17.95 63.76
CA TYR A 71 47.72 18.86 62.63
C TYR A 71 48.99 19.68 62.31
N ALA A 72 49.76 20.02 63.33
CA ALA A 72 51.02 20.75 63.13
C ALA A 72 51.97 19.98 62.23
N LEU A 73 52.16 18.70 62.54
CA LEU A 73 52.98 17.79 61.75
C LEU A 73 52.46 17.66 60.31
N LEU A 74 51.19 17.28 60.18
CA LEU A 74 50.61 16.92 58.89
C LEU A 74 50.53 18.11 57.93
N SER A 75 50.05 19.24 58.42
CA SER A 75 49.87 20.44 57.60
C SER A 75 51.17 21.13 57.19
N ASN A 76 52.31 20.77 57.76
CA ASN A 76 53.64 21.32 57.43
C ASN A 76 54.40 20.50 56.38
N LEU A 77 53.83 19.37 55.93
CA LEU A 77 54.52 18.49 54.97
C LEU A 77 54.36 18.97 53.53
N ASP A 78 55.35 18.65 52.71
CA ASP A 78 55.47 19.00 51.29
C ASP A 78 54.21 18.64 50.52
N THR A 79 53.75 17.45 50.86
CA THR A 79 52.65 16.74 50.23
C THR A 79 51.25 17.14 50.69
N PHE A 80 51.15 17.97 51.74
CA PHE A 80 49.86 18.40 52.27
C PHE A 80 49.11 19.28 51.28
N SER A 81 47.81 19.06 51.15
CA SER A 81 47.00 19.84 50.23
C SER A 81 45.57 20.00 50.73
N GLY A 82 45.41 20.11 52.05
CA GLY A 82 44.09 20.10 52.69
C GLY A 82 43.69 18.70 53.11
N LYS A 83 43.92 17.74 52.22
CA LYS A 83 43.83 16.31 52.52
C LYS A 83 45.25 15.75 52.58
N LEU A 84 45.37 14.50 52.99
CA LEU A 84 46.68 13.84 53.05
C LEU A 84 46.52 12.33 53.04
N SER A 85 46.93 11.69 51.96
CA SER A 85 46.86 10.23 51.85
C SER A 85 47.98 9.58 52.66
N ILE A 86 47.86 8.27 52.84
CA ILE A 86 48.89 7.52 53.54
C ILE A 86 50.23 7.63 52.80
N LYS A 87 50.19 7.61 51.47
CA LYS A 87 51.39 7.74 50.66
C LYS A 87 51.96 9.14 50.74
N ASP A 88 51.09 10.15 50.72
CA ASP A 88 51.50 11.54 50.91
C ASP A 88 52.27 11.73 52.25
N PHE A 89 51.75 11.13 53.32
CA PHE A 89 52.40 11.22 54.62
C PHE A 89 53.74 10.50 54.65
N LEU A 90 53.74 9.25 54.22
CA LEU A 90 54.95 8.42 54.24
C LEU A 90 56.05 8.97 53.35
N SER A 91 55.67 9.58 52.22
CA SER A 91 56.64 10.20 51.30
C SER A 91 56.94 11.66 51.64
N GLY A 92 56.03 12.30 52.39
CA GLY A 92 56.18 13.72 52.74
C GLY A 92 57.29 14.04 53.74
N SER A 93 57.81 15.26 53.60
CA SER A 93 58.85 15.80 54.51
C SER A 93 58.41 17.21 54.91
N PRO A 94 58.79 17.71 56.11
CA PRO A 94 59.71 17.17 57.12
C PRO A 94 59.05 16.34 58.22
N LYS A 95 59.69 15.25 58.58
CA LYS A 95 59.33 14.46 59.76
C LYS A 95 60.51 13.58 60.15
N GLN A 96 60.56 13.17 61.40
CA GLN A 96 61.80 12.56 61.93
C GLN A 96 62.07 11.11 61.51
N SER A 97 61.12 10.47 60.84
CA SER A 97 61.33 9.13 60.24
C SER A 97 61.78 9.20 58.77
N GLY A 98 62.04 10.42 58.27
CA GLY A 98 62.53 10.60 56.91
C GLY A 98 61.41 10.47 55.92
N GLU A 99 61.72 9.85 54.78
CA GLU A 99 60.79 9.69 53.66
C GLU A 99 60.79 8.23 53.19
N LEU A 100 59.67 7.80 52.59
CA LEU A 100 59.59 6.55 51.83
C LEU A 100 59.21 6.88 50.40
N LYS A 101 60.16 6.68 49.49
CA LYS A 101 59.95 6.98 48.07
C LYS A 101 59.54 5.70 47.34
N GLY A 102 58.88 5.88 46.20
CA GLY A 102 58.51 4.78 45.31
C GLY A 102 57.60 3.72 45.90
N LEU A 103 56.58 4.15 46.62
CA LEU A 103 55.53 3.25 47.09
C LEU A 103 54.46 3.25 46.03
N SER A 104 53.85 2.11 45.77
CA SER A 104 52.74 2.05 44.82
C SER A 104 51.46 2.60 45.45
N ASP A 105 50.51 3.00 44.62
CA ASP A 105 49.24 3.56 45.07
C ASP A 105 48.32 2.55 45.78
N GLU A 106 48.56 1.26 45.59
CA GLU A 106 47.85 0.23 46.32
C GLU A 106 48.74 -0.98 46.59
N TYR A 107 48.35 -1.75 47.60
CA TYR A 107 48.96 -3.03 47.91
C TYR A 107 47.80 -4.01 48.01
N PRO A 108 47.61 -4.86 46.99
CA PRO A 108 46.43 -5.72 46.90
C PRO A 108 46.65 -7.04 47.60
N PHE A 109 45.58 -7.66 48.07
CA PHE A 109 45.74 -9.01 48.64
C PHE A 109 46.14 -9.98 47.55
N GLU A 110 47.25 -10.68 47.80
CA GLU A 110 47.67 -11.86 47.05
C GLU A 110 47.85 -13.04 48.03
N LYS A 111 47.90 -14.24 47.47
CA LYS A 111 47.88 -15.46 48.26
C LYS A 111 49.27 -15.96 48.66
N ASP A 112 50.32 -15.48 47.99
CA ASP A 112 51.69 -15.91 48.26
C ASP A 112 52.49 -14.64 48.25
N ASN A 113 53.30 -14.41 49.29
CA ASN A 113 54.06 -13.17 49.42
C ASN A 113 53.11 -11.96 49.35
N ASN A 114 52.03 -12.00 50.15
CA ASN A 114 51.02 -10.94 50.19
C ASN A 114 51.70 -9.55 50.24
N PRO A 115 51.44 -8.69 49.23
CA PRO A 115 51.99 -7.33 49.26
C PRO A 115 51.54 -6.47 50.46
N VAL A 116 50.38 -6.76 51.04
CA VAL A 116 49.93 -6.07 52.24
C VAL A 116 50.91 -6.37 53.39
N GLY A 117 51.25 -7.65 53.54
CA GLY A 117 52.25 -8.08 54.51
C GLY A 117 53.62 -7.42 54.38
N ASN A 118 54.08 -7.25 53.13
CA ASN A 118 55.38 -6.60 52.88
C ASN A 118 55.35 -5.11 53.17
N PHE A 119 54.20 -4.49 52.91
CA PHE A 119 53.97 -3.07 53.25
C PHE A 119 53.91 -2.89 54.76
N ALA A 120 53.22 -3.80 55.44
CA ALA A 120 53.15 -3.81 56.91
C ALA A 120 54.54 -3.83 57.54
N THR A 121 55.42 -4.65 56.98
CA THR A 121 56.81 -4.71 57.42
C THR A 121 57.56 -3.40 57.10
N THR A 122 57.39 -2.86 55.90
CA THR A 122 58.05 -1.59 55.55
C THR A 122 57.64 -0.43 56.47
N VAL A 123 56.35 -0.35 56.80
CA VAL A 123 55.83 0.70 57.67
C VAL A 123 56.25 0.47 59.12
N SER A 124 56.14 -0.79 59.59
CA SER A 124 56.60 -1.18 60.94
C SER A 124 58.08 -0.87 61.25
N ASP A 125 58.94 -0.87 60.23
CA ASP A 125 60.37 -0.50 60.38
C ASP A 125 60.63 1.02 60.39
N ARG A 126 59.58 1.83 60.54
CA ARG A 126 59.71 3.26 60.82
C ARG A 126 59.21 3.65 62.21
N SER A 127 58.09 3.06 62.68
CA SER A 127 57.70 3.22 64.10
C SER A 127 58.83 2.78 65.06
N ARG A 128 59.74 1.96 64.55
CA ARG A 128 61.13 1.91 65.02
C ARG A 128 61.97 2.94 64.26
N ALA B 1 55.40 -19.89 36.11
CA ALA B 1 55.86 -21.20 36.60
C ALA B 1 54.71 -22.23 36.60
N ILE B 2 53.77 -22.14 37.53
CA ILE B 2 53.05 -23.35 37.99
C ILE B 2 52.29 -24.01 36.85
N GLN B 3 52.57 -25.31 36.64
CA GLN B 3 52.00 -26.09 35.55
C GLN B 3 50.97 -27.03 36.08
N MET B 4 49.79 -27.02 35.48
CA MET B 4 48.72 -27.93 35.82
C MET B 4 48.60 -28.99 34.74
N THR B 5 48.51 -30.24 35.16
CA THR B 5 48.43 -31.36 34.23
C THR B 5 47.19 -32.15 34.56
N GLN B 6 46.16 -32.02 33.72
CA GLN B 6 44.96 -32.85 33.86
C GLN B 6 45.21 -34.22 33.26
N SER B 7 44.36 -35.17 33.64
CA SER B 7 44.31 -36.45 32.95
C SER B 7 43.03 -37.18 33.35
N PRO B 8 42.46 -37.97 32.41
CA PRO B 8 42.97 -38.19 31.05
C PRO B 8 42.67 -36.98 30.14
N SER B 9 43.40 -36.83 29.04
CA SER B 9 43.10 -35.78 28.06
C SER B 9 41.69 -35.88 27.50
N SER B 10 41.22 -37.12 27.36
CA SER B 10 39.79 -37.34 27.07
C SER B 10 39.35 -38.68 27.62
N LEU B 11 38.06 -38.94 27.55
CA LEU B 11 37.45 -39.96 28.39
C LEU B 11 36.06 -40.21 27.89
N SER B 12 35.67 -41.49 27.85
CA SER B 12 34.37 -41.87 27.30
C SER B 12 33.50 -42.46 28.39
N ALA B 13 32.21 -42.17 28.38
CA ALA B 13 31.29 -42.69 29.39
C ALA B 13 29.84 -42.57 28.95
N SER B 14 28.96 -43.28 29.66
CA SER B 14 27.53 -43.26 29.35
C SER B 14 26.73 -42.53 30.41
N VAL B 15 25.52 -42.11 30.03
CA VAL B 15 24.57 -41.53 30.98
C VAL B 15 24.44 -42.48 32.16
N GLY B 16 24.66 -41.96 33.37
CA GLY B 16 24.56 -42.74 34.60
C GLY B 16 25.90 -43.13 35.21
N ASP B 17 26.96 -43.20 34.41
CA ASP B 17 28.29 -43.58 34.89
C ASP B 17 28.86 -42.62 35.93
N ARG B 18 29.91 -43.07 36.60
CA ARG B 18 30.63 -42.30 37.60
C ARG B 18 31.95 -41.87 36.97
N VAL B 19 32.09 -40.57 36.72
CA VAL B 19 33.25 -39.99 36.03
C VAL B 19 34.20 -39.30 37.00
N THR B 20 35.50 -39.34 36.71
CA THR B 20 36.53 -38.82 37.61
C THR B 20 37.72 -38.27 36.83
N ILE B 21 37.90 -36.97 36.93
CA ILE B 21 38.99 -36.26 36.26
C ILE B 21 39.97 -35.84 37.32
N THR B 22 41.25 -35.82 36.97
CA THR B 22 42.34 -35.55 37.90
C THR B 22 43.11 -34.36 37.41
N CYS B 23 43.58 -33.53 38.33
CA CYS B 23 44.40 -32.36 38.02
C CYS B 23 45.55 -32.35 39.01
N ARG B 24 46.78 -32.24 38.50
CA ARG B 24 48.00 -32.28 39.30
C ARG B 24 48.82 -31.03 39.08
N ALA B 25 49.23 -30.41 40.19
CA ALA B 25 50.07 -29.21 40.13
C ALA B 25 51.53 -29.57 40.32
N SER B 26 52.41 -28.82 39.68
CA SER B 26 53.85 -29.02 39.81
C SER B 26 54.42 -28.52 41.16
N GLN B 27 53.58 -27.94 42.01
CA GLN B 27 53.97 -27.33 43.28
C GLN B 27 52.70 -27.21 44.12
N GLY B 28 52.85 -27.00 45.43
CA GLY B 28 51.70 -26.88 46.31
C GLY B 28 50.87 -25.65 46.00
N ILE B 29 49.55 -25.83 45.92
CA ILE B 29 48.61 -24.73 45.69
C ILE B 29 47.45 -24.72 46.70
N ARG B 30 47.66 -25.35 47.86
CA ARG B 30 46.69 -25.28 48.96
C ARG B 30 45.33 -25.84 48.50
N ASN B 31 44.23 -25.09 48.64
CA ASN B 31 42.95 -25.46 48.06
C ASN B 31 42.54 -24.48 46.97
N ASP B 32 43.52 -23.75 46.43
CA ASP B 32 43.23 -22.64 45.55
C ASP B 32 43.16 -23.13 44.10
N LEU B 33 42.10 -23.90 43.85
CA LEU B 33 41.91 -24.58 42.59
C LEU B 33 40.44 -24.62 42.25
N GLY B 34 40.10 -24.15 41.04
CA GLY B 34 38.73 -24.23 40.54
C GLY B 34 38.56 -25.18 39.35
N TRP B 35 37.31 -25.56 39.09
CA TRP B 35 36.93 -26.38 37.95
C TRP B 35 35.91 -25.63 37.11
N TYR B 36 36.16 -25.58 35.81
CA TYR B 36 35.29 -24.95 34.83
C TYR B 36 34.81 -25.97 33.79
N GLN B 37 33.60 -25.79 33.30
CA GLN B 37 32.97 -26.58 32.23
C GLN B 37 32.89 -25.69 30.99
N GLN B 38 33.25 -26.21 29.82
CA GLN B 38 33.01 -25.52 28.54
C GLN B 38 32.39 -26.47 27.54
N LYS B 39 31.42 -25.96 26.78
CA LYS B 39 30.81 -26.64 25.64
C LYS B 39 31.17 -25.91 24.34
N PRO B 40 31.10 -26.60 23.17
CA PRO B 40 31.61 -25.96 21.95
C PRO B 40 30.88 -24.67 21.59
N GLY B 41 31.66 -23.63 21.24
CA GLY B 41 31.14 -22.31 20.89
C GLY B 41 30.38 -21.61 21.99
N LYS B 42 30.77 -21.85 23.24
CA LYS B 42 30.14 -21.22 24.40
C LYS B 42 31.18 -20.86 25.45
N ALA B 43 30.79 -19.94 26.31
CA ALA B 43 31.70 -19.42 27.32
C ALA B 43 31.87 -20.45 28.43
N PRO B 44 33.05 -20.47 29.10
CA PRO B 44 33.19 -21.36 30.25
C PRO B 44 32.30 -20.97 31.43
N LYS B 45 32.04 -21.94 32.27
CA LYS B 45 31.13 -21.81 33.41
C LYS B 45 31.88 -22.36 34.63
N LEU B 46 31.91 -21.59 35.71
CA LEU B 46 32.54 -22.06 36.95
C LEU B 46 31.61 -23.05 37.63
N LEU B 47 32.18 -24.20 38.00
CA LEU B 47 31.45 -25.28 38.66
C LEU B 47 31.85 -25.43 40.12
N ILE B 48 33.15 -25.48 40.36
CA ILE B 48 33.68 -25.70 41.69
C ILE B 48 34.86 -24.78 41.94
N TYR B 49 34.91 -24.21 43.14
CA TYR B 49 36.05 -23.39 43.59
C TYR B 49 36.53 -23.79 44.97
N SER B 50 37.72 -23.31 45.32
CA SER B 50 38.36 -23.61 46.60
C SER B 50 38.45 -25.12 46.78
N ALA B 51 38.81 -25.80 45.69
CA ALA B 51 38.96 -27.26 45.62
C ALA B 51 37.65 -28.08 45.71
N SER B 52 36.74 -27.71 46.61
CA SER B 52 35.55 -28.52 46.87
C SER B 52 34.23 -27.77 47.10
N THR B 53 34.17 -26.46 46.87
CA THR B 53 32.92 -25.75 47.12
C THR B 53 32.15 -25.67 45.82
N LEU B 54 30.87 -25.98 45.88
CA LEU B 54 30.03 -25.99 44.70
C LEU B 54 29.56 -24.57 44.42
N GLN B 55 29.75 -24.09 43.19
CA GLN B 55 29.14 -22.81 42.74
C GLN B 55 27.65 -22.98 42.82
N SER B 56 26.92 -21.94 43.23
CA SER B 56 25.48 -22.15 43.46
C SER B 56 24.79 -22.31 42.11
N GLY B 57 23.76 -23.16 42.06
CA GLY B 57 23.11 -23.51 40.79
C GLY B 57 23.65 -24.77 40.16
N VAL B 58 24.91 -25.11 40.44
CA VAL B 58 25.52 -26.35 39.94
C VAL B 58 24.90 -27.52 40.72
N PRO B 59 24.40 -28.56 39.99
CA PRO B 59 23.72 -29.66 40.68
C PRO B 59 24.64 -30.57 41.52
N SER B 60 24.05 -31.25 42.50
CA SER B 60 24.81 -31.96 43.54
C SER B 60 25.66 -33.15 43.05
N ARG B 61 25.37 -33.68 41.86
CA ARG B 61 26.19 -34.76 41.30
C ARG B 61 27.66 -34.36 41.08
N PHE B 62 27.91 -33.08 40.83
CA PHE B 62 29.29 -32.58 40.79
C PHE B 62 29.85 -32.43 42.19
N SER B 63 31.14 -32.73 42.34
CA SER B 63 31.81 -32.65 43.62
C SER B 63 33.31 -32.55 43.40
N GLY B 64 33.98 -31.86 44.31
CA GLY B 64 35.41 -31.55 44.18
C GLY B 64 36.15 -32.04 45.40
N SER B 65 37.45 -32.23 45.25
CA SER B 65 38.24 -32.86 46.28
C SER B 65 39.72 -32.59 46.02
N GLY B 66 40.51 -32.63 47.09
CA GLY B 66 41.98 -32.56 47.02
C GLY B 66 42.58 -31.42 47.80
N SER B 67 43.90 -31.52 48.03
CA SER B 67 44.71 -30.46 48.64
C SER B 67 46.16 -30.59 48.22
N GLY B 68 46.88 -29.48 48.23
CA GLY B 68 48.29 -29.48 47.95
C GLY B 68 48.57 -29.49 46.46
N THR B 69 48.73 -30.69 45.90
CA THR B 69 49.05 -30.87 44.46
C THR B 69 48.09 -31.76 43.67
N ASP B 70 47.33 -32.64 44.32
CA ASP B 70 46.48 -33.60 43.61
C ASP B 70 45.02 -33.28 43.86
N PHE B 71 44.23 -33.07 42.79
CA PHE B 71 42.81 -32.72 42.90
C PHE B 71 41.93 -33.54 41.97
N THR B 72 40.63 -33.53 42.26
CA THR B 72 39.67 -34.44 41.67
C THR B 72 38.27 -33.84 41.50
N LEU B 73 37.84 -33.71 40.25
CA LEU B 73 36.42 -33.43 39.94
C LEU B 73 35.77 -34.79 39.76
N THR B 74 34.50 -34.89 40.20
CA THR B 74 33.77 -36.14 40.18
C THR B 74 32.31 -35.89 39.88
N ILE B 75 31.81 -36.53 38.82
CA ILE B 75 30.39 -36.49 38.49
C ILE B 75 29.85 -37.86 38.89
N SER B 76 28.94 -37.89 39.84
CA SER B 76 28.51 -39.15 40.45
C SER B 76 27.63 -39.97 39.49
N SER B 77 26.69 -39.29 38.82
CA SER B 77 25.80 -39.94 37.86
C SER B 77 25.65 -39.04 36.62
N LEU B 78 26.54 -39.26 35.65
CA LEU B 78 26.64 -38.42 34.44
C LEU B 78 25.31 -38.25 33.71
N GLN B 79 25.09 -37.06 33.17
CA GLN B 79 23.82 -36.73 32.53
C GLN B 79 24.09 -36.23 31.13
N PRO B 80 23.04 -36.17 30.27
CA PRO B 80 23.24 -35.67 28.89
C PRO B 80 23.92 -34.28 28.83
N GLU B 81 23.56 -33.38 29.75
CA GLU B 81 24.09 -32.02 29.78
C GLU B 81 25.58 -31.93 30.14
N ASP B 82 26.14 -32.99 30.73
CA ASP B 82 27.50 -32.97 31.25
C ASP B 82 28.57 -33.35 30.23
N PHE B 83 28.18 -33.70 29.00
CA PHE B 83 29.18 -34.03 27.99
C PHE B 83 29.75 -32.70 27.49
N ALA B 84 31.04 -32.53 27.77
CA ALA B 84 31.69 -31.24 27.63
C ALA B 84 33.18 -31.39 27.96
N THR B 85 33.92 -30.30 27.86
CA THR B 85 35.31 -30.25 28.29
C THR B 85 35.41 -29.56 29.66
N TYR B 86 36.30 -30.08 30.53
CA TYR B 86 36.47 -29.56 31.89
C TYR B 86 37.90 -29.13 32.10
N TYR B 87 38.08 -27.91 32.64
CA TYR B 87 39.41 -27.36 32.92
C TYR B 87 39.57 -27.04 34.40
N CYS B 88 40.77 -27.28 34.92
CA CYS B 88 41.12 -26.88 36.27
C CYS B 88 41.94 -25.61 36.18
N LEU B 89 41.85 -24.80 37.23
CA LEU B 89 42.59 -23.53 37.33
C LEU B 89 43.21 -23.36 38.71
N GLN B 90 44.52 -23.11 38.76
CA GLN B 90 45.18 -22.69 40.00
C GLN B 90 45.25 -21.18 40.03
N ASP B 91 44.88 -20.58 41.16
CA ASP B 91 45.12 -19.13 41.40
C ASP B 91 45.96 -18.82 42.66
N TYR B 92 46.71 -19.80 43.12
CA TYR B 92 47.63 -19.62 44.24
C TYR B 92 48.79 -18.67 43.88
N ASN B 93 49.42 -18.87 42.72
CA ASN B 93 50.46 -17.94 42.22
C ASN B 93 50.02 -17.25 40.94
N TYR B 94 50.53 -16.04 40.71
CA TYR B 94 50.46 -15.39 39.42
C TYR B 94 51.71 -15.81 38.64
N PRO B 95 51.59 -16.15 37.35
CA PRO B 95 50.40 -16.26 36.51
C PRO B 95 49.51 -17.37 36.95
N TRP B 96 48.20 -17.13 36.95
CA TRP B 96 47.23 -18.20 37.13
C TRP B 96 47.34 -19.08 35.88
N THR B 97 47.12 -20.39 36.04
CA THR B 97 47.32 -21.31 34.93
C THR B 97 46.26 -22.40 34.91
N PHE B 98 45.82 -22.72 33.70
CA PHE B 98 44.77 -23.73 33.50
C PHE B 98 45.40 -25.07 33.21
N GLY B 99 44.68 -26.13 33.52
CA GLY B 99 45.00 -27.45 32.97
C GLY B 99 44.67 -27.49 31.47
N GLN B 100 45.26 -28.46 30.77
CA GLN B 100 45.13 -28.50 29.31
C GLN B 100 43.77 -29.02 28.84
N GLY B 101 42.94 -29.50 29.76
CA GLY B 101 41.54 -29.79 29.49
C GLY B 101 41.30 -31.27 29.43
N THR B 102 40.04 -31.66 29.65
CA THR B 102 39.63 -33.05 29.62
C THR B 102 38.25 -33.16 28.98
N LYS B 103 38.20 -33.70 27.75
CA LYS B 103 36.94 -33.84 27.04
C LYS B 103 36.19 -35.07 27.54
N VAL B 104 34.89 -34.94 27.76
CA VAL B 104 34.05 -36.05 28.18
C VAL B 104 33.09 -36.35 27.03
N GLU B 105 33.43 -37.40 26.26
CA GLU B 105 32.70 -37.81 25.08
C GLU B 105 31.70 -38.92 25.43
N ILE B 106 30.63 -39.00 24.63
CA ILE B 106 29.58 -40.02 24.76
C ILE B 106 30.16 -41.38 24.25
N LYS B 107 29.92 -42.45 25.01
CA LYS B 107 30.44 -43.79 24.67
C LYS B 107 29.40 -44.63 23.94
N ARG B 108 29.86 -45.44 23.00
CA ARG B 108 29.02 -46.35 22.22
C ARG B 108 29.80 -47.58 21.69
N THR B 109 29.09 -48.50 21.02
CA THR B 109 29.70 -49.67 20.37
C THR B 109 30.72 -49.25 19.30
N VAL B 110 31.71 -50.10 19.04
CA VAL B 110 32.69 -49.88 17.95
C VAL B 110 31.97 -49.88 16.60
N ALA B 111 32.42 -49.01 15.69
CA ALA B 111 31.88 -48.93 14.34
C ALA B 111 33.02 -48.61 13.39
N ALA B 112 33.06 -49.33 12.28
CA ALA B 112 34.16 -49.18 11.32
C ALA B 112 33.88 -48.00 10.41
N PRO B 113 34.93 -47.28 10.01
CA PRO B 113 34.74 -46.25 9.01
C PRO B 113 34.56 -46.86 7.63
N SER B 114 33.56 -46.42 6.89
CA SER B 114 33.59 -46.59 5.44
C SER B 114 34.63 -45.58 4.94
N VAL B 115 35.58 -46.05 4.15
CA VAL B 115 36.69 -45.23 3.62
C VAL B 115 36.48 -44.93 2.14
N PHE B 116 36.83 -43.70 1.74
CA PHE B 116 36.70 -43.23 0.37
C PHE B 116 37.91 -42.38 0.02
N ILE B 117 38.37 -42.44 -1.23
CA ILE B 117 39.48 -41.60 -1.70
C ILE B 117 39.03 -40.77 -2.90
N PHE B 118 39.59 -39.58 -3.04
CA PHE B 118 39.19 -38.61 -4.06
C PHE B 118 40.41 -38.07 -4.76
N PRO B 119 40.50 -38.24 -6.09
CA PRO B 119 41.63 -37.59 -6.75
C PRO B 119 41.43 -36.08 -6.83
N PRO B 120 42.51 -35.35 -7.12
CA PRO B 120 42.38 -33.94 -7.47
C PRO B 120 41.46 -33.76 -8.67
N SER B 121 40.59 -32.76 -8.61
CA SER B 121 39.80 -32.35 -9.77
C SER B 121 40.73 -31.83 -10.86
N ASP B 122 40.30 -32.01 -12.11
CA ASP B 122 41.03 -31.45 -13.26
C ASP B 122 41.11 -29.95 -13.14
N GLU B 123 40.01 -29.35 -12.70
CA GLU B 123 39.95 -27.89 -12.50
C GLU B 123 41.03 -27.37 -11.54
N GLN B 124 41.27 -28.08 -10.44
CA GLN B 124 42.33 -27.69 -9.49
C GLN B 124 43.70 -27.76 -10.12
N LEU B 125 43.94 -28.80 -10.91
CA LEU B 125 45.25 -29.02 -11.54
C LEU B 125 45.66 -27.87 -12.47
N LYS B 126 44.69 -27.20 -13.10
CA LYS B 126 44.95 -25.93 -13.83
C LYS B 126 45.65 -24.89 -12.96
N SER B 127 45.26 -24.80 -11.69
CA SER B 127 45.84 -23.83 -10.74
C SER B 127 47.29 -24.12 -10.35
N GLY B 128 47.73 -25.37 -10.48
CA GLY B 128 49.13 -25.76 -10.19
C GLY B 128 49.37 -26.47 -8.87
N THR B 129 48.30 -26.86 -8.19
CA THR B 129 48.38 -27.64 -6.94
C THR B 129 47.46 -28.85 -7.03
N ALA B 130 47.81 -29.93 -6.32
CA ALA B 130 47.02 -31.15 -6.26
C ALA B 130 46.68 -31.52 -4.82
N SER B 131 45.38 -31.71 -4.57
CA SER B 131 44.87 -32.06 -3.26
C SER B 131 44.17 -33.40 -3.37
N VAL B 132 44.69 -34.40 -2.68
CA VAL B 132 44.11 -35.72 -2.63
C VAL B 132 43.48 -35.87 -1.26
N VAL B 133 42.22 -36.28 -1.23
CA VAL B 133 41.43 -36.33 0.00
C VAL B 133 41.01 -37.75 0.33
N CYS B 134 41.30 -38.19 1.55
CA CYS B 134 40.76 -39.43 2.08
C CYS B 134 39.70 -39.14 3.14
N LEU B 135 38.59 -39.85 3.07
CA LEU B 135 37.46 -39.66 3.99
C LEU B 135 37.21 -40.93 4.77
N LEU B 136 37.31 -40.87 6.10
CA LEU B 136 36.78 -41.93 6.96
C LEU B 136 35.43 -41.45 7.48
N ASN B 137 34.39 -42.22 7.25
CA ASN B 137 33.03 -41.78 7.52
C ASN B 137 32.38 -42.60 8.63
N ASN B 138 31.85 -41.90 9.63
CA ASN B 138 31.03 -42.49 10.71
C ASN B 138 31.64 -43.68 11.46
N PHE B 139 32.68 -43.39 12.25
CA PHE B 139 33.40 -44.38 13.04
C PHE B 139 33.46 -44.07 14.55
N TYR B 140 33.79 -45.10 15.32
CA TYR B 140 34.00 -45.01 16.76
C TYR B 140 34.90 -46.17 17.21
N PRO B 141 35.88 -45.90 18.08
CA PRO B 141 36.26 -44.66 18.76
C PRO B 141 36.98 -43.66 17.86
N ARG B 142 37.32 -42.50 18.39
CA ARG B 142 37.98 -41.42 17.64
C ARG B 142 39.41 -41.77 17.14
N GLU B 143 40.08 -42.70 17.82
CA GLU B 143 41.45 -43.10 17.46
C GLU B 143 41.49 -43.71 16.06
N ALA B 144 42.44 -43.26 15.24
CA ALA B 144 42.56 -43.71 13.85
C ALA B 144 43.89 -43.29 13.25
N LYS B 145 44.54 -44.21 12.56
CA LYS B 145 45.79 -43.96 11.85
C LYS B 145 45.45 -43.91 10.37
N VAL B 146 45.90 -42.84 9.70
CA VAL B 146 45.69 -42.67 8.26
C VAL B 146 47.06 -42.45 7.65
N GLN B 147 47.48 -43.34 6.76
CA GLN B 147 48.80 -43.27 6.14
C GLN B 147 48.67 -43.11 4.63
N TRP B 148 49.34 -42.10 4.10
CA TRP B 148 49.41 -41.90 2.66
C TRP B 148 50.61 -42.66 2.10
N LYS B 149 50.38 -43.41 1.02
CA LYS B 149 51.46 -44.02 0.23
C LYS B 149 51.36 -43.51 -1.21
N VAL B 150 52.49 -43.10 -1.78
CA VAL B 150 52.59 -42.68 -3.19
C VAL B 150 53.62 -43.57 -3.93
N ASP B 151 53.13 -44.53 -4.72
CA ASP B 151 53.96 -45.63 -5.30
C ASP B 151 54.64 -46.41 -4.17
N ASN B 152 53.84 -46.80 -3.17
CA ASN B 152 54.32 -47.46 -1.93
C ASN B 152 55.43 -46.75 -1.14
N ALA B 153 55.51 -45.42 -1.25
CA ALA B 153 56.40 -44.59 -0.44
C ALA B 153 55.57 -43.90 0.67
N LEU B 154 55.71 -44.38 1.91
CA LEU B 154 55.03 -43.80 3.09
C LEU B 154 55.31 -42.31 3.12
N GLN B 155 54.25 -41.51 3.02
CA GLN B 155 54.38 -40.07 2.85
C GLN B 155 54.40 -39.39 4.21
N SER B 156 55.12 -38.27 4.31
CA SER B 156 55.41 -37.68 5.62
C SER B 156 55.49 -36.16 5.55
N GLY B 157 54.74 -35.50 6.44
CA GLY B 157 54.77 -34.05 6.60
C GLY B 157 54.18 -33.20 5.49
N ASN B 158 53.35 -33.80 4.63
CA ASN B 158 52.67 -33.07 3.53
C ASN B 158 51.16 -33.34 3.49
N SER B 159 50.57 -33.67 4.64
CA SER B 159 49.13 -33.86 4.79
C SER B 159 48.59 -33.27 6.09
N GLN B 160 47.29 -32.96 6.12
CA GLN B 160 46.60 -32.43 7.32
C GLN B 160 45.28 -33.15 7.54
N GLU B 161 44.93 -33.33 8.81
CA GLU B 161 43.69 -34.01 9.20
C GLU B 161 42.71 -33.02 9.84
N SER B 162 41.45 -33.45 9.92
CA SER B 162 40.41 -32.69 10.57
C SER B 162 39.29 -33.67 10.91
N VAL B 163 38.61 -33.43 12.03
CA VAL B 163 37.66 -34.39 12.60
C VAL B 163 36.37 -33.67 13.00
N THR B 164 35.21 -34.26 12.71
CA THR B 164 33.97 -33.69 13.16
C THR B 164 33.81 -33.87 14.67
N GLU B 165 32.92 -33.08 15.26
CA GLU B 165 32.43 -33.36 16.61
C GLU B 165 31.58 -34.60 16.55
N GLN B 166 31.50 -35.30 17.67
CA GLN B 166 30.66 -36.50 17.83
C GLN B 166 29.23 -36.20 17.34
N ASP B 167 28.66 -37.09 16.56
CA ASP B 167 27.36 -36.86 15.90
C ASP B 167 26.20 -36.90 16.89
N SER B 168 25.22 -36.03 16.66
CA SER B 168 24.02 -36.01 17.51
C SER B 168 23.10 -37.22 17.31
N LYS B 169 23.14 -37.84 16.12
CA LYS B 169 22.27 -38.99 15.78
C LYS B 169 22.90 -40.32 16.27
N ASP B 170 24.10 -40.64 15.82
CA ASP B 170 24.71 -41.97 16.07
C ASP B 170 26.02 -41.96 16.89
N SER B 171 26.42 -40.80 17.43
CA SER B 171 27.62 -40.66 18.26
C SER B 171 28.97 -41.07 17.60
N THR B 172 29.04 -41.00 16.26
CA THR B 172 30.26 -41.37 15.54
C THR B 172 31.07 -40.13 15.20
N TYR B 173 32.29 -40.36 14.72
CA TYR B 173 33.18 -39.32 14.21
C TYR B 173 33.38 -39.54 12.71
N SER B 174 33.88 -38.52 12.04
CA SER B 174 34.28 -38.62 10.64
C SER B 174 35.56 -37.82 10.49
N LEU B 175 36.44 -38.27 9.59
CA LEU B 175 37.78 -37.69 9.47
C LEU B 175 38.09 -37.41 8.01
N SER B 176 38.80 -36.31 7.76
CA SER B 176 39.28 -35.92 6.44
C SER B 176 40.78 -35.80 6.56
N SER B 177 41.52 -36.57 5.76
CA SER B 177 42.95 -36.34 5.60
C SER B 177 43.17 -35.81 4.19
N THR B 178 44.00 -34.79 4.06
CA THR B 178 44.20 -34.12 2.78
C THR B 178 45.69 -34.05 2.51
N LEU B 179 46.14 -34.85 1.51
CA LEU B 179 47.52 -34.85 1.02
C LEU B 179 47.66 -33.77 -0.03
N THR B 180 48.70 -32.95 0.10
CA THR B 180 48.88 -31.77 -0.76
C THR B 180 50.28 -31.79 -1.42
N LEU B 181 50.28 -31.72 -2.76
CA LEU B 181 51.50 -31.77 -3.58
C LEU B 181 51.41 -30.74 -4.68
N SER B 182 52.56 -30.36 -5.25
CA SER B 182 52.56 -29.53 -6.46
C SER B 182 52.03 -30.36 -7.63
N LYS B 183 51.56 -29.68 -8.68
CA LYS B 183 51.14 -30.36 -9.92
C LYS B 183 52.29 -31.22 -10.45
N ALA B 184 53.49 -30.64 -10.44
CA ALA B 184 54.73 -31.32 -10.81
C ALA B 184 54.86 -32.69 -10.14
N ASP B 185 54.93 -32.71 -8.80
CA ASP B 185 55.09 -33.95 -8.04
C ASP B 185 53.92 -34.91 -8.18
N TYR B 186 52.72 -34.38 -8.38
CA TYR B 186 51.55 -35.23 -8.58
C TYR B 186 51.70 -36.03 -9.87
N GLU B 187 52.03 -35.34 -10.95
CA GLU B 187 52.20 -35.96 -12.26
C GLU B 187 53.43 -36.88 -12.38
N LYS B 188 54.42 -36.72 -11.49
CA LYS B 188 55.57 -37.63 -11.41
C LYS B 188 55.32 -39.02 -10.77
N HIS B 189 54.11 -39.32 -10.31
CA HIS B 189 53.82 -40.63 -9.67
C HIS B 189 52.47 -41.18 -10.13
N LYS B 190 52.18 -42.44 -9.81
CA LYS B 190 51.02 -43.14 -10.39
C LYS B 190 50.01 -43.69 -9.38
N VAL B 191 50.48 -44.50 -8.43
CA VAL B 191 49.57 -45.10 -7.42
C VAL B 191 49.45 -44.17 -6.20
N TYR B 192 48.24 -43.63 -6.00
CA TYR B 192 47.91 -42.80 -4.83
C TYR B 192 46.99 -43.56 -3.90
N ALA B 193 47.47 -43.80 -2.68
CA ALA B 193 46.83 -44.72 -1.75
C ALA B 193 46.71 -44.18 -0.32
N CYS B 194 45.54 -44.40 0.26
CA CYS B 194 45.22 -44.00 1.62
C CYS B 194 45.02 -45.27 2.44
N GLU B 195 45.89 -45.54 3.41
CA GLU B 195 45.74 -46.72 4.30
C GLU B 195 45.22 -46.34 5.70
N VAL B 196 44.20 -47.06 6.16
CA VAL B 196 43.43 -46.71 7.35
C VAL B 196 43.41 -47.84 8.39
N THR B 197 44.13 -47.64 9.50
CA THR B 197 44.08 -48.57 10.65
C THR B 197 43.10 -48.07 11.72
N HIS B 198 42.25 -48.96 12.22
CA HIS B 198 41.22 -48.61 13.18
C HIS B 198 40.67 -49.88 13.85
N GLN B 199 40.24 -49.76 15.11
CA GLN B 199 39.85 -50.93 15.88
C GLN B 199 38.76 -51.79 15.25
N GLY B 200 37.74 -51.16 14.69
CA GLY B 200 36.67 -51.86 13.96
C GLY B 200 37.05 -52.58 12.66
N LEU B 201 38.25 -52.30 12.15
CA LEU B 201 38.80 -52.96 10.96
C LEU B 201 39.81 -54.03 11.37
N SER B 202 39.51 -55.31 11.06
CA SER B 202 40.38 -56.43 11.45
C SER B 202 41.81 -56.32 10.94
N SER B 203 41.95 -55.85 9.70
CA SER B 203 43.25 -55.50 9.13
C SER B 203 43.13 -54.14 8.43
N PRO B 204 44.26 -53.43 8.27
CA PRO B 204 44.20 -52.12 7.61
C PRO B 204 43.50 -52.13 6.25
N VAL B 205 42.63 -51.17 6.01
CA VAL B 205 41.93 -51.01 4.74
C VAL B 205 42.63 -49.95 3.91
N THR B 206 42.98 -50.31 2.67
CA THR B 206 43.55 -49.37 1.73
C THR B 206 42.54 -49.07 0.63
N LYS B 207 42.47 -47.78 0.24
CA LYS B 207 41.75 -47.35 -0.95
C LYS B 207 42.75 -46.58 -1.79
N SER B 208 42.62 -46.71 -3.10
CA SER B 208 43.57 -46.07 -4.01
C SER B 208 43.00 -45.92 -5.40
N PHE B 209 43.68 -45.08 -6.19
CA PHE B 209 43.39 -44.89 -7.58
C PHE B 209 44.73 -44.79 -8.31
N ASN B 210 44.69 -44.96 -9.62
CA ASN B 210 45.85 -44.70 -10.46
C ASN B 210 45.64 -43.38 -11.21
N ARG B 211 46.69 -42.55 -11.25
CA ARG B 211 46.61 -41.20 -11.77
C ARG B 211 46.08 -41.16 -13.20
N GLY B 212 45.01 -40.41 -13.38
CA GLY B 212 44.42 -40.22 -14.72
C GLY B 212 43.48 -41.31 -15.22
N GLU B 213 43.38 -42.44 -14.51
CA GLU B 213 42.52 -43.55 -14.92
C GLU B 213 41.15 -43.45 -14.25
N CYS B 214 40.16 -42.97 -15.00
CA CYS B 214 38.83 -42.66 -14.45
C CYS B 214 38.19 -43.90 -13.86
N VAL C 2 23.38 -9.40 35.33
CA VAL C 2 24.83 -9.21 35.13
C VAL C 2 25.17 -9.52 33.66
N GLN C 3 26.03 -8.71 33.06
CA GLN C 3 26.39 -8.89 31.65
C GLN C 3 27.73 -8.25 31.30
N LEU C 4 28.53 -8.99 30.52
CA LEU C 4 29.78 -8.50 29.95
C LEU C 4 29.74 -8.68 28.44
N VAL C 5 29.95 -7.61 27.66
CA VAL C 5 29.93 -7.70 26.19
C VAL C 5 31.30 -7.21 25.69
N GLU C 6 32.04 -8.11 25.06
CA GLU C 6 33.33 -7.77 24.48
C GLU C 6 33.15 -7.14 23.10
N SER C 7 34.14 -6.39 22.68
CA SER C 7 34.17 -5.83 21.33
C SER C 7 35.61 -5.47 20.98
N GLY C 8 35.85 -5.13 19.73
CA GLY C 8 37.14 -4.58 19.28
C GLY C 8 38.07 -5.56 18.60
N GLY C 9 37.68 -6.85 18.58
CA GLY C 9 38.45 -7.84 17.87
C GLY C 9 38.29 -7.70 16.38
N GLY C 10 39.19 -8.35 15.63
CA GLY C 10 39.10 -8.36 14.17
C GLY C 10 40.35 -8.94 13.56
N LEU C 11 40.75 -8.39 12.42
CA LEU C 11 41.91 -8.84 11.68
C LEU C 11 43.04 -7.81 11.74
N VAL C 12 44.25 -8.29 11.95
CA VAL C 12 45.44 -7.43 12.11
C VAL C 12 46.63 -8.22 11.59
N GLN C 13 47.67 -7.51 11.21
CA GLN C 13 48.90 -8.13 10.74
C GLN C 13 49.91 -8.26 11.85
N PRO C 14 50.87 -9.21 11.72
CA PRO C 14 51.99 -9.32 12.64
C PRO C 14 52.67 -7.97 12.86
N GLY C 15 52.94 -7.64 14.12
CA GLY C 15 53.45 -6.33 14.51
C GLY C 15 52.39 -5.26 14.77
N GLY C 16 51.13 -5.51 14.44
CA GLY C 16 50.07 -4.52 14.58
C GLY C 16 49.48 -4.49 15.98
N SER C 17 48.41 -3.68 16.11
CA SER C 17 47.79 -3.36 17.38
C SER C 17 46.28 -3.45 17.37
N LEU C 18 45.71 -3.90 18.47
CA LEU C 18 44.26 -3.94 18.69
C LEU C 18 43.96 -3.48 20.12
N ARG C 19 42.76 -2.92 20.31
CA ARG C 19 42.27 -2.58 21.63
C ARG C 19 40.96 -3.31 21.83
N LEU C 20 40.90 -4.24 22.77
CA LEU C 20 39.64 -4.88 23.13
C LEU C 20 38.95 -4.09 24.22
N SER C 21 37.62 -4.04 24.17
CA SER C 21 36.78 -3.41 25.18
C SER C 21 35.81 -4.43 25.73
N CYS C 22 35.48 -4.29 27.01
CA CYS C 22 34.44 -5.10 27.63
C CYS C 22 33.52 -4.18 28.41
N ALA C 23 32.24 -4.18 28.06
CA ALA C 23 31.25 -3.31 28.71
C ALA C 23 30.50 -4.07 29.79
N ALA C 24 30.68 -3.67 31.04
CA ALA C 24 30.00 -4.30 32.16
C ALA C 24 28.69 -3.59 32.50
N SER C 25 27.69 -4.37 32.89
CA SER C 25 26.42 -3.82 33.34
C SER C 25 25.71 -4.74 34.33
N GLY C 26 24.83 -4.16 35.15
CA GLY C 26 24.01 -4.90 36.11
C GLY C 26 24.75 -5.38 37.36
N PHE C 27 25.87 -4.74 37.68
CA PHE C 27 26.57 -4.96 38.95
C PHE C 27 27.56 -3.81 39.17
N THR C 28 28.09 -3.68 40.38
CA THR C 28 28.98 -2.56 40.67
C THR C 28 30.39 -2.89 40.17
N PHE C 29 30.65 -2.51 38.92
CA PHE C 29 31.89 -2.83 38.22
C PHE C 29 33.13 -2.50 39.04
N SER C 30 33.11 -1.37 39.73
CA SER C 30 34.27 -0.88 40.48
C SER C 30 34.63 -1.73 41.71
N SER C 31 33.74 -2.63 42.12
CA SER C 31 33.96 -3.47 43.29
C SER C 31 34.64 -4.81 43.02
N TYR C 32 34.68 -5.22 41.75
CA TYR C 32 35.22 -6.53 41.39
C TYR C 32 36.47 -6.41 40.54
N ALA C 33 37.42 -7.32 40.77
CA ALA C 33 38.54 -7.52 39.85
C ALA C 33 38.07 -8.17 38.53
N MET C 34 38.84 -7.98 37.48
CA MET C 34 38.46 -8.36 36.12
C MET C 34 39.63 -9.05 35.41
N ASP C 35 39.29 -9.94 34.49
CA ASP C 35 40.28 -10.72 33.72
C ASP C 35 40.05 -10.75 32.21
N TRP C 36 41.13 -11.00 31.47
CA TRP C 36 41.02 -11.52 30.11
C TRP C 36 41.51 -12.96 30.06
N VAL C 37 40.74 -13.80 29.40
CA VAL C 37 41.10 -15.20 29.14
C VAL C 37 40.98 -15.44 27.64
N ARG C 38 41.95 -16.15 27.05
CA ARG C 38 41.88 -16.47 25.61
C ARG C 38 41.87 -17.97 25.33
N GLN C 39 41.38 -18.30 24.14
CA GLN C 39 41.28 -19.68 23.66
C GLN C 39 41.56 -19.66 22.16
N ALA C 40 42.71 -20.21 21.77
CA ALA C 40 43.08 -20.34 20.35
C ALA C 40 42.24 -21.47 19.72
N PRO C 41 42.08 -21.47 18.37
CA PRO C 41 41.15 -22.43 17.74
C PRO C 41 41.56 -23.88 17.99
N GLY C 42 40.65 -24.68 18.53
CA GLY C 42 40.95 -26.07 18.88
C GLY C 42 41.70 -26.32 20.17
N LYS C 43 42.47 -25.33 20.66
CA LYS C 43 43.21 -25.47 21.91
C LYS C 43 42.36 -25.13 23.15
N GLY C 44 42.96 -25.22 24.33
CA GLY C 44 42.27 -24.92 25.60
C GLY C 44 42.41 -23.49 26.08
N LEU C 45 41.95 -23.24 27.32
CA LEU C 45 41.87 -21.89 27.92
C LEU C 45 43.22 -21.40 28.43
N GLU C 46 43.52 -20.14 28.17
CA GLU C 46 44.75 -19.53 28.71
C GLU C 46 44.37 -18.22 29.41
N TRP C 47 44.69 -18.14 30.71
CA TRP C 47 44.50 -16.91 31.45
C TRP C 47 45.54 -15.91 30.91
N VAL C 48 45.11 -14.69 30.62
CA VAL C 48 45.95 -13.70 29.96
C VAL C 48 46.36 -12.58 30.91
N SER C 49 45.37 -12.01 31.59
CA SER C 49 45.62 -10.86 32.41
C SER C 49 44.54 -10.66 33.45
N ALA C 50 44.93 -10.08 34.58
CA ALA C 50 43.98 -9.62 35.61
C ALA C 50 44.29 -8.20 36.05
N ILE C 51 43.26 -7.56 36.59
CA ILE C 51 43.41 -6.21 37.13
C ILE C 51 42.55 -6.05 38.39
N THR C 52 43.08 -5.29 39.35
CA THR C 52 42.36 -5.06 40.61
C THR C 52 41.18 -4.13 40.40
N MET C 53 40.27 -4.15 41.37
CA MET C 53 39.05 -3.33 41.30
C MET C 53 39.35 -1.85 41.09
N SER C 54 40.42 -1.38 41.73
CA SER C 54 40.86 0.00 41.62
C SER C 54 41.40 0.37 40.27
N GLY C 55 41.85 -0.62 39.49
CA GLY C 55 42.47 -0.37 38.21
C GLY C 55 43.96 -0.04 38.31
N ILE C 56 44.55 -0.15 39.50
CA ILE C 56 45.94 0.29 39.74
C ILE C 56 46.98 -0.79 39.51
N THR C 57 46.66 -2.03 39.84
CA THR C 57 47.63 -3.14 39.77
C THR C 57 47.19 -4.18 38.73
N ALA C 58 48.10 -4.50 37.81
CA ALA C 58 47.83 -5.43 36.73
C ALA C 58 48.74 -6.63 36.82
N TYR C 59 48.23 -7.78 36.41
CA TYR C 59 49.01 -9.03 36.35
C TYR C 59 48.92 -9.65 34.94
N TYR C 60 50.00 -10.29 34.49
CA TYR C 60 50.08 -10.85 33.12
C TYR C 60 50.63 -12.26 33.08
N THR C 61 50.10 -13.06 32.13
CA THR C 61 50.68 -14.36 31.75
C THR C 61 51.95 -14.13 30.94
N ASP C 62 52.81 -15.13 30.88
CA ASP C 62 54.20 -14.92 30.40
C ASP C 62 54.31 -14.57 28.93
N ASP C 63 53.55 -15.26 28.09
CA ASP C 63 53.56 -15.00 26.64
C ASP C 63 53.29 -13.52 26.25
N VAL C 64 52.61 -12.81 27.14
CA VAL C 64 52.01 -11.52 26.88
C VAL C 64 52.77 -10.34 27.51
N LYS C 65 53.67 -10.59 28.48
CA LYS C 65 54.36 -9.51 29.23
C LYS C 65 55.10 -8.54 28.32
N GLY C 66 54.85 -7.23 28.51
CA GLY C 66 55.52 -6.22 27.71
C GLY C 66 54.92 -6.02 26.32
N ARG C 67 53.88 -6.77 25.98
CA ARG C 67 53.17 -6.61 24.71
C ARG C 67 51.77 -6.12 24.95
N PHE C 68 51.00 -6.81 25.81
CA PHE C 68 49.65 -6.36 26.17
C PHE C 68 49.63 -5.52 27.46
N THR C 69 48.61 -4.66 27.54
CA THR C 69 48.34 -3.84 28.72
C THR C 69 46.87 -3.88 29.08
N ILE C 70 46.58 -4.34 30.29
CA ILE C 70 45.21 -4.34 30.80
C ILE C 70 44.95 -3.01 31.55
N SER C 71 43.72 -2.55 31.44
CA SER C 71 43.33 -1.32 32.10
C SER C 71 41.82 -1.27 32.21
N ARG C 72 41.33 -0.26 32.93
CA ARG C 72 39.90 -0.11 33.08
C ARG C 72 39.55 1.35 33.38
N ASP C 73 38.31 1.70 33.16
CA ASP C 73 37.76 3.01 33.46
C ASP C 73 36.47 2.78 34.22
N ASN C 74 36.53 2.95 35.55
CA ASN C 74 35.35 2.62 36.39
C ASN C 74 34.16 3.57 36.18
N SER C 75 34.39 4.82 35.78
CA SER C 75 33.29 5.72 35.41
C SER C 75 32.57 5.32 34.12
N LYS C 76 33.24 4.57 33.25
CA LYS C 76 32.63 4.04 32.00
C LYS C 76 32.17 2.58 32.09
N ASN C 77 32.42 1.90 33.21
CA ASN C 77 32.09 0.47 33.38
C ASN C 77 32.66 -0.39 32.27
N THR C 78 33.92 -0.13 31.94
CA THR C 78 34.57 -0.70 30.78
C THR C 78 35.96 -1.24 31.13
N LEU C 79 36.26 -2.43 30.62
CA LEU C 79 37.59 -3.05 30.74
C LEU C 79 38.25 -3.05 29.38
N TYR C 80 39.56 -2.80 29.37
CA TYR C 80 40.33 -2.71 28.13
C TYR C 80 41.47 -3.72 28.09
N LEU C 81 41.87 -4.13 26.89
CA LEU C 81 43.13 -4.83 26.66
C LEU C 81 43.80 -4.25 25.43
N GLN C 82 44.89 -3.53 25.63
CA GLN C 82 45.68 -2.98 24.53
C GLN C 82 46.63 -4.07 24.12
N MET C 83 46.59 -4.48 22.86
CA MET C 83 47.41 -5.59 22.36
C MET C 83 48.38 -5.02 21.33
N ASN C 84 49.67 -4.96 21.67
CA ASN C 84 50.70 -4.48 20.74
C ASN C 84 51.62 -5.63 20.36
N SER C 85 52.45 -5.42 19.34
CA SER C 85 53.41 -6.43 18.87
C SER C 85 52.74 -7.78 18.68
N LEU C 86 51.59 -7.76 18.02
CA LEU C 86 50.78 -8.96 17.87
C LEU C 86 51.48 -9.96 16.98
N ARG C 87 51.24 -11.24 17.24
CA ARG C 87 51.76 -12.29 16.40
C ARG C 87 50.74 -13.37 16.17
N ALA C 88 51.02 -14.25 15.21
CA ALA C 88 50.07 -15.26 14.75
C ALA C 88 49.50 -16.10 15.88
N GLU C 89 50.33 -16.39 16.88
CA GLU C 89 49.95 -17.26 18.02
C GLU C 89 48.94 -16.57 18.96
N ASP C 90 48.83 -15.23 18.87
CA ASP C 90 47.80 -14.50 19.61
C ASP C 90 46.39 -14.69 19.05
N THR C 91 46.27 -15.36 17.92
CA THR C 91 44.98 -15.63 17.31
C THR C 91 44.16 -16.52 18.22
N ALA C 92 43.01 -16.00 18.63
CA ALA C 92 42.16 -16.64 19.64
C ALA C 92 40.86 -15.88 19.86
N VAL C 93 39.90 -16.56 20.46
CA VAL C 93 38.75 -15.90 21.08
C VAL C 93 39.21 -15.32 22.42
N TYR C 94 38.98 -14.02 22.65
CA TYR C 94 39.32 -13.35 23.92
C TYR C 94 38.07 -13.11 24.74
N TYR C 95 38.04 -13.70 25.93
CA TYR C 95 36.91 -13.59 26.86
C TYR C 95 37.22 -12.59 27.95
N CYS C 96 36.19 -11.87 28.34
CA CYS C 96 36.23 -10.94 29.46
C CYS C 96 35.58 -11.68 30.64
N ALA C 97 36.17 -11.62 31.81
CA ALA C 97 35.62 -12.38 32.95
C ALA C 97 35.75 -11.66 34.31
N LYS C 98 34.64 -11.63 35.03
CA LYS C 98 34.54 -11.01 36.36
C LYS C 98 35.02 -11.97 37.44
N GLU C 99 35.96 -11.52 38.27
CA GLU C 99 36.45 -12.29 39.41
C GLU C 99 35.46 -12.16 40.57
N GLU C 100 35.39 -13.19 41.41
CA GLU C 100 34.60 -13.16 42.63
C GLU C 100 35.50 -13.40 43.85
N PHE C 101 35.17 -12.72 44.95
CA PHE C 101 35.90 -12.87 46.22
C PHE C 101 35.04 -13.62 47.23
N LEU C 102 35.69 -14.25 48.21
CA LEU C 102 34.97 -14.76 49.38
C LEU C 102 34.33 -13.61 50.14
N PRO C 103 33.13 -13.83 50.71
CA PRO C 103 32.41 -12.71 51.36
C PRO C 103 33.26 -11.93 52.38
N GLY C 104 33.18 -10.60 52.30
CA GLY C 104 33.97 -9.72 53.17
C GLY C 104 35.48 -9.69 52.95
N THR C 105 35.94 -10.20 51.80
CA THR C 105 37.39 -10.27 51.53
C THR C 105 37.73 -9.77 50.13
N HIS C 106 39.04 -9.68 49.87
CA HIS C 106 39.56 -9.56 48.50
C HIS C 106 40.28 -10.87 48.17
N TYR C 107 39.71 -11.99 48.66
CA TYR C 107 40.28 -13.32 48.50
C TYR C 107 39.66 -13.94 47.26
N PHE C 108 40.41 -13.85 46.18
CA PHE C 108 39.97 -14.27 44.85
C PHE C 108 39.83 -15.79 44.76
N TYR C 109 38.69 -16.28 44.28
CA TYR C 109 38.51 -17.73 44.08
C TYR C 109 38.15 -18.23 42.66
N GLY C 110 37.93 -17.32 41.72
CA GLY C 110 37.62 -17.69 40.34
C GLY C 110 36.77 -16.70 39.56
N MET C 111 36.36 -17.10 38.37
CA MET C 111 35.65 -16.25 37.42
C MET C 111 34.26 -16.80 37.23
N ASP C 112 33.27 -16.14 37.83
CA ASP C 112 31.88 -16.65 37.85
C ASP C 112 30.96 -16.05 36.79
N VAL C 113 31.43 -15.02 36.09
CA VAL C 113 30.68 -14.42 34.97
C VAL C 113 31.61 -14.15 33.80
N TRP C 114 31.24 -14.67 32.63
CA TRP C 114 32.04 -14.55 31.44
C TRP C 114 31.28 -13.83 30.32
N GLY C 115 31.99 -13.14 29.46
CA GLY C 115 31.40 -12.61 28.24
C GLY C 115 31.23 -13.70 27.19
N GLN C 116 30.74 -13.32 26.01
CA GLN C 116 30.59 -14.28 24.91
C GLN C 116 31.84 -14.41 24.07
N GLY C 117 32.72 -13.42 24.14
CA GLY C 117 34.06 -13.49 23.58
C GLY C 117 34.12 -12.63 22.34
N THR C 118 35.30 -12.17 21.99
CA THR C 118 35.50 -11.48 20.71
C THR C 118 36.70 -12.10 20.05
N THR C 119 36.66 -12.26 18.74
CA THR C 119 37.71 -12.97 18.01
C THR C 119 38.77 -12.03 17.52
N VAL C 120 40.03 -12.41 17.75
CA VAL C 120 41.18 -11.73 17.18
C VAL C 120 41.89 -12.72 16.28
N THR C 121 42.27 -12.27 15.08
CA THR C 121 42.95 -13.07 14.08
C THR C 121 44.17 -12.28 13.61
N VAL C 122 45.37 -12.82 13.85
CA VAL C 122 46.62 -12.18 13.45
C VAL C 122 47.23 -12.97 12.30
N SER C 123 47.41 -12.31 11.15
CA SER C 123 47.89 -12.98 9.95
C SER C 123 48.38 -11.98 8.90
N SER C 124 49.28 -12.45 8.03
CA SER C 124 49.70 -11.64 6.89
C SER C 124 48.71 -11.70 5.73
N ALA C 125 47.85 -12.73 5.71
CA ALA C 125 46.92 -12.93 4.63
C ALA C 125 45.95 -11.75 4.44
N SER C 126 45.69 -11.45 3.17
CA SER C 126 44.61 -10.59 2.72
C SER C 126 43.34 -11.41 2.66
N THR C 127 42.20 -10.72 2.72
CA THR C 127 40.90 -11.37 2.63
C THR C 127 40.76 -11.95 1.23
N LYS C 128 40.28 -13.18 1.14
CA LYS C 128 40.24 -13.89 -0.13
C LYS C 128 39.16 -14.96 -0.09
N GLY C 129 38.34 -15.00 -1.14
CA GLY C 129 37.29 -16.00 -1.27
C GLY C 129 37.87 -17.36 -1.63
N PRO C 130 37.12 -18.44 -1.35
CA PRO C 130 37.63 -19.78 -1.64
C PRO C 130 37.56 -20.13 -3.12
N SER C 131 38.37 -21.10 -3.53
CA SER C 131 38.16 -21.84 -4.75
C SER C 131 37.44 -23.11 -4.37
N VAL C 132 36.36 -23.45 -5.07
CA VAL C 132 35.61 -24.68 -4.77
C VAL C 132 35.83 -25.69 -5.90
N PHE C 133 36.27 -26.87 -5.50
CA PHE C 133 36.58 -27.97 -6.41
C PHE C 133 35.71 -29.16 -6.05
N PRO C 134 35.26 -29.92 -7.08
CA PRO C 134 34.44 -31.08 -6.78
C PRO C 134 35.30 -32.22 -6.26
N LEU C 135 34.78 -32.96 -5.28
CA LEU C 135 35.36 -34.23 -4.91
C LEU C 135 34.42 -35.24 -5.52
N ALA C 136 34.80 -35.67 -6.72
CA ALA C 136 33.96 -36.44 -7.63
C ALA C 136 33.85 -37.89 -7.16
N PRO C 137 32.61 -38.47 -7.18
CA PRO C 137 32.36 -39.78 -6.56
C PRO C 137 33.13 -40.95 -7.17
N SER C 138 33.35 -41.97 -6.36
CA SER C 138 34.33 -43.02 -6.73
C SER C 138 33.96 -43.74 -8.05
N SER C 139 34.96 -44.29 -8.72
CA SER C 139 34.76 -45.08 -9.94
C SER C 139 33.99 -46.43 -9.67
N LYS C 140 34.23 -47.05 -8.52
CA LYS C 140 33.60 -48.31 -8.06
C LYS C 140 32.62 -48.14 -6.88
N SER C 141 31.69 -49.08 -6.70
CA SER C 141 30.68 -48.99 -5.63
C SER C 141 30.01 -50.33 -5.32
N GLY C 144 24.37 -50.82 -6.33
CA GLY C 144 23.56 -51.10 -5.17
C GLY C 144 24.25 -50.90 -3.83
N GLY C 145 25.41 -50.20 -3.77
CA GLY C 145 26.08 -49.86 -2.48
C GLY C 145 25.92 -48.39 -2.07
N THR C 146 26.93 -47.85 -1.38
CA THR C 146 26.98 -46.42 -0.95
C THR C 146 28.23 -45.71 -1.52
N ALA C 147 28.07 -44.46 -1.96
CA ALA C 147 29.17 -43.65 -2.51
C ALA C 147 29.34 -42.30 -1.81
N ALA C 148 30.59 -41.85 -1.71
CA ALA C 148 30.93 -40.57 -1.11
C ALA C 148 31.22 -39.55 -2.21
N LEU C 149 31.06 -38.29 -1.85
CA LEU C 149 30.89 -37.21 -2.79
C LEU C 149 31.03 -35.89 -2.04
N GLY C 150 31.82 -34.95 -2.56
CA GLY C 150 32.05 -33.72 -1.80
C GLY C 150 32.51 -32.50 -2.53
N CYS C 151 32.82 -31.46 -1.76
CA CYS C 151 33.42 -30.22 -2.24
C CYS C 151 34.64 -29.90 -1.42
N LEU C 152 35.70 -29.44 -2.09
CA LEU C 152 36.90 -29.00 -1.42
C LEU C 152 36.94 -27.48 -1.50
N VAL C 153 36.80 -26.82 -0.36
CA VAL C 153 36.73 -25.37 -0.27
C VAL C 153 38.12 -24.92 0.15
N LYS C 154 38.87 -24.38 -0.79
CA LYS C 154 40.31 -24.23 -0.60
C LYS C 154 40.79 -22.78 -0.75
N ASP C 155 41.78 -22.43 0.05
CA ASP C 155 42.51 -21.16 -0.01
C ASP C 155 41.64 -19.92 0.22
N TYR C 156 40.90 -19.92 1.32
CA TYR C 156 40.17 -18.72 1.76
C TYR C 156 40.72 -18.11 3.04
N PHE C 157 40.35 -16.85 3.26
CA PHE C 157 40.74 -16.15 4.46
C PHE C 157 39.86 -14.93 4.67
N PRO C 158 39.46 -14.67 5.93
CA PRO C 158 39.60 -15.42 7.17
C PRO C 158 38.46 -16.40 7.32
N GLU C 159 38.38 -17.07 8.46
CA GLU C 159 37.21 -17.88 8.80
C GLU C 159 36.01 -16.96 9.04
N PRO C 160 34.78 -17.48 8.91
CA PRO C 160 34.32 -18.82 8.55
C PRO C 160 33.78 -18.95 7.12
N VAL C 161 33.58 -20.18 6.67
CA VAL C 161 32.68 -20.46 5.54
C VAL C 161 31.54 -21.34 6.02
N THR C 162 30.37 -21.21 5.40
CA THR C 162 29.26 -22.13 5.59
C THR C 162 29.06 -22.88 4.28
N VAL C 163 28.58 -24.12 4.40
CA VAL C 163 28.34 -24.99 3.25
C VAL C 163 27.03 -25.71 3.44
N SER C 164 26.16 -25.66 2.44
CA SER C 164 24.96 -26.50 2.38
C SER C 164 24.96 -27.29 1.06
N TRP C 165 24.07 -28.28 0.96
CA TRP C 165 23.92 -29.10 -0.25
C TRP C 165 22.51 -29.00 -0.82
N ASN C 166 22.41 -28.85 -2.14
CA ASN C 166 21.14 -28.62 -2.85
C ASN C 166 20.27 -27.59 -2.13
N SER C 167 20.88 -26.44 -1.83
CA SER C 167 20.21 -25.31 -1.17
C SER C 167 19.50 -25.65 0.14
N GLY C 168 20.06 -26.58 0.91
CA GLY C 168 19.48 -27.00 2.18
C GLY C 168 18.52 -28.18 2.11
N ALA C 169 18.14 -28.58 0.89
CA ALA C 169 17.27 -29.76 0.70
C ALA C 169 17.94 -31.09 1.04
N LEU C 170 19.28 -31.16 0.95
CA LEU C 170 20.04 -32.36 1.31
C LEU C 170 20.85 -32.13 2.58
N THR C 171 20.44 -32.77 3.69
CA THR C 171 21.16 -32.68 4.97
C THR C 171 21.60 -34.02 5.57
N SER C 172 20.94 -35.13 5.20
CA SER C 172 21.34 -36.48 5.67
C SER C 172 22.71 -36.87 5.14
N GLY C 173 23.57 -37.36 6.04
CA GLY C 173 24.89 -37.87 5.68
C GLY C 173 25.94 -36.83 5.35
N VAL C 174 25.60 -35.55 5.50
CA VAL C 174 26.54 -34.46 5.25
C VAL C 174 27.52 -34.34 6.43
N HIS C 175 28.80 -34.18 6.13
CA HIS C 175 29.80 -33.84 7.13
C HIS C 175 30.63 -32.68 6.60
N THR C 176 30.42 -31.49 7.17
CA THR C 176 31.28 -30.36 6.89
C THR C 176 32.36 -30.29 7.97
N PHE C 177 33.61 -30.24 7.55
CA PHE C 177 34.76 -30.42 8.44
C PHE C 177 35.29 -29.11 8.99
N PRO C 178 35.84 -29.13 10.21
CA PRO C 178 36.62 -27.97 10.62
C PRO C 178 37.73 -27.68 9.64
N ALA C 179 37.92 -26.41 9.35
CA ALA C 179 38.99 -25.98 8.47
C ALA C 179 40.32 -26.33 9.07
N VAL C 180 41.37 -26.25 8.27
CA VAL C 180 42.74 -26.35 8.76
C VAL C 180 43.48 -25.16 8.22
N LEU C 181 44.45 -24.67 8.99
CA LEU C 181 45.23 -23.52 8.56
C LEU C 181 46.40 -24.10 7.81
N GLN C 182 46.51 -23.76 6.54
CA GLN C 182 47.64 -24.22 5.73
C GLN C 182 48.84 -23.29 5.98
N SER C 183 50.02 -23.76 5.61
CA SER C 183 51.24 -22.99 5.80
C SER C 183 51.26 -21.69 4.99
N SER C 184 50.44 -21.59 3.95
CA SER C 184 50.26 -20.31 3.22
C SER C 184 49.63 -19.19 4.06
N GLY C 185 48.94 -19.53 5.14
CA GLY C 185 48.16 -18.57 5.90
C GLY C 185 46.67 -18.59 5.56
N LEU C 186 46.30 -19.38 4.55
CA LEU C 186 44.94 -19.49 4.07
C LEU C 186 44.35 -20.74 4.64
N TYR C 187 43.02 -20.76 4.78
CA TYR C 187 42.31 -21.90 5.32
C TYR C 187 41.82 -22.78 4.20
N SER C 188 41.45 -24.00 4.57
CA SER C 188 40.98 -25.00 3.62
C SER C 188 40.13 -26.02 4.36
N LEU C 189 39.04 -26.45 3.75
CA LEU C 189 38.15 -27.44 4.34
C LEU C 189 37.42 -28.22 3.25
N SER C 190 36.83 -29.34 3.64
CA SER C 190 36.04 -30.13 2.73
C SER C 190 34.68 -30.41 3.34
N SER C 191 33.64 -30.38 2.53
CA SER C 191 32.31 -30.87 2.93
C SER C 191 32.05 -32.10 2.09
N VAL C 192 31.48 -33.14 2.70
CA VAL C 192 31.24 -34.40 2.01
C VAL C 192 29.86 -34.93 2.37
N VAL C 193 29.33 -35.79 1.51
CA VAL C 193 28.03 -36.43 1.75
C VAL C 193 28.05 -37.89 1.28
N THR C 194 27.38 -38.74 2.05
CA THR C 194 27.23 -40.15 1.68
C THR C 194 25.82 -40.33 1.13
N VAL C 195 25.73 -40.92 -0.07
CA VAL C 195 24.48 -41.14 -0.77
C VAL C 195 24.46 -42.53 -1.43
N PRO C 196 23.26 -43.06 -1.75
CA PRO C 196 23.23 -44.30 -2.52
C PRO C 196 23.88 -44.18 -3.91
N SER C 197 24.58 -45.24 -4.35
CA SER C 197 25.28 -45.26 -5.66
C SER C 197 24.31 -45.09 -6.85
N SER C 198 23.15 -45.74 -6.72
CA SER C 198 22.05 -45.65 -7.67
C SER C 198 21.70 -44.24 -8.09
N SER C 199 21.70 -43.29 -7.15
CA SER C 199 21.34 -41.90 -7.44
C SER C 199 22.36 -41.10 -8.28
N LEU C 200 23.60 -41.58 -8.39
CA LEU C 200 24.67 -40.83 -9.07
C LEU C 200 24.39 -40.46 -10.54
N GLY C 201 23.50 -41.18 -11.21
CA GLY C 201 22.98 -40.82 -12.52
C GLY C 201 21.85 -39.82 -12.41
N THR C 202 20.82 -40.17 -11.66
CA THR C 202 19.58 -39.35 -11.54
C THR C 202 19.78 -38.04 -10.77
N GLN C 203 20.12 -38.13 -9.48
CA GLN C 203 20.10 -36.98 -8.56
C GLN C 203 21.28 -36.00 -8.80
N THR C 204 20.96 -34.71 -8.87
CA THR C 204 21.96 -33.66 -8.99
C THR C 204 22.42 -33.24 -7.61
N TYR C 205 23.74 -33.05 -7.49
CA TYR C 205 24.37 -32.64 -6.24
C TYR C 205 25.17 -31.35 -6.46
N ILE C 206 24.68 -30.27 -5.83
CA ILE C 206 25.32 -28.97 -5.83
C ILE C 206 25.69 -28.61 -4.39
N CYS C 207 26.93 -28.21 -4.15
CA CYS C 207 27.32 -27.66 -2.85
C CYS C 207 27.34 -26.14 -2.93
N ASN C 208 26.74 -25.50 -1.93
CA ASN C 208 26.58 -24.04 -1.88
C ASN C 208 27.49 -23.54 -0.78
N VAL C 209 28.48 -22.73 -1.15
CA VAL C 209 29.57 -22.34 -0.26
C VAL C 209 29.50 -20.83 -0.06
N ASN C 210 29.21 -20.39 1.15
CA ASN C 210 29.17 -18.95 1.47
C ASN C 210 30.42 -18.53 2.26
N HIS C 211 31.03 -17.40 1.88
CA HIS C 211 32.16 -16.80 2.59
C HIS C 211 31.91 -15.31 2.80
N LYS C 212 31.19 -15.02 3.87
CA LYS C 212 30.74 -13.67 4.18
C LYS C 212 31.84 -12.62 4.23
N PRO C 213 33.02 -12.95 4.78
CA PRO C 213 34.07 -11.94 4.84
C PRO C 213 34.57 -11.38 3.50
N SER C 214 34.52 -12.19 2.44
CA SER C 214 34.93 -11.74 1.10
C SER C 214 33.72 -11.36 0.24
N ASN C 215 32.52 -11.65 0.73
CA ASN C 215 31.27 -11.44 0.00
C ASN C 215 31.18 -12.29 -1.26
N THR C 216 31.56 -13.57 -1.16
CA THR C 216 31.53 -14.50 -2.28
C THR C 216 30.67 -15.70 -1.92
N LYS C 217 29.72 -16.06 -2.80
CA LYS C 217 29.05 -17.36 -2.75
C LYS C 217 29.47 -18.12 -4.01
N VAL C 218 29.54 -19.44 -3.90
CA VAL C 218 29.89 -20.29 -5.02
C VAL C 218 29.03 -21.54 -4.94
N ASP C 219 28.25 -21.79 -6.00
CA ASP C 219 27.55 -23.05 -6.15
C ASP C 219 28.41 -23.92 -7.08
N LYS C 220 28.37 -25.24 -6.90
CA LYS C 220 29.21 -26.15 -7.68
C LYS C 220 28.59 -27.52 -7.89
N LYS C 221 28.37 -27.92 -9.15
CA LYS C 221 27.92 -29.28 -9.48
C LYS C 221 29.02 -30.27 -9.14
N VAL C 222 28.62 -31.41 -8.61
CA VAL C 222 29.53 -32.53 -8.43
C VAL C 222 28.86 -33.71 -9.15
N GLU C 223 29.41 -34.08 -10.31
CA GLU C 223 28.99 -35.22 -11.12
C GLU C 223 30.12 -36.22 -11.18
N PRO C 224 29.83 -37.49 -11.51
CA PRO C 224 30.91 -38.49 -11.73
C PRO C 224 31.90 -38.12 -12.85
N LYS C 225 33.03 -38.82 -12.95
CA LYS C 225 34.06 -38.53 -13.99
C LYS C 225 33.65 -39.10 -15.37
N SER C 226 34.33 -38.65 -16.43
CA SER C 226 33.88 -38.90 -17.82
C SER C 226 34.10 -40.34 -18.33
N CYS C 227 33.32 -41.27 -17.78
CA CYS C 227 33.21 -42.65 -18.27
C CYS C 227 32.07 -43.38 -17.57
N ASN D 2 -54.81 -32.16 -83.55
CA ASN D 2 -54.42 -30.80 -84.04
C ASN D 2 -55.36 -29.70 -83.53
N LEU D 3 -56.66 -29.96 -83.57
CA LEU D 3 -57.66 -29.00 -83.06
C LEU D 3 -57.95 -29.22 -81.58
N ASN D 4 -58.07 -30.49 -81.19
CA ASN D 4 -58.25 -30.87 -79.79
C ASN D 4 -56.97 -30.67 -78.96
N ALA D 5 -55.82 -30.69 -79.60
CA ALA D 5 -54.55 -30.33 -78.97
C ALA D 5 -54.48 -28.83 -78.68
N ALA D 6 -54.92 -28.02 -79.64
CA ALA D 6 -54.97 -26.56 -79.49
C ALA D 6 -55.91 -26.12 -78.37
N ARG D 7 -57.06 -26.78 -78.26
CA ARG D 7 -57.97 -26.61 -77.13
C ARG D 7 -57.23 -26.80 -75.80
N GLU D 8 -56.49 -27.88 -75.67
CA GLU D 8 -55.83 -28.24 -74.40
C GLU D 8 -54.65 -27.34 -74.02
N LEU D 9 -53.98 -26.73 -75.01
CA LEU D 9 -52.98 -25.70 -74.71
C LEU D 9 -53.66 -24.45 -74.14
N PHE D 10 -54.78 -24.03 -74.74
CA PHE D 10 -55.53 -22.89 -74.21
C PHE D 10 -56.14 -23.16 -72.83
N LEU D 11 -56.46 -24.41 -72.49
CA LEU D 11 -56.89 -24.75 -71.12
C LEU D 11 -55.71 -24.67 -70.16
N ASP D 12 -54.52 -25.08 -70.58
CA ASP D 12 -53.31 -24.97 -69.75
C ASP D 12 -52.89 -23.52 -69.51
N GLU D 13 -53.01 -22.66 -70.53
CA GLU D 13 -52.78 -21.22 -70.37
C GLU D 13 -53.80 -20.63 -69.37
N LEU D 14 -55.05 -21.01 -69.53
CA LEU D 14 -56.15 -20.51 -68.70
C LEU D 14 -56.05 -21.01 -67.26
N LYS D 15 -55.47 -22.19 -67.06
CA LYS D 15 -55.25 -22.74 -65.73
C LYS D 15 -54.20 -21.90 -64.99
N ALA D 16 -53.10 -21.60 -65.70
CA ALA D 16 -51.99 -20.83 -65.17
C ALA D 16 -52.37 -19.39 -64.80
N LEU D 17 -53.07 -18.71 -65.70
CA LEU D 17 -53.58 -17.37 -65.41
C LEU D 17 -54.54 -17.36 -64.24
N THR D 18 -55.43 -18.33 -64.19
CA THR D 18 -56.40 -18.43 -63.09
C THR D 18 -55.69 -18.62 -61.75
N ALA D 19 -54.55 -19.32 -61.75
CA ALA D 19 -53.78 -19.50 -60.52
C ALA D 19 -53.13 -18.18 -60.08
N GLU D 20 -52.49 -17.49 -61.03
CA GLU D 20 -51.89 -16.21 -60.76
C GLU D 20 -52.91 -15.23 -60.16
N LEU D 21 -54.05 -15.09 -60.83
CA LEU D 21 -55.15 -14.28 -60.31
C LEU D 21 -55.58 -14.71 -58.92
N LYS D 22 -55.55 -16.01 -58.63
CA LYS D 22 -55.92 -16.52 -57.31
C LYS D 22 -54.98 -15.97 -56.24
N VAL D 23 -53.68 -15.95 -56.52
CA VAL D 23 -52.70 -15.42 -55.57
C VAL D 23 -52.95 -13.93 -55.34
N TYR D 24 -53.12 -13.17 -56.43
CA TYR D 24 -53.50 -11.76 -56.33
C TYR D 24 -54.77 -11.54 -55.50
N SER D 25 -55.73 -12.45 -55.60
CA SER D 25 -56.94 -12.40 -54.78
C SER D 25 -56.67 -12.56 -53.31
N VAL D 26 -55.76 -13.47 -52.98
CA VAL D 26 -55.35 -13.71 -51.59
C VAL D 26 -54.68 -12.45 -51.04
N ILE D 27 -53.76 -11.88 -51.81
CA ILE D 27 -53.07 -10.66 -51.41
C ILE D 27 -54.08 -9.55 -51.22
N GLN D 28 -54.90 -9.34 -52.23
CA GLN D 28 -55.91 -8.30 -52.21
C GLN D 28 -56.90 -8.45 -51.05
N SER D 29 -57.16 -9.66 -50.57
CA SER D 29 -58.09 -9.83 -49.45
C SER D 29 -57.42 -9.52 -48.11
N GLN D 30 -56.10 -9.74 -48.00
CA GLN D 30 -55.32 -9.25 -46.83
C GLN D 30 -55.34 -7.73 -46.79
N ILE D 31 -55.16 -7.11 -47.96
CA ILE D 31 -55.17 -5.67 -48.07
C ILE D 31 -56.53 -5.10 -47.67
N ASN D 32 -57.63 -5.74 -48.10
CA ASN D 32 -58.97 -5.26 -47.72
C ASN D 32 -59.25 -5.52 -46.23
N ALA D 33 -58.70 -6.59 -45.69
CA ALA D 33 -58.86 -6.88 -44.25
C ALA D 33 -58.23 -5.76 -43.43
N ALA D 34 -57.06 -5.30 -43.88
CA ALA D 34 -56.37 -4.16 -43.29
C ALA D 34 -57.20 -2.88 -43.41
N LEU D 35 -57.61 -2.53 -44.62
CA LEU D 35 -58.46 -1.35 -44.84
C LEU D 35 -59.69 -1.36 -43.95
N SER D 36 -60.35 -2.50 -43.85
CA SER D 36 -61.55 -2.65 -43.00
C SER D 36 -61.30 -2.35 -41.51
N ALA D 37 -60.19 -2.84 -40.96
CA ALA D 37 -59.85 -2.61 -39.56
C ALA D 37 -59.01 -1.36 -39.32
N ARG D 38 -58.98 -0.44 -40.29
CA ARG D 38 -58.16 0.77 -40.26
C ARG D 38 -56.77 0.40 -39.71
N GLN D 39 -56.13 -0.52 -40.42
CA GLN D 39 -54.92 -1.21 -39.99
C GLN D 39 -53.86 -1.16 -41.10
N GLY D 40 -52.62 -1.43 -40.71
CA GLY D 40 -51.48 -1.44 -41.63
C GLY D 40 -51.24 -2.86 -42.11
N ILE D 41 -50.30 -3.03 -43.03
CA ILE D 41 -49.97 -4.36 -43.52
C ILE D 41 -48.48 -4.49 -43.80
N ARG D 42 -47.87 -5.52 -43.21
CA ARG D 42 -46.52 -5.92 -43.58
C ARG D 42 -46.57 -6.88 -44.75
N ILE D 43 -45.65 -6.70 -45.70
CA ILE D 43 -45.57 -7.58 -46.86
C ILE D 43 -44.22 -8.31 -46.98
N ASP D 44 -43.40 -8.23 -45.94
CA ASP D 44 -42.10 -8.92 -45.89
C ASP D 44 -42.27 -10.20 -45.08
N ALA D 45 -41.19 -10.73 -44.49
CA ALA D 45 -41.28 -11.97 -43.70
C ALA D 45 -42.19 -11.86 -42.46
N GLY D 46 -42.43 -10.63 -41.99
CA GLY D 46 -43.37 -10.37 -40.91
C GLY D 46 -44.83 -10.43 -41.32
N GLY D 47 -45.11 -10.31 -42.62
CA GLY D 47 -46.47 -10.51 -43.17
C GLY D 47 -46.80 -11.97 -43.40
N ILE D 48 -47.91 -12.24 -44.08
CA ILE D 48 -48.31 -13.63 -44.32
C ILE D 48 -47.36 -14.38 -45.27
N ASP D 49 -47.41 -15.72 -45.15
CA ASP D 49 -46.75 -16.65 -46.04
C ASP D 49 -47.75 -17.10 -47.11
N LEU D 50 -47.43 -16.81 -48.38
CA LEU D 50 -48.31 -17.18 -49.50
C LEU D 50 -48.22 -18.66 -49.92
N VAL D 51 -47.17 -19.36 -49.48
CA VAL D 51 -47.03 -20.80 -49.68
C VAL D 51 -47.71 -21.49 -48.52
N ASP D 52 -49.04 -21.46 -48.52
CA ASP D 52 -49.84 -22.02 -47.45
C ASP D 52 -51.12 -22.58 -48.08
N PRO D 53 -51.26 -23.91 -48.10
CA PRO D 53 -52.42 -24.60 -48.71
C PRO D 53 -53.77 -23.97 -48.37
N THR D 54 -53.97 -23.64 -47.10
CA THR D 54 -55.24 -23.10 -46.57
C THR D 54 -55.76 -21.87 -47.31
N LEU D 55 -54.85 -21.09 -47.88
CA LEU D 55 -55.22 -19.88 -48.61
C LEU D 55 -55.96 -20.17 -49.91
N TYR D 56 -55.70 -21.34 -50.49
CA TYR D 56 -56.22 -21.73 -51.82
C TYR D 56 -57.20 -22.91 -51.81
N GLY D 57 -57.78 -23.23 -50.65
CA GLY D 57 -58.82 -24.28 -50.53
C GLY D 57 -58.36 -25.67 -50.07
N TYR D 58 -57.05 -25.91 -50.02
CA TYR D 58 -56.48 -27.22 -49.69
C TYR D 58 -56.25 -27.30 -48.19
N ALA D 59 -56.55 -28.46 -47.58
CA ALA D 59 -56.27 -28.70 -46.17
C ALA D 59 -54.77 -28.97 -46.00
N VAL D 60 -54.29 -28.91 -44.75
CA VAL D 60 -52.86 -28.79 -44.44
C VAL D 60 -51.95 -29.90 -45.05
N GLY D 61 -52.35 -31.15 -44.90
CA GLY D 61 -51.55 -32.30 -45.36
C GLY D 61 -51.94 -32.89 -46.71
N ASP D 62 -52.91 -32.27 -47.39
CA ASP D 62 -53.43 -32.74 -48.69
C ASP D 62 -52.30 -32.90 -49.73
N PRO D 63 -52.08 -34.14 -50.24
CA PRO D 63 -50.93 -34.35 -51.12
C PRO D 63 -51.05 -33.70 -52.50
N ARG D 64 -52.28 -33.38 -52.92
CA ARG D 64 -52.53 -32.74 -54.23
C ARG D 64 -52.30 -31.20 -54.22
N TRP D 65 -51.98 -30.63 -53.05
CA TRP D 65 -51.44 -29.27 -52.95
C TRP D 65 -50.20 -29.10 -53.83
N LYS D 66 -49.27 -30.05 -53.74
CA LYS D 66 -47.99 -29.96 -54.46
C LYS D 66 -48.17 -30.05 -56.00
N ASP D 67 -49.25 -30.69 -56.44
CA ASP D 67 -49.60 -30.80 -57.86
C ASP D 67 -50.45 -29.62 -58.36
N SER D 68 -50.76 -28.66 -57.49
CA SER D 68 -51.68 -27.57 -57.85
C SER D 68 -50.99 -26.56 -58.77
N PRO D 69 -51.79 -25.85 -59.61
CA PRO D 69 -51.21 -24.79 -60.45
C PRO D 69 -50.73 -23.58 -59.61
N GLU D 70 -51.33 -23.38 -58.43
CA GLU D 70 -50.90 -22.35 -57.49
C GLU D 70 -49.48 -22.64 -56.98
N TYR D 71 -49.26 -23.81 -56.41
CA TYR D 71 -47.90 -24.22 -55.98
C TYR D 71 -46.90 -24.21 -57.15
N ALA D 72 -47.37 -24.57 -58.35
CA ALA D 72 -46.51 -24.57 -59.54
C ALA D 72 -45.92 -23.17 -59.78
N LEU D 73 -46.80 -22.18 -59.76
CA LEU D 73 -46.41 -20.78 -59.93
C LEU D 73 -45.45 -20.31 -58.85
N LEU D 74 -45.86 -20.48 -57.59
CA LEU D 74 -45.13 -19.92 -56.44
C LEU D 74 -43.75 -20.54 -56.28
N SER D 75 -43.69 -21.87 -56.33
CA SER D 75 -42.42 -22.59 -56.12
C SER D 75 -41.40 -22.44 -57.27
N ASN D 76 -41.82 -21.94 -58.43
CA ASN D 76 -40.90 -21.63 -59.56
C ASN D 76 -40.27 -20.24 -59.58
N LEU D 77 -40.64 -19.38 -58.62
CA LEU D 77 -40.15 -17.98 -58.60
C LEU D 77 -38.73 -17.88 -58.03
N ASP D 78 -37.93 -16.97 -58.59
CA ASP D 78 -36.59 -16.65 -58.03
C ASP D 78 -36.55 -16.35 -56.53
N THR D 79 -37.62 -15.76 -56.00
CA THR D 79 -37.71 -15.36 -54.60
C THR D 79 -38.20 -16.46 -53.65
N PHE D 80 -38.63 -17.60 -54.20
CA PHE D 80 -39.14 -18.73 -53.41
C PHE D 80 -38.03 -19.34 -52.58
N SER D 81 -38.34 -19.68 -51.34
CA SER D 81 -37.36 -20.28 -50.44
C SER D 81 -38.00 -21.23 -49.45
N GLY D 82 -39.06 -21.92 -49.87
CA GLY D 82 -39.90 -22.72 -48.97
C GLY D 82 -41.07 -21.92 -48.45
N LYS D 83 -40.79 -20.69 -48.02
CA LYS D 83 -41.81 -19.68 -47.71
C LYS D 83 -41.83 -18.65 -48.83
N LEU D 84 -42.79 -17.75 -48.79
CA LEU D 84 -42.89 -16.68 -49.79
C LEU D 84 -43.74 -15.53 -49.26
N SER D 85 -43.12 -14.39 -49.04
CA SER D 85 -43.84 -13.19 -48.59
C SER D 85 -44.61 -12.56 -49.74
N ILE D 86 -45.50 -11.64 -49.41
CA ILE D 86 -46.25 -10.90 -50.41
C ILE D 86 -45.29 -10.11 -51.32
N LYS D 87 -44.24 -9.54 -50.73
CA LYS D 87 -43.24 -8.78 -51.49
C LYS D 87 -42.39 -9.70 -52.36
N ASP D 88 -42.02 -10.86 -51.82
CA ASP D 88 -41.33 -11.89 -52.61
C ASP D 88 -42.12 -12.29 -53.87
N PHE D 89 -43.42 -12.50 -53.71
CA PHE D 89 -44.27 -12.85 -54.85
C PHE D 89 -44.38 -11.72 -55.87
N LEU D 90 -44.71 -10.53 -55.39
CA LEU D 90 -44.92 -9.38 -56.25
C LEU D 90 -43.65 -8.96 -56.97
N SER D 91 -42.50 -9.12 -56.33
CA SER D 91 -41.19 -8.80 -56.94
C SER D 91 -40.60 -10.00 -57.70
N GLY D 92 -41.05 -11.21 -57.36
CA GLY D 92 -40.51 -12.43 -57.97
C GLY D 92 -40.90 -12.65 -59.44
N SER D 93 -39.99 -13.33 -60.15
CA SER D 93 -40.18 -13.73 -61.53
C SER D 93 -39.82 -15.23 -61.64
N PRO D 94 -40.42 -15.98 -62.60
CA PRO D 94 -41.30 -15.58 -63.70
C PRO D 94 -42.80 -15.67 -63.39
N LYS D 95 -43.55 -14.67 -63.84
CA LYS D 95 -45.01 -14.71 -63.82
C LYS D 95 -45.54 -13.70 -64.82
N GLN D 96 -46.77 -13.91 -65.28
CA GLN D 96 -47.28 -13.16 -66.43
C GLN D 96 -47.66 -11.69 -66.18
N SER D 97 -47.68 -11.26 -64.91
CA SER D 97 -47.89 -9.85 -64.55
C SER D 97 -46.58 -9.07 -64.37
N GLY D 98 -45.44 -9.71 -64.68
CA GLY D 98 -44.15 -9.07 -64.56
C GLY D 98 -43.70 -9.00 -63.12
N GLU D 99 -43.07 -7.89 -62.76
CA GLU D 99 -42.46 -7.68 -61.44
C GLU D 99 -42.88 -6.31 -60.90
N LEU D 100 -42.87 -6.18 -59.57
CA LEU D 100 -43.00 -4.88 -58.90
C LEU D 100 -41.74 -4.68 -58.05
N LYS D 101 -40.91 -3.72 -58.46
CA LYS D 101 -39.70 -3.38 -57.74
C LYS D 101 -39.98 -2.20 -56.80
N GLY D 102 -39.11 -2.08 -55.79
CA GLY D 102 -39.11 -0.94 -54.87
C GLY D 102 -40.39 -0.76 -54.06
N LEU D 103 -40.94 -1.86 -53.55
CA LEU D 103 -42.05 -1.80 -52.61
C LEU D 103 -41.43 -1.78 -51.24
N SER D 104 -42.01 -1.03 -50.32
CA SER D 104 -41.51 -1.01 -48.93
C SER D 104 -41.97 -2.27 -48.20
N ASP D 105 -41.27 -2.62 -47.12
CA ASP D 105 -41.59 -3.82 -46.33
C ASP D 105 -42.92 -3.72 -45.57
N GLU D 106 -43.43 -2.52 -45.37
CA GLU D 106 -44.75 -2.32 -44.77
C GLU D 106 -45.46 -1.09 -45.35
N TYR D 107 -46.77 -1.09 -45.21
CA TYR D 107 -47.61 0.04 -45.57
C TYR D 107 -48.50 0.27 -44.36
N PRO D 108 -48.22 1.32 -43.56
CA PRO D 108 -48.91 1.52 -42.29
C PRO D 108 -50.16 2.35 -42.45
N PHE D 109 -51.12 2.17 -41.55
CA PHE D 109 -52.32 3.02 -41.59
C PHE D 109 -51.95 4.45 -41.28
N GLU D 110 -52.32 5.35 -42.19
CA GLU D 110 -52.34 6.80 -41.95
C GLU D 110 -53.75 7.34 -42.23
N LYS D 111 -54.01 8.55 -41.77
CA LYS D 111 -55.35 9.11 -41.79
C LYS D 111 -55.68 9.90 -43.06
N ASP D 112 -54.67 10.31 -43.80
CA ASP D 112 -54.87 11.09 -45.03
C ASP D 112 -53.94 10.46 -46.03
N ASN D 113 -54.47 10.10 -47.20
CA ASN D 113 -53.68 9.41 -48.23
C ASN D 113 -53.08 8.13 -47.65
N ASN D 114 -53.94 7.33 -47.00
CA ASN D 114 -53.56 6.05 -46.40
C ASN D 114 -52.66 5.24 -47.35
N PRO D 115 -51.41 4.92 -46.93
CA PRO D 115 -50.53 4.08 -47.75
C PRO D 115 -51.07 2.68 -48.06
N VAL D 116 -51.93 2.13 -47.20
CA VAL D 116 -52.59 0.85 -47.47
C VAL D 116 -53.46 0.99 -48.72
N GLY D 117 -54.25 2.06 -48.77
CA GLY D 117 -55.05 2.40 -49.95
C GLY D 117 -54.28 2.53 -51.24
N ASN D 118 -53.10 3.15 -51.19
CA ASN D 118 -52.25 3.32 -52.39
C ASN D 118 -51.64 2.00 -52.83
N PHE D 119 -51.32 1.13 -51.88
CA PHE D 119 -50.84 -0.23 -52.16
C PHE D 119 -51.95 -1.07 -52.78
N ALA D 120 -53.16 -0.96 -52.22
CA ALA D 120 -54.35 -1.63 -52.77
C ALA D 120 -54.56 -1.29 -54.25
N THR D 121 -54.39 -0.02 -54.58
CA THR D 121 -54.46 0.43 -55.97
C THR D 121 -53.32 -0.13 -56.81
N THR D 122 -52.09 -0.10 -56.31
CA THR D 122 -50.95 -0.66 -57.05
C THR D 122 -51.11 -2.16 -57.36
N VAL D 123 -51.62 -2.92 -56.39
CA VAL D 123 -51.85 -4.35 -56.55
C VAL D 123 -53.05 -4.62 -57.47
N SER D 124 -54.14 -3.88 -57.27
CA SER D 124 -55.33 -3.96 -58.13
C SER D 124 -55.08 -3.71 -59.64
N ASP D 125 -54.08 -2.87 -59.97
CA ASP D 125 -53.68 -2.61 -61.36
C ASP D 125 -52.75 -3.67 -61.97
N ARG D 126 -52.66 -4.84 -61.33
CA ARG D 126 -52.09 -6.04 -61.95
C ARG D 126 -53.19 -7.09 -62.20
N SER D 127 -54.26 -7.07 -61.39
CA SER D 127 -55.59 -7.57 -61.75
C SER D 127 -56.40 -6.43 -62.39
N ALA E 1 1.73 6.03 1.43
CA ALA E 1 1.10 7.24 0.83
C ALA E 1 1.69 8.52 1.43
N ILE E 2 1.36 8.84 2.69
CA ILE E 2 1.50 10.22 3.18
C ILE E 2 2.95 10.71 3.10
N GLN E 3 3.15 11.84 2.43
CA GLN E 3 4.47 12.41 2.16
C GLN E 3 4.68 13.62 3.02
N MET E 4 5.81 13.64 3.72
CA MET E 4 6.18 14.78 4.55
C MET E 4 7.28 15.56 3.86
N THR E 5 7.12 16.88 3.80
CA THR E 5 8.09 17.74 3.15
C THR E 5 8.54 18.78 4.15
N GLN E 6 9.75 18.65 4.66
CA GLN E 6 10.37 19.66 5.50
C GLN E 6 10.92 20.78 4.65
N SER E 7 11.16 21.93 5.30
CA SER E 7 11.91 23.02 4.70
C SER E 7 12.31 24.03 5.76
N PRO E 8 13.49 24.68 5.59
CA PRO E 8 14.41 24.51 4.47
C PRO E 8 15.20 23.19 4.61
N SER E 9 15.74 22.68 3.51
CA SER E 9 16.60 21.47 3.56
C SER E 9 17.80 21.68 4.44
N SER E 10 18.32 22.89 4.47
CA SER E 10 19.34 23.30 5.44
C SER E 10 19.27 24.78 5.73
N LEU E 11 20.04 25.22 6.71
CA LEU E 11 19.80 26.50 7.35
C LEU E 11 20.98 26.85 8.22
N SER E 12 21.39 28.11 8.21
CA SER E 12 22.56 28.54 8.98
C SER E 12 22.13 29.51 10.06
N ALA E 13 22.74 29.43 11.24
CA ALA E 13 22.39 30.34 12.34
C ALA E 13 23.46 30.35 13.41
N SER E 14 23.41 31.34 14.29
CA SER E 14 24.40 31.50 15.35
C SER E 14 23.82 31.17 16.72
N VAL E 15 24.72 30.88 17.67
CA VAL E 15 24.35 30.68 19.06
C VAL E 15 23.52 31.88 19.48
N GLY E 16 22.31 31.63 20.01
CA GLY E 16 21.41 32.69 20.46
C GLY E 16 20.26 33.00 19.51
N ASP E 17 20.40 32.70 18.23
CA ASP E 17 19.34 32.97 17.23
C ASP E 17 18.07 32.16 17.49
N ARG E 18 17.01 32.57 16.80
CA ARG E 18 15.71 31.93 16.87
C ARG E 18 15.53 31.16 15.57
N VAL E 19 15.51 29.83 15.67
CA VAL E 19 15.43 28.93 14.51
C VAL E 19 14.03 28.32 14.36
N THR E 20 13.61 28.08 13.13
CA THR E 20 12.23 27.65 12.84
C THR E 20 12.21 26.76 11.61
N ILE E 21 11.89 25.49 11.82
CA ILE E 21 11.84 24.47 10.78
C ILE E 21 10.38 24.14 10.57
N THR E 22 10.01 23.84 9.32
CA THR E 22 8.63 23.61 8.92
C THR E 22 8.51 22.22 8.34
N CYS E 23 7.39 21.57 8.62
CA CYS E 23 7.09 20.25 8.10
C CYS E 23 5.64 20.26 7.60
N ARG E 24 5.43 19.85 6.35
CA ARG E 24 4.12 19.89 5.69
C ARG E 24 3.72 18.51 5.22
N ALA E 25 2.51 18.10 5.55
CA ALA E 25 1.98 16.80 5.16
C ALA E 25 1.10 16.94 3.92
N SER E 26 1.10 15.92 3.07
CA SER E 26 0.24 15.91 1.89
C SER E 26 -1.24 15.62 2.19
N GLN E 27 -1.56 15.39 3.46
CA GLN E 27 -2.89 14.99 3.91
C GLN E 27 -2.98 15.32 5.40
N GLY E 28 -4.18 15.39 5.96
CA GLY E 28 -4.36 15.69 7.37
C GLY E 28 -3.80 14.58 8.23
N ILE E 29 -3.03 14.97 9.26
CA ILE E 29 -2.48 14.01 10.23
C ILE E 29 -2.74 14.43 11.68
N ARG E 30 -3.75 15.26 11.90
CA ARG E 30 -4.18 15.63 13.25
C ARG E 30 -3.02 16.29 14.03
N ASN E 31 -2.66 15.77 15.21
CA ASN E 31 -1.46 16.20 15.92
C ASN E 31 -0.45 15.07 15.99
N ASP E 32 -0.58 14.09 15.10
CA ASP E 32 0.19 12.86 15.21
C ASP E 32 1.51 13.02 14.43
N LEU E 33 2.36 13.88 14.99
CA LEU E 33 3.60 14.27 14.37
C LEU E 33 4.66 14.46 15.43
N GLY E 34 5.79 13.78 15.25
CA GLY E 34 6.96 13.94 16.15
C GLY E 34 8.16 14.61 15.48
N TRP E 35 9.07 15.13 16.30
CA TRP E 35 10.33 15.70 15.86
C TRP E 35 11.49 14.95 16.51
N TYR E 36 12.45 14.55 15.67
CA TYR E 36 13.66 13.85 16.10
C TYR E 36 14.91 14.68 15.73
N GLN E 37 15.94 14.60 16.57
CA GLN E 37 17.25 15.22 16.37
C GLN E 37 18.24 14.09 16.08
N GLN E 38 19.12 14.26 15.08
CA GLN E 38 20.24 13.35 14.85
C GLN E 38 21.52 14.13 14.65
N LYS E 39 22.61 13.62 15.22
CA LYS E 39 23.97 14.11 14.94
C LYS E 39 24.77 13.03 14.20
N PRO E 40 25.86 13.42 13.50
CA PRO E 40 26.56 12.41 12.67
C PRO E 40 27.12 11.25 13.49
N GLY E 41 26.92 10.03 12.99
CA GLY E 41 27.35 8.80 13.65
C GLY E 41 26.70 8.54 15.00
N LYS E 42 25.46 8.99 15.16
CA LYS E 42 24.71 8.78 16.40
C LYS E 42 23.26 8.48 16.09
N ALA E 43 22.60 7.85 17.05
CA ALA E 43 21.23 7.43 16.87
C ALA E 43 20.31 8.64 17.01
N PRO E 44 19.14 8.63 16.34
CA PRO E 44 18.19 9.71 16.55
C PRO E 44 17.62 9.74 17.97
N LYS E 45 17.15 10.91 18.35
CA LYS E 45 16.65 11.20 19.68
C LYS E 45 15.30 11.89 19.52
N LEU E 46 14.28 11.40 20.21
CA LEU E 46 12.97 12.04 20.16
C LEU E 46 12.99 13.30 21.02
N LEU E 47 12.52 14.40 20.44
CA LEU E 47 12.47 15.70 21.08
C LEU E 47 11.05 16.14 21.40
N ILE E 48 10.17 16.04 20.41
CA ILE E 48 8.79 16.47 20.54
C ILE E 48 7.85 15.46 19.91
N TYR E 49 6.75 15.17 20.59
CA TYR E 49 5.68 14.30 20.06
C TYR E 49 4.30 14.93 20.23
N SER E 50 3.35 14.36 19.51
CA SER E 50 1.96 14.84 19.52
C SER E 50 1.93 16.31 19.15
N ALA E 51 2.74 16.66 18.15
CA ALA E 51 2.89 18.02 17.60
C ALA E 51 3.59 19.03 18.51
N SER E 52 3.27 19.03 19.81
CA SER E 52 3.75 20.07 20.73
C SER E 52 4.17 19.61 22.13
N THR E 53 4.23 18.32 22.42
CA THR E 53 4.60 17.90 23.77
C THR E 53 6.08 17.63 23.81
N LEU E 54 6.73 18.16 24.83
CA LEU E 54 8.16 18.03 24.98
C LEU E 54 8.49 16.68 25.59
N GLN E 55 9.39 15.90 24.98
CA GLN E 55 9.93 14.68 25.61
C GLN E 55 10.65 15.10 26.86
N SER E 56 10.56 14.33 27.94
CA SER E 56 11.09 14.84 29.21
C SER E 56 12.62 14.80 29.13
N GLY E 57 13.28 15.79 29.74
CA GLY E 57 14.73 15.94 29.62
C GLY E 57 15.15 16.90 28.52
N VAL E 58 14.31 17.06 27.49
CA VAL E 58 14.56 18.05 26.44
C VAL E 58 14.34 19.45 27.01
N PRO E 59 15.31 20.36 26.83
CA PRO E 59 15.17 21.70 27.45
C PRO E 59 14.10 22.59 26.82
N SER E 60 13.59 23.55 27.59
CA SER E 60 12.38 24.31 27.22
C SER E 60 12.53 25.24 26.00
N ARG E 61 13.76 25.54 25.58
CA ARG E 61 13.97 26.31 24.33
C ARG E 61 13.38 25.63 23.07
N PHE E 62 13.30 24.29 23.09
CA PHE E 62 12.59 23.57 22.03
C PHE E 62 11.08 23.65 22.25
N SER E 63 10.34 23.78 21.17
CA SER E 63 8.88 23.88 21.23
C SER E 63 8.30 23.48 19.88
N GLY E 64 7.10 22.92 19.93
CA GLY E 64 6.44 22.37 18.78
C GLY E 64 5.09 23.00 18.62
N SER E 65 4.56 22.95 17.40
CA SER E 65 3.35 23.67 17.07
C SER E 65 2.77 23.14 15.77
N GLY E 66 1.46 23.31 15.60
CA GLY E 66 0.75 22.99 14.36
C GLY E 66 -0.37 21.96 14.53
N SER E 67 -1.23 21.88 13.51
CA SER E 67 -2.26 20.83 13.40
C SER E 67 -2.63 20.62 11.95
N GLY E 68 -3.13 19.44 11.64
CA GLY E 68 -3.65 19.13 10.31
C GLY E 68 -2.53 18.75 9.38
N THR E 69 -2.02 19.75 8.65
CA THR E 69 -0.95 19.53 7.65
C THR E 69 0.32 20.37 7.83
N ASP E 70 0.25 21.50 8.55
CA ASP E 70 1.40 22.40 8.67
C ASP E 70 1.91 22.40 10.11
N PHE E 71 3.20 22.07 10.31
CA PHE E 71 3.81 22.00 11.65
C PHE E 71 5.15 22.72 11.73
N THR E 72 5.59 22.97 12.96
CA THR E 72 6.70 23.87 13.24
C THR E 72 7.49 23.46 14.49
N LEU E 73 8.76 23.11 14.29
CA LEU E 73 9.73 23.01 15.40
C LEU E 73 10.38 24.38 15.52
N THR E 74 10.67 24.79 16.76
CA THR E 74 11.23 26.10 17.04
C THR E 74 12.20 26.03 18.19
N ILE E 75 13.42 26.48 17.95
CA ILE E 75 14.43 26.61 19.00
C ILE E 75 14.52 28.10 19.28
N SER E 76 14.19 28.50 20.50
CA SER E 76 14.02 29.93 20.82
C SER E 76 15.38 30.64 20.89
N SER E 77 16.35 30.00 21.54
CA SER E 77 17.70 30.54 21.66
C SER E 77 18.73 29.43 21.44
N LEU E 78 19.11 29.26 20.17
CA LEU E 78 19.99 28.16 19.73
C LEU E 78 21.27 28.03 20.54
N GLN E 79 21.70 26.80 20.78
CA GLN E 79 22.86 26.55 21.63
C GLN E 79 23.85 25.68 20.88
N PRO E 80 25.11 25.60 21.36
CA PRO E 80 26.12 24.75 20.67
C PRO E 80 25.65 23.30 20.43
N GLU E 81 24.96 22.72 21.40
CA GLU E 81 24.50 21.32 21.32
C GLU E 81 23.40 21.09 20.28
N ASP E 82 22.75 22.15 19.82
CA ASP E 82 21.60 22.02 18.91
C ASP E 82 21.96 21.97 17.43
N PHE E 83 23.24 22.07 17.09
CA PHE E 83 23.63 22.00 15.67
C PHE E 83 23.60 20.54 15.28
N ALA E 84 22.67 20.23 14.37
CA ALA E 84 22.30 18.86 14.07
C ALA E 84 21.30 18.83 12.93
N THR E 85 20.88 17.64 12.53
CA THR E 85 19.80 17.45 11.57
C THR E 85 18.50 17.09 12.32
N TYR E 86 17.36 17.63 11.87
CA TYR E 86 16.06 17.43 12.52
C TYR E 86 15.08 16.83 11.53
N TYR E 87 14.41 15.76 11.95
CA TYR E 87 13.40 15.06 11.11
C TYR E 87 12.03 15.06 11.76
N CYS E 88 11.00 15.23 10.94
CA CYS E 88 9.62 15.10 11.40
C CYS E 88 9.12 13.73 11.00
N LEU E 89 8.17 13.21 11.79
CA LEU E 89 7.56 11.91 11.55
C LEU E 89 6.04 11.97 11.74
N GLN E 90 5.29 11.53 10.73
CA GLN E 90 3.85 11.31 10.88
C GLN E 90 3.61 9.85 11.22
N ASP E 91 2.78 9.60 12.24
CA ASP E 91 2.29 8.23 12.53
C ASP E 91 0.76 8.09 12.54
N TYR E 92 0.08 9.02 11.87
CA TYR E 92 -1.36 8.94 11.70
C TYR E 92 -1.77 7.76 10.80
N ASN E 93 -1.11 7.58 9.66
CA ASN E 93 -1.34 6.41 8.80
C ASN E 93 -0.10 5.52 8.71
N TYR E 94 -0.33 4.23 8.52
CA TYR E 94 0.72 3.30 8.12
C TYR E 94 0.77 3.31 6.58
N PRO E 95 1.96 3.35 5.97
CA PRO E 95 3.31 3.44 6.53
C PRO E 95 3.53 4.78 7.19
N TRP E 96 4.21 4.75 8.34
CA TRP E 96 4.69 5.99 8.95
C TRP E 96 5.78 6.53 8.03
N THR E 97 5.91 7.85 7.94
CA THR E 97 6.85 8.46 7.01
C THR E 97 7.56 9.65 7.61
N PHE E 98 8.85 9.76 7.31
CA PHE E 98 9.69 10.84 7.82
C PHE E 98 9.78 11.96 6.81
N GLY E 99 10.02 13.17 7.29
CA GLY E 99 10.48 14.25 6.42
C GLY E 99 11.92 14.00 5.99
N GLN E 100 12.34 14.67 4.93
CA GLN E 100 13.65 14.42 4.32
C GLN E 100 14.81 15.01 5.12
N GLY E 101 14.51 15.82 6.12
CA GLY E 101 15.51 16.27 7.09
C GLY E 101 15.84 17.73 6.87
N THR E 102 16.34 18.36 7.91
CA THR E 102 16.74 19.76 7.89
C THR E 102 18.01 19.94 8.72
N LYS E 103 19.13 20.21 8.04
CA LYS E 103 20.42 20.38 8.72
C LYS E 103 20.51 21.81 9.28
N VAL E 104 20.97 21.94 10.52
CA VAL E 104 21.17 23.25 11.13
C VAL E 104 22.68 23.41 11.34
N GLU E 105 23.29 24.18 10.44
CA GLU E 105 24.73 24.40 10.41
C GLU E 105 25.09 25.69 11.16
N ILE E 106 26.30 25.72 11.71
CA ILE E 106 26.84 26.92 12.39
C ILE E 106 27.22 27.99 11.38
N LYS E 107 26.80 29.23 11.64
CA LYS E 107 27.04 30.37 10.75
C LYS E 107 28.29 31.14 11.17
N ARG E 108 29.02 31.61 10.16
CA ARG E 108 30.24 32.40 10.36
C ARG E 108 30.51 33.34 9.18
N THR E 109 31.58 34.14 9.29
CA THR E 109 32.05 35.03 8.21
C THR E 109 32.39 34.22 6.95
N VAL E 110 32.26 34.84 5.78
CA VAL E 110 32.66 34.23 4.51
C VAL E 110 34.18 34.00 4.51
N ALA E 111 34.59 32.89 3.91
CA ALA E 111 36.00 32.55 3.81
C ALA E 111 36.23 31.86 2.48
N ALA E 112 37.28 32.29 1.78
CA ALA E 112 37.54 31.77 0.46
C ALA E 112 38.31 30.45 0.61
N PRO E 113 38.06 29.51 -0.32
CA PRO E 113 38.85 28.31 -0.32
C PRO E 113 40.23 28.60 -0.90
N SER E 114 41.28 28.14 -0.24
CA SER E 114 42.55 27.95 -0.94
C SER E 114 42.33 26.73 -1.83
N VAL E 115 42.63 26.87 -3.13
CA VAL E 115 42.43 25.82 -4.13
C VAL E 115 43.77 25.20 -4.53
N PHE E 116 43.77 23.89 -4.72
CA PHE E 116 44.96 23.12 -5.10
C PHE E 116 44.54 22.06 -6.09
N ILE E 117 45.43 21.76 -7.05
CA ILE E 117 45.19 20.72 -8.04
C ILE E 117 46.34 19.70 -7.98
N PHE E 118 46.03 18.44 -8.25
CA PHE E 118 46.97 17.34 -8.12
C PHE E 118 46.93 16.49 -9.37
N PRO E 119 48.08 16.35 -10.06
CA PRO E 119 48.03 15.41 -11.17
C PRO E 119 47.98 13.96 -10.68
N PRO E 120 47.63 13.02 -11.57
CA PRO E 120 47.77 11.61 -11.27
C PRO E 120 49.21 11.28 -10.92
N SER E 121 49.40 10.46 -9.89
CA SER E 121 50.72 9.92 -9.57
C SER E 121 51.20 9.03 -10.72
N ASP E 122 52.52 8.97 -10.90
CA ASP E 122 53.12 8.07 -11.88
C ASP E 122 52.74 6.63 -11.58
N GLU E 123 52.75 6.29 -10.30
CA GLU E 123 52.39 4.93 -9.87
C GLU E 123 50.97 4.51 -10.33
N GLN E 124 50.01 5.42 -10.23
CA GLN E 124 48.64 5.14 -10.67
C GLN E 124 48.58 4.89 -12.17
N LEU E 125 49.31 5.69 -12.93
CA LEU E 125 49.31 5.59 -14.40
C LEU E 125 49.76 4.23 -14.92
N LYS E 126 50.65 3.56 -14.18
CA LYS E 126 50.98 2.14 -14.47
C LYS E 126 49.75 1.24 -14.49
N SER E 127 48.82 1.48 -13.58
CA SER E 127 47.59 0.67 -13.47
C SER E 127 46.62 0.86 -14.64
N GLY E 128 46.70 1.99 -15.35
CA GLY E 128 45.85 2.24 -16.52
C GLY E 128 44.67 3.19 -16.31
N THR E 129 44.63 3.86 -15.16
CA THR E 129 43.62 4.89 -14.87
C THR E 129 44.29 6.16 -14.38
N ALA E 130 43.66 7.29 -14.64
CA ALA E 130 44.15 8.60 -14.19
C ALA E 130 43.09 9.33 -13.35
N SER E 131 43.51 9.76 -12.17
CA SER E 131 42.66 10.46 -11.24
C SER E 131 43.28 11.81 -10.98
N VAL E 132 42.57 12.86 -11.36
CA VAL E 132 42.99 14.23 -11.14
C VAL E 132 42.11 14.77 -10.04
N VAL E 133 42.73 15.34 -9.00
CA VAL E 133 42.02 15.76 -7.80
C VAL E 133 42.15 17.27 -7.60
N CYS E 134 41.01 17.94 -7.44
CA CYS E 134 40.98 19.33 -7.03
C CYS E 134 40.52 19.44 -5.59
N LEU E 135 41.21 20.25 -4.80
CA LEU E 135 40.92 20.43 -3.38
C LEU E 135 40.54 21.87 -3.11
N LEU E 136 39.34 22.11 -2.60
CA LEU E 136 39.00 23.41 -2.01
C LEU E 136 39.12 23.25 -0.51
N ASN E 137 39.92 24.08 0.14
CA ASN E 137 40.28 23.87 1.52
C ASN E 137 39.74 25.01 2.39
N ASN E 138 39.02 24.65 3.45
CA ASN E 138 38.57 25.57 4.51
C ASN E 138 37.82 26.82 4.03
N PHE E 139 36.59 26.60 3.54
CA PHE E 139 35.73 27.67 3.03
C PHE E 139 34.35 27.72 3.69
N TYR E 140 33.67 28.85 3.49
CA TYR E 140 32.32 29.08 3.96
C TYR E 140 31.67 30.18 3.10
N PRO E 141 30.40 30.00 2.69
CA PRO E 141 29.47 28.90 2.94
C PRO E 141 29.77 27.63 2.15
N ARG E 142 28.98 26.59 2.36
CA ARG E 142 29.15 25.28 1.71
C ARG E 142 28.95 25.31 0.17
N GLU E 143 28.18 26.28 -0.34
CA GLU E 143 27.89 26.37 -1.78
C GLU E 143 29.16 26.65 -2.56
N ALA E 144 29.36 25.89 -3.63
CA ALA E 144 30.57 25.99 -4.44
C ALA E 144 30.39 25.25 -5.76
N LYS E 145 30.80 25.90 -6.85
CA LYS E 145 30.76 25.30 -8.18
C LYS E 145 32.20 24.96 -8.54
N VAL E 146 32.42 23.71 -8.97
CA VAL E 146 33.74 23.25 -9.40
C VAL E 146 33.59 22.71 -10.80
N GLN E 147 34.29 23.31 -11.76
CA GLN E 147 34.23 22.89 -13.16
C GLN E 147 35.59 22.40 -13.64
N TRP E 148 35.60 21.22 -14.24
CA TRP E 148 36.79 20.69 -14.88
C TRP E 148 36.82 21.16 -16.34
N LYS E 149 37.98 21.65 -16.78
CA LYS E 149 38.26 21.91 -18.19
C LYS E 149 39.50 21.09 -18.60
N VAL E 150 39.42 20.40 -19.75
CA VAL E 150 40.56 19.67 -20.34
C VAL E 150 40.85 20.22 -21.74
N ASP E 151 41.90 21.04 -21.87
CA ASP E 151 42.19 21.85 -23.10
C ASP E 151 40.99 22.77 -23.41
N ASN E 152 40.55 23.49 -22.37
CA ASN E 152 39.36 24.33 -22.41
C ASN E 152 38.04 23.69 -22.87
N ALA E 153 37.90 22.37 -22.68
CA ALA E 153 36.65 21.65 -22.93
C ALA E 153 35.96 21.35 -21.58
N LEU E 154 34.89 22.08 -21.27
CA LEU E 154 34.11 21.89 -20.03
C LEU E 154 33.72 20.43 -19.93
N GLN E 155 34.19 19.77 -18.88
CA GLN E 155 34.06 18.31 -18.73
C GLN E 155 32.75 18.01 -18.00
N SER E 156 32.15 16.87 -18.33
CA SER E 156 30.80 16.58 -17.86
C SER E 156 30.58 15.08 -17.62
N GLY E 157 30.07 14.75 -16.44
CA GLY E 157 29.69 13.36 -16.11
C GLY E 157 30.81 12.36 -15.90
N ASN E 158 32.04 12.83 -15.67
CA ASN E 158 33.20 11.95 -15.40
C ASN E 158 33.98 12.39 -14.15
N SER E 159 33.30 13.05 -13.21
CA SER E 159 33.89 13.49 -11.94
C SER E 159 32.92 13.34 -10.78
N GLN E 160 33.45 13.25 -9.56
CA GLN E 160 32.65 13.07 -8.32
C GLN E 160 33.16 14.00 -7.22
N GLU E 161 32.24 14.52 -6.40
CA GLU E 161 32.58 15.40 -5.30
C GLU E 161 32.36 14.73 -3.93
N SER E 162 32.93 15.33 -2.91
CA SER E 162 32.76 14.91 -1.54
C SER E 162 33.11 16.08 -0.63
N VAL E 163 32.40 16.19 0.50
CA VAL E 163 32.49 17.37 1.37
C VAL E 163 32.65 16.94 2.82
N THR E 164 33.54 17.58 3.57
CA THR E 164 33.67 17.29 4.98
C THR E 164 32.47 17.85 5.74
N GLU E 165 32.25 17.35 6.95
CA GLU E 165 31.40 18.02 7.91
C GLU E 165 32.03 19.33 8.32
N GLN E 166 31.18 20.27 8.73
CA GLN E 166 31.61 21.56 9.24
C GLN E 166 32.64 21.35 10.35
N ASP E 167 33.73 22.12 10.32
CA ASP E 167 34.86 21.91 11.24
C ASP E 167 34.51 22.36 12.67
N SER E 168 35.00 21.61 13.66
CA SER E 168 34.77 21.95 15.06
C SER E 168 35.60 23.18 15.51
N LYS E 169 36.73 23.45 14.85
CA LYS E 169 37.60 24.58 15.20
C LYS E 169 37.16 25.90 14.55
N ASP E 170 37.07 25.92 13.21
CA ASP E 170 36.80 27.17 12.47
C ASP E 170 35.48 27.21 11.67
N SER E 171 34.64 26.20 11.82
CA SER E 171 33.32 26.10 11.14
C SER E 171 33.34 26.16 9.60
N THR E 172 34.45 25.74 8.98
CA THR E 172 34.58 25.75 7.51
C THR E 172 34.28 24.38 6.94
N TYR E 173 34.15 24.34 5.62
CA TYR E 173 34.02 23.10 4.86
C TYR E 173 35.25 22.92 3.98
N SER E 174 35.44 21.71 3.46
CA SER E 174 36.48 21.42 2.49
C SER E 174 35.87 20.45 1.50
N LEU E 175 36.30 20.56 0.24
CA LEU E 175 35.70 19.80 -0.85
C LEU E 175 36.78 19.14 -1.68
N SER E 176 36.47 17.94 -2.17
CA SER E 176 37.33 17.19 -3.07
C SER E 176 36.51 16.91 -4.30
N SER E 177 36.98 17.36 -5.47
CA SER E 177 36.43 16.91 -6.74
C SER E 177 37.48 16.04 -7.41
N THR E 178 37.06 14.90 -7.96
CA THR E 178 37.98 13.93 -8.54
C THR E 178 37.51 13.62 -9.96
N LEU E 179 38.30 14.08 -10.94
CA LEU E 179 38.09 13.77 -12.36
C LEU E 179 38.78 12.48 -12.69
N THR E 180 38.05 11.57 -13.36
CA THR E 180 38.56 10.22 -13.64
C THR E 180 38.50 9.90 -15.13
N LEU E 181 39.66 9.53 -15.69
CA LEU E 181 39.84 9.24 -17.11
C LEU E 181 40.69 8.00 -17.28
N SER E 182 40.62 7.38 -18.46
CA SER E 182 41.56 6.29 -18.79
C SER E 182 42.95 6.89 -18.97
N LYS E 183 44.00 6.05 -18.86
CA LYS E 183 45.37 6.47 -19.15
C LYS E 183 45.44 7.03 -20.58
N ALA E 184 44.79 6.32 -21.51
CA ALA E 184 44.66 6.73 -22.90
C ALA E 184 44.22 8.19 -23.03
N ASP E 185 43.02 8.51 -22.53
CA ASP E 185 42.45 9.86 -22.63
C ASP E 185 43.25 10.90 -21.87
N TYR E 186 43.91 10.50 -20.77
CA TYR E 186 44.75 11.42 -20.02
C TYR E 186 45.91 11.89 -20.87
N GLU E 187 46.61 10.93 -21.48
CA GLU E 187 47.78 11.22 -22.31
C GLU E 187 47.45 11.90 -23.65
N LYS E 188 46.19 11.81 -24.11
CA LYS E 188 45.72 12.55 -25.29
C LYS E 188 45.47 14.06 -25.11
N HIS E 189 45.66 14.64 -23.92
CA HIS E 189 45.42 16.08 -23.70
C HIS E 189 46.51 16.69 -22.84
N LYS E 190 46.54 18.03 -22.73
CA LYS E 190 47.67 18.73 -22.11
C LYS E 190 47.33 19.63 -20.93
N VAL E 191 46.38 20.56 -21.11
CA VAL E 191 45.99 21.49 -20.03
C VAL E 191 44.86 20.86 -19.19
N TYR E 192 45.17 20.56 -17.92
CA TYR E 192 44.18 20.06 -16.96
C TYR E 192 43.89 21.13 -15.92
N ALA E 193 42.64 21.57 -15.88
CA ALA E 193 42.26 22.77 -15.15
C ALA E 193 40.99 22.58 -14.31
N CYS E 194 41.05 23.09 -13.09
CA CYS E 194 39.96 23.05 -12.14
C CYS E 194 39.52 24.50 -11.89
N GLU E 195 38.30 24.86 -12.31
CA GLU E 195 37.75 26.22 -12.08
C GLU E 195 36.72 26.24 -10.93
N VAL E 196 36.90 27.20 -10.02
CA VAL E 196 36.18 27.24 -8.75
C VAL E 196 35.45 28.57 -8.55
N THR E 197 34.12 28.54 -8.63
CA THR E 197 33.28 29.71 -8.31
C THR E 197 32.76 29.61 -6.87
N HIS E 198 32.84 30.71 -6.13
CA HIS E 198 32.46 30.72 -4.71
C HIS E 198 32.33 32.16 -4.22
N GLN E 199 31.43 32.40 -3.28
CA GLN E 199 31.08 33.75 -2.85
C GLN E 199 32.28 34.60 -2.38
N GLY E 200 33.16 33.99 -1.60
CA GLY E 200 34.41 34.64 -1.15
C GLY E 200 35.46 34.98 -2.21
N LEU E 201 35.29 34.44 -3.42
CA LEU E 201 36.15 34.74 -4.57
C LEU E 201 35.47 35.72 -5.51
N SER E 202 36.06 36.92 -5.67
CA SER E 202 35.48 37.97 -6.52
C SER E 202 35.21 37.54 -7.96
N SER E 203 36.11 36.75 -8.52
CA SER E 203 35.93 36.13 -9.84
C SER E 203 36.40 34.68 -9.73
N PRO E 204 35.91 33.79 -10.62
CA PRO E 204 36.33 32.40 -10.56
C PRO E 204 37.85 32.21 -10.56
N VAL E 205 38.35 31.34 -9.68
CA VAL E 205 39.77 31.01 -9.60
C VAL E 205 40.01 29.70 -10.33
N THR E 206 40.97 29.71 -11.25
CA THR E 206 41.40 28.48 -11.92
C THR E 206 42.79 28.08 -11.42
N LYS E 207 42.97 26.78 -11.21
CA LYS E 207 44.28 26.18 -10.98
C LYS E 207 44.43 25.11 -12.01
N SER E 208 45.67 24.94 -12.49
CA SER E 208 45.94 24.00 -13.56
C SER E 208 47.40 23.60 -13.60
N PHE E 209 47.65 22.54 -14.33
CA PHE E 209 49.00 22.08 -14.64
C PHE E 209 48.98 21.66 -16.10
N ASN E 210 50.18 21.55 -16.67
CA ASN E 210 50.34 20.98 -18.01
C ASN E 210 50.93 19.57 -17.85
N ARG E 211 50.39 18.61 -18.61
CA ARG E 211 50.57 17.18 -18.33
C ARG E 211 51.95 16.70 -17.84
N GLY E 212 52.93 16.59 -18.73
CA GLY E 212 54.24 16.07 -18.33
C GLY E 212 55.22 17.07 -17.74
N GLU E 213 54.79 18.30 -17.48
CA GLU E 213 55.70 19.41 -17.21
C GLU E 213 55.92 19.58 -15.71
N CYS E 214 57.09 19.13 -15.24
CA CYS E 214 57.49 19.21 -13.84
C CYS E 214 57.44 20.64 -13.32
N GLU F 1 19.39 0.35 33.29
CA GLU F 1 19.29 1.19 32.07
C GLU F 1 18.63 0.41 30.92
N VAL F 2 17.72 1.07 30.23
CA VAL F 2 17.12 0.55 29.00
C VAL F 2 18.20 0.46 27.91
N GLN F 3 18.21 -0.61 27.12
CA GLN F 3 19.15 -0.74 26.05
C GLN F 3 18.75 -1.76 24.98
N LEU F 4 19.07 -1.40 23.72
CA LEU F 4 18.82 -2.22 22.55
C LEU F 4 20.15 -2.40 21.80
N VAL F 5 20.57 -3.65 21.54
CA VAL F 5 21.82 -3.92 20.80
C VAL F 5 21.44 -4.71 19.55
N GLU F 6 21.69 -4.10 18.39
CA GLU F 6 21.43 -4.77 17.11
C GLU F 6 22.62 -5.66 16.76
N SER F 7 22.35 -6.66 15.92
CA SER F 7 23.42 -7.51 15.40
C SER F 7 22.91 -8.17 14.14
N GLY F 8 23.80 -8.82 13.41
CA GLY F 8 23.43 -9.65 12.23
C GLY F 8 23.63 -9.00 10.88
N GLY F 9 23.99 -7.72 10.88
CA GLY F 9 24.29 -7.03 9.63
C GLY F 9 25.61 -7.49 9.06
N GLY F 10 25.83 -7.18 7.78
CA GLY F 10 27.06 -7.53 7.11
C GLY F 10 26.95 -7.36 5.62
N LEU F 11 27.62 -8.24 4.88
CA LEU F 11 27.69 -8.16 3.43
C LEU F 11 26.88 -9.27 2.77
N VAL F 12 26.11 -8.92 1.75
CA VAL F 12 25.45 -9.90 0.92
C VAL F 12 25.36 -9.40 -0.49
N GLN F 13 25.06 -10.32 -1.39
CA GLN F 13 24.84 -10.00 -2.80
C GLN F 13 23.38 -9.77 -3.08
N PRO F 14 23.08 -9.03 -4.16
CA PRO F 14 21.70 -8.88 -4.64
C PRO F 14 21.01 -10.23 -4.77
N GLY F 15 19.78 -10.31 -4.26
CA GLY F 15 19.02 -11.57 -4.17
C GLY F 15 19.25 -12.36 -2.89
N GLY F 16 20.23 -11.99 -2.06
CA GLY F 16 20.54 -12.74 -0.86
C GLY F 16 19.67 -12.39 0.33
N SER F 17 20.03 -12.96 1.48
CA SER F 17 19.23 -12.90 2.71
C SER F 17 20.05 -12.61 3.95
N LEU F 18 19.47 -11.84 4.86
CA LEU F 18 20.06 -11.56 6.17
C LEU F 18 18.98 -11.57 7.24
N ARG F 19 19.38 -11.87 8.47
CA ARG F 19 18.49 -11.80 9.60
C ARG F 19 19.10 -10.87 10.62
N LEU F 20 18.45 -9.75 10.89
CA LEU F 20 18.90 -8.85 11.95
C LEU F 20 18.25 -9.26 13.27
N SER F 21 19.00 -9.11 14.36
CA SER F 21 18.50 -9.34 15.72
C SER F 21 18.67 -8.07 16.52
N CYS F 22 17.75 -7.84 17.46
CA CYS F 22 17.88 -6.77 18.43
C CYS F 22 17.60 -7.32 19.82
N ALA F 23 18.59 -7.18 20.71
CA ALA F 23 18.46 -7.71 22.06
C ALA F 23 18.05 -6.60 23.03
N ALA F 24 16.86 -6.72 23.59
CA ALA F 24 16.34 -5.73 24.53
C ALA F 24 16.67 -6.11 25.98
N SER F 25 16.96 -5.10 26.80
CA SER F 25 17.22 -5.32 28.22
C SER F 25 16.88 -4.08 29.05
N GLY F 26 16.60 -4.32 30.35
CA GLY F 26 16.31 -3.25 31.30
C GLY F 26 14.93 -2.61 31.17
N PHE F 27 13.98 -3.33 30.57
CA PHE F 27 12.58 -2.94 30.56
C PHE F 27 11.74 -4.15 30.13
N THR F 28 10.43 -4.08 30.32
CA THR F 28 9.58 -5.22 30.02
C THR F 28 9.27 -5.25 28.53
N PHE F 29 10.14 -5.95 27.80
CA PHE F 29 10.10 -6.00 26.33
C PHE F 29 8.71 -6.31 25.79
N SER F 30 8.01 -7.23 26.44
CA SER F 30 6.70 -7.69 25.96
C SER F 30 5.59 -6.65 26.07
N SER F 31 5.83 -5.54 26.76
CA SER F 31 4.83 -4.49 26.95
C SER F 31 4.86 -3.38 25.91
N TYR F 32 5.95 -3.29 25.15
CA TYR F 32 6.11 -2.22 24.18
C TYR F 32 6.14 -2.73 22.75
N ALA F 33 5.55 -1.96 21.84
CA ALA F 33 5.73 -2.17 20.40
C ALA F 33 7.18 -1.78 19.98
N MET F 34 7.63 -2.35 18.87
CA MET F 34 9.00 -2.25 18.43
C MET F 34 9.05 -1.95 16.93
N ASP F 35 10.13 -1.26 16.51
CA ASP F 35 10.33 -0.86 15.12
C ASP F 35 11.73 -1.15 14.57
N TRP F 36 11.80 -1.25 13.24
CA TRP F 36 13.07 -1.05 12.52
C TRP F 36 13.01 0.25 11.71
N VAL F 37 14.08 1.03 11.82
CA VAL F 37 14.26 2.25 11.02
C VAL F 37 15.62 2.15 10.32
N ARG F 38 15.69 2.53 9.05
CA ARG F 38 16.97 2.52 8.33
C ARG F 38 17.38 3.89 7.81
N GLN F 39 18.68 4.02 7.57
CA GLN F 39 19.29 5.24 7.06
C GLN F 39 20.41 4.84 6.09
N ALA F 40 20.17 5.08 4.80
CA ALA F 40 21.20 4.83 3.76
C ALA F 40 22.30 5.90 3.86
N PRO F 41 23.52 5.62 3.34
CA PRO F 41 24.66 6.52 3.63
C PRO F 41 24.45 7.92 3.06
N GLY F 42 24.52 8.95 3.91
CA GLY F 42 24.26 10.33 3.48
C GLY F 42 22.80 10.74 3.32
N LYS F 43 21.88 9.79 3.16
CA LYS F 43 20.44 10.08 3.06
C LYS F 43 19.79 10.18 4.47
N GLY F 44 18.48 10.40 4.50
CA GLY F 44 17.74 10.54 5.77
C GLY F 44 17.11 9.26 6.27
N LEU F 45 16.25 9.40 7.30
CA LEU F 45 15.64 8.28 8.02
C LEU F 45 14.45 7.69 7.27
N GLU F 46 14.35 6.36 7.23
CA GLU F 46 13.19 5.70 6.64
C GLU F 46 12.65 4.68 7.64
N TRP F 47 11.38 4.85 8.02
CA TRP F 47 10.71 3.87 8.87
C TRP F 47 10.49 2.62 8.00
N VAL F 48 10.84 1.46 8.54
CA VAL F 48 10.82 0.21 7.77
C VAL F 48 9.69 -0.69 8.19
N SER F 49 9.58 -0.93 9.50
CA SER F 49 8.61 -1.88 9.99
C SER F 49 8.29 -1.65 11.46
N ALA F 50 7.06 -2.01 11.84
CA ALA F 50 6.65 -2.05 13.25
C ALA F 50 5.96 -3.35 13.59
N ILE F 51 5.97 -3.68 14.86
CA ILE F 51 5.28 -4.87 15.35
C ILE F 51 4.65 -4.58 16.72
N THR F 52 3.48 -5.17 16.97
CA THR F 52 2.77 -4.95 18.24
C THR F 52 3.47 -5.70 19.37
N MET F 53 3.13 -5.31 20.60
CA MET F 53 3.76 -5.92 21.79
C MET F 53 3.60 -7.44 21.82
N SER F 54 2.43 -7.90 21.37
CA SER F 54 2.12 -9.32 21.31
C SER F 54 2.92 -10.08 20.28
N GLY F 55 3.44 -9.39 19.27
CA GLY F 55 4.16 -10.02 18.18
C GLY F 55 3.24 -10.55 17.09
N ILE F 56 1.94 -10.27 17.17
CA ILE F 56 0.94 -10.86 16.25
C ILE F 56 0.68 -10.05 14.98
N THR F 57 0.73 -8.74 15.08
CA THR F 57 0.43 -7.84 13.95
C THR F 57 1.67 -7.04 13.54
N ALA F 58 2.00 -7.10 12.25
CA ALA F 58 3.16 -6.41 11.70
C ALA F 58 2.74 -5.37 10.68
N TYR F 59 3.50 -4.29 10.59
CA TYR F 59 3.28 -3.23 9.61
C TYR F 59 4.59 -2.98 8.82
N TYR F 60 4.48 -2.65 7.53
CA TYR F 60 5.64 -2.45 6.65
C TYR F 60 5.56 -1.20 5.80
N THR F 61 6.72 -0.56 5.57
CA THR F 61 6.87 0.50 4.56
C THR F 61 6.86 -0.12 3.17
N ASP F 62 6.55 0.70 2.16
CA ASP F 62 6.21 0.18 0.83
C ASP F 62 7.34 -0.53 0.11
N ASP F 63 8.54 0.06 0.15
CA ASP F 63 9.73 -0.53 -0.52
C ASP F 63 10.04 -1.99 -0.09
N VAL F 64 9.56 -2.35 1.10
CA VAL F 64 9.95 -3.56 1.80
C VAL F 64 8.88 -4.67 1.77
N LYS F 65 7.62 -4.35 1.43
CA LYS F 65 6.51 -5.34 1.49
C LYS F 65 6.77 -6.60 0.68
N GLY F 66 6.58 -7.76 1.31
CA GLY F 66 6.81 -9.04 0.64
C GLY F 66 8.26 -9.45 0.51
N ARG F 67 9.18 -8.63 1.02
CA ARG F 67 10.61 -8.96 1.03
C ARG F 67 11.10 -9.15 2.46
N PHE F 68 10.84 -8.17 3.33
CA PHE F 68 11.20 -8.31 4.74
C PHE F 68 10.04 -8.82 5.62
N THR F 69 10.40 -9.46 6.72
CA THR F 69 9.47 -9.91 7.73
C THR F 69 9.95 -9.54 9.12
N ILE F 70 9.14 -8.77 9.85
CA ILE F 70 9.43 -8.44 11.23
C ILE F 70 8.79 -9.49 12.15
N SER F 71 9.44 -9.79 13.23
CA SER F 71 8.96 -10.73 14.20
C SER F 71 9.66 -10.52 15.53
N ARG F 72 9.21 -11.22 16.55
CA ARG F 72 9.81 -11.12 17.86
C ARG F 72 9.52 -12.36 18.70
N ASP F 73 10.38 -12.57 19.69
CA ASP F 73 10.26 -13.67 20.64
C ASP F 73 10.33 -13.05 22.03
N ASN F 74 9.17 -12.89 22.67
CA ASN F 74 9.12 -12.23 23.97
C ASN F 74 9.81 -12.98 25.11
N SER F 75 9.87 -14.30 25.05
CA SER F 75 10.65 -15.08 26.02
C SER F 75 12.18 -14.88 25.89
N LYS F 76 12.64 -14.48 24.70
CA LYS F 76 14.06 -14.18 24.47
C LYS F 76 14.41 -12.68 24.51
N ASN F 77 13.43 -11.80 24.67
CA ASN F 77 13.63 -10.33 24.66
C ASN F 77 14.37 -9.88 23.41
N THR F 78 13.95 -10.40 22.27
CA THR F 78 14.63 -10.25 21.01
C THR F 78 13.68 -9.88 19.88
N LEU F 79 14.09 -8.91 19.07
CA LEU F 79 13.36 -8.49 17.87
C LEU F 79 14.14 -8.91 16.65
N TYR F 80 13.43 -9.36 15.61
CA TYR F 80 14.06 -9.86 14.39
C TYR F 80 13.60 -9.08 13.17
N LEU F 81 14.47 -9.03 12.15
CA LEU F 81 14.07 -8.60 10.81
C LEU F 81 14.68 -9.55 9.79
N GLN F 82 13.86 -10.39 9.16
CA GLN F 82 14.30 -11.29 8.10
C GLN F 82 14.27 -10.48 6.83
N MET F 83 15.40 -10.38 6.14
CA MET F 83 15.51 -9.55 4.93
C MET F 83 15.81 -10.50 3.76
N ASN F 84 14.83 -10.69 2.87
CA ASN F 84 15.01 -11.51 1.67
C ASN F 84 14.98 -10.63 0.43
N SER F 85 15.36 -11.21 -0.71
CA SER F 85 15.38 -10.49 -2.00
C SER F 85 16.05 -9.12 -1.88
N LEU F 86 17.21 -9.12 -1.25
CA LEU F 86 17.90 -7.87 -0.94
C LEU F 86 18.41 -7.23 -2.22
N ARG F 87 18.46 -5.91 -2.22
CA ARG F 87 19.01 -5.17 -3.33
C ARG F 87 19.86 -4.02 -2.86
N ALA F 88 20.61 -3.44 -3.79
CA ALA F 88 21.62 -2.42 -3.48
C ALA F 88 21.04 -1.26 -2.69
N GLU F 89 19.79 -0.90 -2.96
CA GLU F 89 19.12 0.24 -2.32
C GLU F 89 18.79 -0.04 -0.84
N ASP F 90 18.80 -1.31 -0.43
CA ASP F 90 18.62 -1.67 0.97
C ASP F 90 19.86 -1.38 1.81
N THR F 91 20.96 -0.99 1.19
CA THR F 91 22.19 -0.69 1.89
C THR F 91 21.98 0.50 2.80
N ALA F 92 22.19 0.27 4.09
CA ALA F 92 21.88 1.26 5.14
C ALA F 92 22.29 0.78 6.52
N VAL F 93 22.37 1.72 7.44
CA VAL F 93 22.38 1.40 8.87
C VAL F 93 20.94 1.08 9.29
N TYR F 94 20.72 -0.07 9.93
CA TYR F 94 19.38 -0.45 10.42
C TYR F 94 19.33 -0.31 11.93
N TYR F 95 18.41 0.54 12.39
CA TYR F 95 18.21 0.82 13.81
C TYR F 95 17.02 0.07 14.35
N CYS F 96 17.15 -0.38 15.59
CA CYS F 96 16.09 -1.01 16.35
C CYS F 96 15.54 0.07 17.27
N ALA F 97 14.23 0.21 17.37
CA ALA F 97 13.66 1.29 18.18
C ALA F 97 12.38 0.92 18.92
N LYS F 98 12.36 1.23 20.22
CA LYS F 98 11.23 0.98 21.10
C LYS F 98 10.18 2.09 20.97
N GLU F 99 8.92 1.70 20.71
CA GLU F 99 7.81 2.65 20.65
C GLU F 99 7.34 2.96 22.07
N GLU F 100 6.81 4.16 22.25
CA GLU F 100 6.19 4.56 23.50
C GLU F 100 4.74 4.95 23.27
N PHE F 101 3.90 4.63 24.26
CA PHE F 101 2.47 4.96 24.24
C PHE F 101 2.18 6.06 25.24
N LEU F 102 1.10 6.80 25.01
CA LEU F 102 0.55 7.70 26.04
C LEU F 102 0.11 6.88 27.25
N PRO F 103 0.30 7.42 28.46
CA PRO F 103 0.01 6.64 29.68
C PRO F 103 -1.40 6.00 29.69
N GLY F 104 -1.46 4.73 30.08
CA GLY F 104 -2.71 3.98 30.09
C GLY F 104 -3.33 3.64 28.74
N THR F 105 -2.55 3.76 27.65
CA THR F 105 -3.07 3.51 26.30
C THR F 105 -2.15 2.63 25.48
N HIS F 106 -2.62 2.25 24.29
CA HIS F 106 -1.77 1.73 23.22
C HIS F 106 -1.73 2.78 22.10
N TYR F 107 -1.69 4.06 22.51
CA TYR F 107 -1.72 5.20 21.59
C TYR F 107 -0.27 5.59 21.35
N PHE F 108 0.24 5.12 20.21
CA PHE F 108 1.62 5.28 19.82
C PHE F 108 1.95 6.73 19.48
N TYR F 109 3.02 7.28 20.06
CA TYR F 109 3.47 8.64 19.71
C TYR F 109 4.90 8.84 19.18
N GLY F 110 5.70 7.76 19.14
CA GLY F 110 7.07 7.84 18.65
C GLY F 110 8.04 6.84 19.27
N MET F 111 9.32 7.00 18.93
CA MET F 111 10.38 6.07 19.31
C MET F 111 11.34 6.78 20.24
N ASP F 112 11.28 6.46 21.52
CA ASP F 112 12.08 7.19 22.55
C ASP F 112 13.37 6.50 22.95
N VAL F 113 13.59 5.27 22.50
CA VAL F 113 14.86 4.57 22.73
C VAL F 113 15.30 3.86 21.46
N TRP F 114 16.54 4.13 21.05
CA TRP F 114 17.10 3.60 19.83
C TRP F 114 18.35 2.78 20.12
N GLY F 115 18.62 1.78 19.28
CA GLY F 115 19.89 1.06 19.32
C GLY F 115 20.99 1.88 18.67
N GLN F 116 22.19 1.31 18.60
CA GLN F 116 23.32 1.99 17.93
C GLN F 116 23.37 1.74 16.44
N GLY F 117 22.72 0.67 16.00
CA GLY F 117 22.47 0.40 14.59
C GLY F 117 23.39 -0.73 14.16
N THR F 118 23.00 -1.46 13.13
CA THR F 118 23.87 -2.45 12.52
C THR F 118 23.86 -2.19 11.03
N THR F 119 25.02 -2.34 10.39
CA THR F 119 25.17 -1.96 8.98
C THR F 119 24.90 -3.14 8.08
N VAL F 120 24.10 -2.92 7.05
CA VAL F 120 23.87 -3.90 5.99
C VAL F 120 24.37 -3.27 4.71
N THR F 121 25.11 -4.05 3.94
CA THR F 121 25.70 -3.61 2.68
C THR F 121 25.37 -4.65 1.62
N VAL F 122 24.60 -4.25 0.61
CA VAL F 122 24.21 -5.15 -0.48
C VAL F 122 24.94 -4.74 -1.76
N SER F 123 25.75 -5.65 -2.29
CA SER F 123 26.61 -5.35 -3.43
C SER F 123 27.13 -6.60 -4.11
N SER F 124 27.46 -6.46 -5.40
CA SER F 124 28.12 -7.56 -6.11
C SER F 124 29.63 -7.62 -5.84
N ALA F 125 30.20 -6.52 -5.36
CA ALA F 125 31.63 -6.43 -5.16
C ALA F 125 32.18 -7.45 -4.19
N SER F 126 33.36 -7.99 -4.52
CA SER F 126 34.21 -8.76 -3.61
C SER F 126 35.01 -7.83 -2.75
N THR F 127 35.45 -8.34 -1.59
CA THR F 127 36.26 -7.56 -0.67
C THR F 127 37.60 -7.31 -1.32
N LYS F 128 38.08 -6.08 -1.22
CA LYS F 128 39.29 -5.68 -1.90
C LYS F 128 39.97 -4.51 -1.17
N GLY F 129 41.26 -4.62 -0.95
CA GLY F 129 42.04 -3.56 -0.32
C GLY F 129 42.27 -2.39 -1.25
N PRO F 130 42.55 -1.20 -0.69
CA PRO F 130 42.77 -0.03 -1.53
C PRO F 130 44.14 -0.02 -2.20
N SER F 131 44.26 0.73 -3.28
CA SER F 131 45.53 1.19 -3.81
C SER F 131 45.73 2.59 -3.27
N VAL F 132 46.90 2.89 -2.71
CA VAL F 132 47.18 4.22 -2.18
C VAL F 132 48.20 4.92 -3.07
N PHE F 133 47.83 6.11 -3.52
CA PHE F 133 48.65 6.93 -4.43
C PHE F 133 48.93 8.26 -3.74
N PRO F 134 50.14 8.80 -3.94
CA PRO F 134 50.44 10.09 -3.33
C PRO F 134 49.79 11.23 -4.11
N LEU F 135 49.29 12.22 -3.40
CA LEU F 135 48.90 13.47 -4.01
C LEU F 135 50.02 14.43 -3.66
N ALA F 136 50.97 14.51 -4.60
CA ALA F 136 52.25 15.18 -4.39
C ALA F 136 52.10 16.71 -4.40
N PRO F 137 52.74 17.41 -3.43
CA PRO F 137 52.47 18.84 -3.17
C PRO F 137 52.76 19.79 -4.34
N SER F 138 52.09 20.93 -4.32
CA SER F 138 52.03 21.86 -5.44
C SER F 138 53.41 22.30 -5.96
N SER F 139 53.46 22.61 -7.24
CA SER F 139 54.70 23.08 -7.88
C SER F 139 55.13 24.49 -7.38
N LYS F 140 54.17 25.37 -7.07
CA LYS F 140 54.41 26.79 -6.64
C LYS F 140 54.01 27.11 -5.21
N GLY F 144 57.29 31.25 1.33
CA GLY F 144 56.85 31.41 2.72
C GLY F 144 55.33 31.34 2.91
N GLY F 145 54.65 30.52 2.08
CA GLY F 145 53.16 30.37 2.12
C GLY F 145 52.68 29.05 2.72
N THR F 146 51.56 28.53 2.20
CA THR F 146 50.98 27.23 2.59
C THR F 146 50.85 26.27 1.40
N ALA F 147 51.14 24.98 1.62
CA ALA F 147 51.03 23.94 0.58
C ALA F 147 50.13 22.76 0.98
N ALA F 148 49.43 22.20 0.00
CA ALA F 148 48.54 21.06 0.20
C ALA F 148 49.18 19.80 -0.32
N LEU F 149 48.74 18.67 0.22
CA LEU F 149 49.51 17.42 0.18
C LEU F 149 48.60 16.30 0.65
N GLY F 150 48.55 15.17 -0.06
CA GLY F 150 47.61 14.12 0.33
C GLY F 150 47.86 12.70 -0.14
N CYS F 151 46.90 11.83 0.14
CA CYS F 151 46.84 10.45 -0.33
C CYS F 151 45.52 10.17 -0.98
N LEU F 152 45.53 9.45 -2.09
CA LEU F 152 44.31 9.01 -2.76
C LEU F 152 44.13 7.53 -2.50
N VAL F 153 43.10 7.17 -1.75
CA VAL F 153 42.82 5.79 -1.36
C VAL F 153 41.75 5.29 -2.29
N LYS F 154 42.13 4.47 -3.26
CA LYS F 154 41.25 4.16 -4.39
C LYS F 154 40.92 2.68 -4.53
N ASP F 155 39.70 2.41 -4.96
CA ASP F 155 39.20 1.07 -5.32
C ASP F 155 39.25 0.03 -4.20
N TYR F 156 38.65 0.37 -3.06
CA TYR F 156 38.42 -0.60 -1.97
C TYR F 156 36.97 -0.96 -1.74
N PHE F 157 36.76 -2.07 -1.06
CA PHE F 157 35.44 -2.53 -0.71
C PHE F 157 35.51 -3.56 0.41
N PRO F 158 34.59 -3.48 1.40
CA PRO F 158 33.56 -2.49 1.68
C PRO F 158 34.13 -1.37 2.50
N GLU F 159 33.27 -0.45 2.93
CA GLU F 159 33.64 0.56 3.92
C GLU F 159 33.87 -0.13 5.27
N PRO F 160 34.65 0.50 6.18
CA PRO F 160 35.38 1.76 6.11
C PRO F 160 36.89 1.60 5.91
N VAL F 161 37.56 2.71 5.61
CA VAL F 161 39.02 2.82 5.85
C VAL F 161 39.25 3.91 6.87
N THR F 162 40.34 3.77 7.62
CA THR F 162 40.88 4.80 8.50
C THR F 162 42.15 5.33 7.85
N VAL F 163 42.40 6.61 8.04
CA VAL F 163 43.62 7.25 7.58
C VAL F 163 44.14 8.17 8.67
N SER F 164 45.42 7.99 9.03
CA SER F 164 46.14 8.95 9.87
C SER F 164 47.39 9.42 9.14
N TRP F 165 48.02 10.46 9.68
CA TRP F 165 49.27 11.01 9.13
C TRP F 165 50.39 10.96 10.17
N ASN F 166 51.58 10.52 9.73
CA ASN F 166 52.75 10.31 10.60
C ASN F 166 52.36 9.59 11.88
N SER F 167 51.65 8.47 11.72
CA SER F 167 51.23 7.61 12.83
C SER F 167 50.44 8.31 13.94
N GLY F 168 49.64 9.31 13.57
CA GLY F 168 48.84 10.07 14.54
C GLY F 168 49.50 11.31 15.10
N ALA F 169 50.80 11.49 14.85
CA ALA F 169 51.53 12.69 15.28
C ALA F 169 51.09 13.98 14.56
N LEU F 170 50.58 13.85 13.33
CA LEU F 170 50.09 14.99 12.55
C LEU F 170 48.57 14.95 12.42
N THR F 171 47.88 15.87 13.11
CA THR F 171 46.42 15.99 13.03
C THR F 171 45.91 17.38 12.61
N SER F 172 46.69 18.45 12.82
CA SER F 172 46.28 19.80 12.37
C SER F 172 46.22 19.90 10.86
N GLY F 173 45.10 20.46 10.37
CA GLY F 173 44.91 20.71 8.95
C GLY F 173 44.59 19.50 8.09
N VAL F 174 44.42 18.33 8.72
CA VAL F 174 44.07 17.10 8.01
C VAL F 174 42.57 17.15 7.66
N HIS F 175 42.23 16.76 6.43
CA HIS F 175 40.85 16.55 6.05
C HIS F 175 40.77 15.20 5.34
N THR F 176 40.19 14.21 6.02
CA THR F 176 39.87 12.95 5.39
C THR F 176 38.42 13.01 4.93
N PHE F 177 38.21 12.69 3.66
CA PHE F 177 36.94 12.95 2.98
C PHE F 177 36.01 11.74 3.05
N PRO F 178 34.70 11.99 3.11
CA PRO F 178 33.79 10.85 2.91
C PRO F 178 34.08 10.18 1.57
N ALA F 179 34.05 8.86 1.57
CA ALA F 179 34.26 8.09 0.37
C ALA F 179 33.14 8.38 -0.59
N VAL F 180 33.33 7.98 -1.84
CA VAL F 180 32.27 8.04 -2.85
C VAL F 180 32.21 6.66 -3.46
N LEU F 181 30.99 6.25 -3.84
CA LEU F 181 30.81 4.95 -4.42
C LEU F 181 30.97 5.17 -5.89
N GLN F 182 31.96 4.51 -6.49
CA GLN F 182 32.19 4.60 -7.93
C GLN F 182 31.26 3.62 -8.62
N SER F 183 31.06 3.82 -9.92
CA SER F 183 30.19 2.95 -10.71
C SER F 183 30.69 1.51 -10.78
N SER F 184 31.97 1.28 -10.52
CA SER F 184 32.50 -0.10 -10.37
C SER F 184 31.92 -0.89 -9.20
N GLY F 185 31.37 -0.20 -8.20
CA GLY F 185 30.96 -0.85 -6.95
C GLY F 185 31.99 -0.70 -5.83
N LEU F 186 33.15 -0.12 -6.15
CA LEU F 186 34.23 0.04 -5.21
C LEU F 186 34.21 1.48 -4.74
N TYR F 187 34.74 1.69 -3.54
CA TYR F 187 34.79 3.01 -2.95
C TYR F 187 36.11 3.66 -3.22
N SER F 188 36.16 4.97 -3.01
CA SER F 188 37.36 5.77 -3.25
C SER F 188 37.28 7.04 -2.42
N LEU F 189 38.39 7.45 -1.84
CA LEU F 189 38.44 8.66 -1.03
C LEU F 189 39.86 9.26 -1.06
N SER F 190 39.98 10.50 -0.63
CA SER F 190 41.28 11.14 -0.50
C SER F 190 41.42 11.75 0.88
N SER F 191 42.60 11.65 1.47
CA SER F 191 42.93 12.38 2.69
C SER F 191 43.97 13.43 2.31
N VAL F 192 43.85 14.63 2.85
CA VAL F 192 44.77 15.71 2.51
C VAL F 192 45.16 16.48 3.76
N VAL F 193 46.28 17.16 3.70
CA VAL F 193 46.74 18.01 4.80
C VAL F 193 47.37 19.29 4.28
N THR F 194 47.11 20.38 4.99
CA THR F 194 47.65 21.70 4.71
C THR F 194 48.78 21.93 5.71
N VAL F 195 49.95 22.26 5.18
CA VAL F 195 51.16 22.47 5.98
C VAL F 195 51.94 23.68 5.46
N PRO F 196 52.81 24.27 6.30
CA PRO F 196 53.69 25.34 5.80
C PRO F 196 54.64 24.85 4.68
N SER F 197 54.89 25.71 3.69
CA SER F 197 55.80 25.40 2.56
C SER F 197 57.23 25.13 3.00
N SER F 198 57.69 25.87 4.00
CA SER F 198 58.99 25.68 4.66
C SER F 198 59.32 24.21 4.98
N SER F 199 58.33 23.48 5.50
CA SER F 199 58.53 22.10 5.94
C SER F 199 58.68 21.07 4.81
N LEU F 200 58.33 21.41 3.57
CA LEU F 200 58.37 20.45 2.45
C LEU F 200 59.72 19.77 2.18
N GLY F 201 60.82 20.42 2.58
CA GLY F 201 62.14 19.80 2.56
C GLY F 201 62.37 18.97 3.81
N THR F 202 62.22 19.62 4.99
CA THR F 202 62.55 19.01 6.29
C THR F 202 61.61 17.88 6.72
N GLN F 203 60.31 18.20 6.91
CA GLN F 203 59.36 17.25 7.50
C GLN F 203 58.93 16.13 6.53
N THR F 204 58.97 14.88 7.03
CA THR F 204 58.49 13.74 6.28
C THR F 204 57.00 13.57 6.52
N TYR F 205 56.29 13.26 5.42
CA TYR F 205 54.84 13.06 5.45
C TYR F 205 54.49 11.66 4.93
N ILE F 206 53.99 10.82 5.85
CA ILE F 206 53.52 9.48 5.56
C ILE F 206 52.05 9.41 5.92
N CYS F 207 51.21 8.92 5.00
CA CYS F 207 49.81 8.62 5.33
C CYS F 207 49.67 7.14 5.61
N ASN F 208 48.97 6.82 6.69
CA ASN F 208 48.80 5.43 7.16
C ASN F 208 47.34 5.07 6.91
N VAL F 209 47.11 4.09 6.05
CA VAL F 209 45.79 3.76 5.56
C VAL F 209 45.45 2.35 6.01
N ASN F 210 44.46 2.21 6.88
CA ASN F 210 44.02 0.89 7.33
C ASN F 210 42.69 0.50 6.71
N HIS F 211 42.60 -0.73 6.21
CA HIS F 211 41.34 -1.29 5.70
C HIS F 211 41.10 -2.66 6.34
N LYS F 212 40.50 -2.63 7.52
CA LYS F 212 40.27 -3.82 8.33
C LYS F 212 39.53 -4.96 7.64
N PRO F 213 38.53 -4.65 6.80
CA PRO F 213 37.82 -5.75 6.14
C PRO F 213 38.66 -6.64 5.21
N SER F 214 39.70 -6.08 4.59
CA SER F 214 40.60 -6.84 3.72
C SER F 214 41.88 -7.26 4.42
N ASN F 215 42.10 -6.73 5.63
CA ASN F 215 43.32 -6.94 6.40
C ASN F 215 44.55 -6.38 5.70
N THR F 216 44.44 -5.16 5.17
CA THR F 216 45.55 -4.49 4.46
C THR F 216 45.82 -3.15 5.14
N LYS F 217 47.07 -2.91 5.51
CA LYS F 217 47.53 -1.56 5.90
C LYS F 217 48.55 -1.13 4.86
N VAL F 218 48.60 0.16 4.59
CA VAL F 218 49.56 0.72 3.65
C VAL F 218 50.04 2.04 4.23
N ASP F 219 51.35 2.14 4.43
CA ASP F 219 52.00 3.42 4.73
C ASP F 219 52.56 3.93 3.41
N LYS F 220 52.59 5.24 3.23
CA LYS F 220 53.00 5.84 1.94
C LYS F 220 53.66 7.20 2.13
N LYS F 221 54.93 7.33 1.70
CA LYS F 221 55.61 8.63 1.66
C LYS F 221 54.94 9.50 0.62
N VAL F 222 54.82 10.79 0.96
CA VAL F 222 54.41 11.80 0.00
C VAL F 222 55.51 12.86 0.02
N GLU F 223 56.32 12.87 -1.05
CA GLU F 223 57.43 13.82 -1.20
C GLU F 223 57.12 14.70 -2.41
N PRO F 224 57.73 15.90 -2.48
CA PRO F 224 57.61 16.73 -3.72
C PRO F 224 58.13 16.05 -5.01
N LYS F 225 57.85 16.63 -6.18
CA LYS F 225 58.57 16.26 -7.43
C LYS F 225 58.62 17.44 -8.41
N ASN G 2 -48.33 -31.90 30.46
CA ASN G 2 -48.34 -31.61 28.99
C ASN G 2 -48.28 -30.11 28.67
N LEU G 3 -49.03 -29.31 29.42
CA LEU G 3 -49.01 -27.85 29.31
C LEU G 3 -47.92 -27.24 30.20
N ASN G 4 -47.80 -27.75 31.42
CA ASN G 4 -46.76 -27.31 32.35
C ASN G 4 -45.35 -27.79 31.93
N ALA G 5 -45.29 -28.87 31.17
CA ALA G 5 -44.04 -29.32 30.56
C ALA G 5 -43.62 -28.40 29.43
N ALA G 6 -44.57 -27.98 28.61
CA ALA G 6 -44.32 -27.03 27.51
C ALA G 6 -43.84 -25.66 28.01
N ARG G 7 -44.42 -25.19 29.10
CA ARG G 7 -43.95 -23.99 29.80
C ARG G 7 -42.45 -24.12 30.12
N GLU G 8 -42.06 -25.24 30.71
CA GLU G 8 -40.68 -25.42 31.19
C GLU G 8 -39.64 -25.60 30.08
N LEU G 9 -40.05 -26.11 28.92
CA LEU G 9 -39.16 -26.13 27.75
C LEU G 9 -38.92 -24.70 27.25
N PHE G 10 -39.98 -23.88 27.18
CA PHE G 10 -39.82 -22.47 26.80
C PHE G 10 -39.00 -21.65 27.80
N LEU G 11 -39.03 -22.02 29.08
CA LEU G 11 -38.13 -21.39 30.06
C LEU G 11 -36.68 -21.81 29.84
N ASP G 12 -36.46 -23.08 29.48
CA ASP G 12 -35.11 -23.57 29.16
C ASP G 12 -34.55 -22.94 27.88
N GLU G 13 -35.37 -22.74 26.86
CA GLU G 13 -34.96 -22.02 25.65
C GLU G 13 -34.59 -20.57 26.00
N LEU G 14 -35.44 -19.93 26.82
CA LEU G 14 -35.24 -18.54 27.21
C LEU G 14 -34.01 -18.36 28.12
N LYS G 15 -33.69 -19.39 28.89
CA LYS G 15 -32.52 -19.39 29.77
C LYS G 15 -31.26 -19.42 28.92
N ALA G 16 -31.25 -20.29 27.92
CA ALA G 16 -30.10 -20.47 27.01
C ALA G 16 -29.81 -19.23 26.19
N LEU G 17 -30.84 -18.64 25.57
CA LEU G 17 -30.67 -17.40 24.84
C LEU G 17 -30.15 -16.28 25.73
N THR G 18 -30.73 -16.16 26.93
CA THR G 18 -30.31 -15.12 27.87
C THR G 18 -28.84 -15.29 28.26
N ALA G 19 -28.36 -16.53 28.33
CA ALA G 19 -26.95 -16.81 28.65
C ALA G 19 -26.06 -16.39 27.49
N GLU G 20 -26.42 -16.78 26.28
CA GLU G 20 -25.66 -16.42 25.09
C GLU G 20 -25.52 -14.90 24.99
N LEU G 21 -26.63 -14.18 25.09
CA LEU G 21 -26.59 -12.72 25.15
C LEU G 21 -25.67 -12.18 26.24
N LYS G 22 -25.66 -12.86 27.39
CA LYS G 22 -24.81 -12.45 28.51
C LYS G 22 -23.33 -12.53 28.13
N VAL G 23 -22.94 -13.61 27.43
CA VAL G 23 -21.54 -13.76 27.00
C VAL G 23 -21.19 -12.66 25.99
N TYR G 24 -22.04 -12.43 25.01
CA TYR G 24 -21.85 -11.31 24.08
C TYR G 24 -21.70 -9.96 24.81
N SER G 25 -22.44 -9.77 25.89
CA SER G 25 -22.29 -8.58 26.71
C SER G 25 -20.93 -8.44 27.36
N VAL G 26 -20.41 -9.57 27.85
CA VAL G 26 -19.09 -9.62 28.46
C VAL G 26 -18.03 -9.25 27.42
N ILE G 27 -18.13 -9.86 26.25
CA ILE G 27 -17.18 -9.60 25.16
C ILE G 27 -17.27 -8.14 24.78
N GLN G 28 -18.48 -7.69 24.51
CA GLN G 28 -18.71 -6.30 24.10
C GLN G 28 -18.20 -5.28 25.13
N SER G 29 -18.20 -5.62 26.41
CA SER G 29 -17.72 -4.67 27.42
C SER G 29 -16.19 -4.64 27.49
N GLN G 30 -15.52 -5.76 27.16
CA GLN G 30 -14.05 -5.77 26.97
C GLN G 30 -13.67 -4.89 25.78
N ILE G 31 -14.44 -5.02 24.71
CA ILE G 31 -14.20 -4.23 23.51
C ILE G 31 -14.38 -2.73 23.80
N ASN G 32 -15.40 -2.36 24.56
CA ASN G 32 -15.61 -0.94 24.89
C ASN G 32 -14.53 -0.44 25.86
N ALA G 33 -14.06 -1.32 26.75
CA ALA G 33 -12.98 -0.95 27.67
C ALA G 33 -11.73 -0.58 26.89
N ALA G 34 -11.44 -1.37 25.84
CA ALA G 34 -10.35 -1.11 24.92
C ALA G 34 -10.54 0.21 24.18
N LEU G 35 -11.68 0.38 23.53
CA LEU G 35 -11.98 1.64 22.82
C LEU G 35 -11.80 2.86 23.74
N SER G 36 -12.30 2.76 24.97
CA SER G 36 -12.17 3.85 25.95
C SER G 36 -10.73 4.24 26.29
N ALA G 37 -9.84 3.26 26.46
CA ALA G 37 -8.43 3.49 26.78
C ALA G 37 -7.54 3.60 25.54
N ARG G 38 -8.14 3.82 24.36
CA ARG G 38 -7.45 3.85 23.07
C ARG G 38 -6.43 2.73 23.08
N GLN G 39 -6.92 1.53 23.27
CA GLN G 39 -6.16 0.30 23.47
C GLN G 39 -6.59 -0.82 22.51
N GLY G 40 -5.74 -1.83 22.40
CA GLY G 40 -5.99 -2.99 21.53
C GLY G 40 -6.63 -4.10 22.34
N ILE G 41 -7.01 -5.18 21.70
CA ILE G 41 -7.58 -6.33 22.39
C ILE G 41 -7.12 -7.65 21.78
N ARG G 42 -6.57 -8.52 22.60
CA ARG G 42 -6.30 -9.90 22.20
C ARG G 42 -7.55 -10.74 22.46
N ILE G 43 -7.88 -11.61 21.51
CA ILE G 43 -9.02 -12.51 21.65
C ILE G 43 -8.66 -13.99 21.60
N ASP G 44 -7.37 -14.29 21.67
CA ASP G 44 -6.88 -15.67 21.69
C ASP G 44 -6.57 -16.04 23.16
N ALA G 45 -5.69 -17.00 23.41
CA ALA G 45 -5.35 -17.41 24.77
C ALA G 45 -4.72 -16.30 25.62
N GLY G 46 -4.14 -15.30 24.98
CA GLY G 46 -3.61 -14.11 25.65
C GLY G 46 -4.67 -13.13 26.11
N GLY G 47 -5.88 -13.21 25.54
CA GLY G 47 -7.03 -12.41 26.01
C GLY G 47 -7.72 -13.04 27.20
N ILE G 48 -8.89 -12.50 27.57
CA ILE G 48 -9.62 -13.05 28.72
C ILE G 48 -10.15 -14.46 28.50
N ASP G 49 -10.37 -15.14 29.64
CA ASP G 49 -11.00 -16.46 29.71
C ASP G 49 -12.50 -16.27 30.00
N LEU G 50 -13.35 -16.70 29.08
CA LEU G 50 -14.81 -16.58 29.25
C LEU G 50 -15.41 -17.64 30.17
N VAL G 51 -14.68 -18.72 30.46
CA VAL G 51 -15.10 -19.73 31.45
C VAL G 51 -14.57 -19.28 32.80
N ASP G 52 -15.22 -18.26 33.34
CA ASP G 52 -14.80 -17.65 34.59
C ASP G 52 -16.08 -17.23 35.31
N PRO G 53 -16.42 -17.92 36.43
CA PRO G 53 -17.62 -17.65 37.22
C PRO G 53 -17.89 -16.17 37.48
N THR G 54 -16.85 -15.44 37.86
CA THR G 54 -16.94 -14.02 38.25
C THR G 54 -17.58 -13.12 37.20
N LEU G 55 -17.45 -13.50 35.92
CA LEU G 55 -18.02 -12.72 34.83
C LEU G 55 -19.55 -12.72 34.81
N TYR G 56 -20.14 -13.80 35.36
CA TYR G 56 -21.59 -14.03 35.30
C TYR G 56 -22.29 -14.03 36.67
N GLY G 57 -21.67 -13.45 37.70
CA GLY G 57 -22.28 -13.30 39.04
C GLY G 57 -21.93 -14.33 40.12
N TYR G 58 -21.30 -15.43 39.72
CA TYR G 58 -20.94 -16.52 40.64
C TYR G 58 -19.57 -16.30 41.26
N ALA G 59 -19.41 -16.58 42.55
CA ALA G 59 -18.09 -16.55 43.19
C ALA G 59 -17.30 -17.79 42.79
N VAL G 60 -15.98 -17.73 42.99
CA VAL G 60 -15.03 -18.66 42.35
C VAL G 60 -15.30 -20.17 42.61
N GLY G 61 -15.53 -20.53 43.86
CA GLY G 61 -15.74 -21.93 44.26
C GLY G 61 -17.19 -22.41 44.38
N ASP G 62 -18.15 -21.53 44.04
CA ASP G 62 -19.60 -21.84 44.08
C ASP G 62 -19.92 -23.08 43.23
N PRO G 63 -20.46 -24.14 43.88
CA PRO G 63 -20.67 -25.40 43.14
C PRO G 63 -21.79 -25.34 42.09
N ARG G 64 -22.71 -24.37 42.23
CA ARG G 64 -23.82 -24.18 41.27
C ARG G 64 -23.44 -23.42 40.00
N TRP G 65 -22.20 -22.95 39.92
CA TRP G 65 -21.59 -22.49 38.65
C TRP G 65 -21.71 -23.55 37.56
N LYS G 66 -21.36 -24.79 37.88
CA LYS G 66 -21.37 -25.90 36.91
C LYS G 66 -22.78 -26.25 36.40
N ASP G 67 -23.80 -25.98 37.21
CA ASP G 67 -25.20 -26.19 36.85
C ASP G 67 -25.82 -24.99 36.13
N SER G 68 -25.05 -23.92 35.92
CA SER G 68 -25.60 -22.68 35.34
C SER G 68 -25.86 -22.83 33.84
N PRO G 69 -26.82 -22.06 33.29
CA PRO G 69 -27.05 -22.06 31.85
C PRO G 69 -25.88 -21.45 31.03
N GLU G 70 -25.13 -20.56 31.67
CA GLU G 70 -23.90 -19.99 31.11
C GLU G 70 -22.84 -21.08 30.88
N TYR G 71 -22.47 -21.78 31.95
CA TYR G 71 -21.54 -22.92 31.82
C TYR G 71 -22.06 -24.00 30.86
N ALA G 72 -23.37 -24.20 30.83
CA ALA G 72 -23.98 -25.18 29.92
C ALA G 72 -23.64 -24.87 28.47
N LEU G 73 -23.83 -23.61 28.09
CA LEU G 73 -23.51 -23.11 26.76
C LEU G 73 -22.02 -23.28 26.44
N LEU G 74 -21.18 -22.72 27.31
CA LEU G 74 -19.74 -22.62 27.06
C LEU G 74 -19.05 -23.97 27.01
N SER G 75 -19.35 -24.82 27.99
CA SER G 75 -18.71 -26.14 28.08
C SER G 75 -19.16 -27.15 27.02
N ASN G 76 -20.26 -26.88 26.30
CA ASN G 76 -20.73 -27.73 25.18
C ASN G 76 -20.17 -27.37 23.79
N LEU G 77 -19.35 -26.32 23.69
CA LEU G 77 -18.81 -25.87 22.40
C LEU G 77 -17.63 -26.73 21.96
N ASP G 78 -17.53 -26.98 20.65
CA ASP G 78 -16.37 -27.68 20.06
C ASP G 78 -15.00 -27.11 20.46
N THR G 79 -14.92 -25.81 20.69
CA THR G 79 -13.67 -25.12 21.03
C THR G 79 -13.32 -25.11 22.53
N PHE G 80 -14.23 -25.60 23.37
CA PHE G 80 -14.03 -25.62 24.82
C PHE G 80 -12.91 -26.59 25.20
N SER G 81 -12.06 -26.18 26.14
CA SER G 81 -10.96 -27.02 26.58
C SER G 81 -10.61 -26.77 28.05
N GLY G 82 -11.63 -26.48 28.86
CA GLY G 82 -11.44 -26.05 30.25
C GLY G 82 -11.39 -24.53 30.34
N LYS G 83 -10.64 -23.92 29.44
CA LYS G 83 -10.66 -22.47 29.21
C LYS G 83 -11.41 -22.19 27.93
N LEU G 84 -11.66 -20.91 27.65
CA LEU G 84 -12.33 -20.51 26.42
C LEU G 84 -12.05 -19.06 26.11
N SER G 85 -11.29 -18.82 25.04
CA SER G 85 -10.98 -17.46 24.60
C SER G 85 -12.18 -16.83 23.91
N ILE G 86 -12.10 -15.52 23.69
CA ILE G 86 -13.14 -14.81 22.97
C ILE G 86 -13.28 -15.35 21.55
N LYS G 87 -12.15 -15.69 20.91
CA LYS G 87 -12.17 -16.25 19.57
C LYS G 87 -12.73 -17.67 19.56
N ASP G 88 -12.35 -18.46 20.57
CA ASP G 88 -12.93 -19.80 20.74
C ASP G 88 -14.46 -19.76 20.84
N PHE G 89 -14.99 -18.82 21.61
CA PHE G 89 -16.44 -18.67 21.75
C PHE G 89 -17.11 -18.22 20.46
N LEU G 90 -16.58 -17.15 19.87
CA LEU G 90 -17.16 -16.59 18.65
C LEU G 90 -17.10 -17.55 17.48
N SER G 91 -16.03 -18.36 17.41
CA SER G 91 -15.88 -19.37 16.35
C SER G 91 -16.52 -20.71 16.71
N GLY G 92 -16.72 -20.95 18.01
CA GLY G 92 -17.26 -22.22 18.49
C GLY G 92 -18.74 -22.46 18.17
N SER G 93 -19.08 -23.74 18.02
CA SER G 93 -20.44 -24.21 17.80
C SER G 93 -20.68 -25.37 18.78
N PRO G 94 -21.96 -25.61 19.21
CA PRO G 94 -23.23 -24.99 18.79
C PRO G 94 -23.68 -23.81 19.63
N LYS G 95 -24.21 -22.78 18.97
CA LYS G 95 -24.89 -21.67 19.62
C LYS G 95 -25.75 -20.95 18.58
N GLN G 96 -26.78 -20.25 19.05
CA GLN G 96 -27.82 -19.75 18.15
C GLN G 96 -27.46 -18.53 17.27
N SER G 97 -26.30 -17.91 17.52
CA SER G 97 -25.77 -16.85 16.65
C SER G 97 -24.80 -17.38 15.57
N GLY G 98 -24.68 -18.71 15.46
CA GLY G 98 -23.83 -19.31 14.45
C GLY G 98 -22.37 -19.23 14.83
N GLU G 99 -21.52 -18.99 13.84
CA GLU G 99 -20.06 -18.99 14.00
C GLU G 99 -19.46 -17.77 13.32
N LEU G 100 -18.29 -17.33 13.80
CA LEU G 100 -17.47 -16.33 13.11
C LEU G 100 -16.11 -16.96 12.82
N LYS G 101 -15.82 -17.24 11.56
CA LYS G 101 -14.53 -17.82 11.16
C LYS G 101 -13.57 -16.71 10.71
N GLY G 102 -12.28 -17.01 10.77
CA GLY G 102 -11.23 -16.13 10.27
C GLY G 102 -11.16 -14.77 10.94
N LEU G 103 -11.26 -14.75 12.27
CA LEU G 103 -10.95 -13.59 13.07
C LEU G 103 -9.49 -13.69 13.42
N SER G 104 -8.79 -12.57 13.45
CA SER G 104 -7.38 -12.57 13.86
C SER G 104 -7.25 -12.71 15.38
N ASP G 105 -6.09 -13.15 15.84
CA ASP G 105 -5.84 -13.34 17.27
C ASP G 105 -5.79 -12.03 18.09
N GLU G 106 -5.59 -10.90 17.41
CA GLU G 106 -5.66 -9.60 18.08
C GLU G 106 -6.20 -8.54 17.13
N TYR G 107 -6.71 -7.47 17.73
CA TYR G 107 -7.15 -6.30 17.00
C TYR G 107 -6.49 -5.14 17.75
N PRO G 108 -5.42 -4.55 17.15
CA PRO G 108 -4.61 -3.53 17.85
C PRO G 108 -5.15 -2.15 17.62
N PHE G 109 -4.87 -1.24 18.56
CA PHE G 109 -5.28 0.14 18.35
C PHE G 109 -4.48 0.74 17.19
N GLU G 110 -5.21 1.26 16.21
CA GLU G 110 -4.67 2.14 15.17
C GLU G 110 -5.43 3.48 15.18
N LYS G 111 -4.87 4.47 14.52
CA LYS G 111 -5.38 5.84 14.59
C LYS G 111 -6.40 6.17 13.51
N ASP G 112 -6.45 5.37 12.45
CA ASP G 112 -7.35 5.59 11.33
C ASP G 112 -7.90 4.23 11.02
N ASN G 113 -9.23 4.13 10.93
CA ASN G 113 -9.90 2.85 10.72
C ASN G 113 -9.49 1.84 11.80
N ASN G 114 -9.57 2.27 13.07
CA ASN G 114 -9.19 1.45 14.23
C ASN G 114 -9.76 0.02 14.08
N PRO G 115 -8.90 -1.01 14.04
CA PRO G 115 -9.39 -2.40 13.98
C PRO G 115 -10.24 -2.83 15.19
N VAL G 116 -10.05 -2.20 16.36
CA VAL G 116 -10.90 -2.48 17.52
C VAL G 116 -12.34 -2.06 17.19
N GLY G 117 -12.50 -0.87 16.63
CA GLY G 117 -13.80 -0.37 16.15
C GLY G 117 -14.49 -1.28 15.15
N ASN G 118 -13.74 -1.85 14.21
CA ASN G 118 -14.31 -2.76 13.20
C ASN G 118 -14.73 -4.10 13.81
N PHE G 119 -13.97 -4.56 14.80
CA PHE G 119 -14.31 -5.76 15.57
C PHE G 119 -15.55 -5.53 16.42
N ALA G 120 -15.63 -4.36 17.06
CA ALA G 120 -16.81 -3.94 17.83
C ALA G 120 -18.09 -4.01 17.00
N THR G 121 -18.00 -3.54 15.76
CA THR G 121 -19.11 -3.62 14.82
C THR G 121 -19.42 -5.07 14.42
N THR G 122 -18.40 -5.88 14.14
CA THR G 122 -18.62 -7.29 13.80
C THR G 122 -19.32 -8.08 14.93
N VAL G 123 -18.90 -7.82 16.18
CA VAL G 123 -19.48 -8.49 17.35
C VAL G 123 -20.88 -7.96 17.66
N SER G 124 -21.05 -6.63 17.59
CA SER G 124 -22.37 -5.98 17.77
C SER G 124 -23.47 -6.47 16.81
N ASP G 125 -23.10 -6.90 15.59
CA ASP G 125 -24.05 -7.47 14.62
C ASP G 125 -24.38 -8.96 14.85
N ARG G 126 -24.04 -9.48 16.02
CA ARG G 126 -24.52 -10.79 16.48
C ARG G 126 -25.45 -10.69 17.69
N SER G 127 -25.17 -9.81 18.66
CA SER G 127 -26.14 -9.53 19.73
C SER G 127 -27.50 -9.06 19.14
N ARG G 128 -27.45 -8.56 17.90
CA ARG G 128 -28.57 -8.59 16.97
C ARG G 128 -28.52 -9.90 16.17
N ALA H 1 -47.20 21.61 -42.00
CA ALA H 1 -48.26 22.56 -42.40
C ALA H 1 -49.17 22.90 -41.21
N ILE H 2 -50.06 21.98 -40.81
CA ILE H 2 -51.31 22.38 -40.13
C ILE H 2 -51.02 23.09 -38.81
N GLN H 3 -51.56 24.30 -38.68
CA GLN H 3 -51.33 25.18 -37.54
C GLN H 3 -52.53 25.20 -36.64
N MET H 4 -52.30 24.96 -35.35
CA MET H 4 -53.34 25.02 -34.35
C MET H 4 -53.20 26.28 -33.52
N THR H 5 -54.30 27.00 -33.34
CA THR H 5 -54.31 28.26 -32.63
C THR H 5 -55.31 28.15 -31.50
N GLN H 6 -54.81 28.02 -30.27
CA GLN H 6 -55.68 28.05 -29.09
C GLN H 6 -56.03 29.49 -28.72
N SER H 7 -57.06 29.65 -27.92
CA SER H 7 -57.34 30.92 -27.27
C SER H 7 -58.36 30.70 -26.14
N PRO H 8 -58.27 31.51 -25.06
CA PRO H 8 -57.28 32.58 -24.87
C PRO H 8 -55.91 32.01 -24.51
N SER H 9 -54.84 32.77 -24.70
CA SER H 9 -53.48 32.33 -24.29
C SER H 9 -53.42 32.05 -22.80
N SER H 10 -54.17 32.82 -22.02
CA SER H 10 -54.37 32.54 -20.60
C SER H 10 -55.71 33.11 -20.14
N LEU H 11 -56.06 32.79 -18.91
CA LEU H 11 -57.42 32.94 -18.45
C LEU H 11 -57.45 32.75 -16.94
N SER H 12 -58.23 33.56 -16.25
CA SER H 12 -58.34 33.47 -14.80
C SER H 12 -59.75 33.02 -14.41
N ALA H 13 -59.86 32.20 -13.37
CA ALA H 13 -61.18 31.70 -12.93
C ALA H 13 -61.12 31.14 -11.54
N SER H 14 -62.28 30.94 -10.94
CA SER H 14 -62.38 30.45 -9.57
C SER H 14 -62.91 29.03 -9.50
N VAL H 15 -62.61 28.37 -8.38
CA VAL H 15 -63.17 27.05 -8.10
C VAL H 15 -64.68 27.14 -8.27
N GLY H 16 -65.24 26.26 -9.10
CA GLY H 16 -66.69 26.24 -9.37
C GLY H 16 -67.11 26.83 -10.70
N ASP H 17 -66.30 27.72 -11.27
CA ASP H 17 -66.61 28.35 -12.57
C ASP H 17 -66.71 27.35 -13.72
N ARG H 18 -67.29 27.83 -14.81
CA ARG H 18 -67.42 27.08 -16.04
C ARG H 18 -66.41 27.63 -17.04
N VAL H 19 -65.39 26.83 -17.35
CA VAL H 19 -64.26 27.25 -18.18
C VAL H 19 -64.34 26.64 -19.58
N THR H 20 -63.89 27.40 -20.59
CA THR H 20 -64.03 26.99 -21.98
C THR H 20 -62.85 27.47 -22.82
N ILE H 21 -62.06 26.52 -23.30
CA ILE H 21 -60.87 26.79 -24.10
C ILE H 21 -61.19 26.37 -25.52
N THR H 22 -60.66 27.13 -26.48
CA THR H 22 -60.96 26.95 -27.89
C THR H 22 -59.68 26.63 -28.63
N CYS H 23 -59.78 25.76 -29.63
CA CYS H 23 -58.66 25.39 -30.48
C CYS H 23 -59.16 25.40 -31.92
N ARG H 24 -58.44 26.11 -32.80
CA ARG H 24 -58.82 26.31 -34.20
C ARG H 24 -57.72 25.82 -35.10
N ALA H 25 -58.09 25.01 -36.09
CA ALA H 25 -57.14 24.49 -37.08
C ALA H 25 -57.19 25.33 -38.35
N SER H 26 -56.06 25.45 -39.02
CA SER H 26 -55.97 26.17 -40.28
C SER H 26 -56.58 25.42 -41.47
N GLN H 27 -57.05 24.19 -41.25
CA GLN H 27 -57.50 23.25 -42.27
C GLN H 27 -58.37 22.22 -41.56
N GLY H 28 -59.19 21.49 -42.31
CA GLY H 28 -60.06 20.47 -41.71
C GLY H 28 -59.25 19.33 -41.14
N ILE H 29 -59.59 18.92 -39.91
CA ILE H 29 -58.93 17.79 -39.23
C ILE H 29 -59.94 16.79 -38.66
N ARG H 30 -61.17 16.78 -39.20
CA ARG H 30 -62.17 15.79 -38.83
C ARG H 30 -62.45 15.84 -37.31
N ASN H 31 -62.32 14.72 -36.58
CA ASN H 31 -62.37 14.72 -35.13
C ASN H 31 -61.03 14.33 -34.54
N ASP H 32 -59.97 14.48 -35.33
CA ASP H 32 -58.67 13.92 -34.95
C ASP H 32 -57.89 14.97 -34.17
N LEU H 33 -58.37 15.20 -32.95
CA LEU H 33 -57.87 16.24 -32.08
C LEU H 33 -57.94 15.78 -30.64
N GLY H 34 -56.82 15.85 -29.94
CA GLY H 34 -56.76 15.56 -28.50
C GLY H 34 -56.47 16.76 -27.63
N TRP H 35 -56.78 16.62 -26.34
CA TRP H 35 -56.49 17.63 -25.33
C TRP H 35 -55.60 17.03 -24.24
N TYR H 36 -54.52 17.76 -23.93
CA TYR H 36 -53.57 17.38 -22.89
C TYR H 36 -53.51 18.45 -21.80
N GLN H 37 -53.30 18.03 -20.56
CA GLN H 37 -53.11 18.89 -19.38
C GLN H 37 -51.62 18.78 -18.98
N GLN H 38 -50.99 19.91 -18.68
CA GLN H 38 -49.64 19.90 -18.09
C GLN H 38 -49.58 20.83 -16.90
N LYS H 39 -48.88 20.38 -15.85
CA LYS H 39 -48.52 21.23 -14.70
C LYS H 39 -47.01 21.44 -14.66
N PRO H 40 -46.54 22.51 -13.98
CA PRO H 40 -45.10 22.84 -14.11
C PRO H 40 -44.18 21.75 -13.59
N GLY H 41 -43.13 21.46 -14.37
CA GLY H 41 -42.15 20.43 -14.07
C GLY H 41 -42.71 19.02 -13.99
N LYS H 42 -43.73 18.74 -14.80
CA LYS H 42 -44.35 17.41 -14.86
C LYS H 42 -44.74 17.07 -16.28
N ALA H 43 -44.94 15.79 -16.51
CA ALA H 43 -45.21 15.28 -17.83
C ALA H 43 -46.66 15.59 -18.20
N PRO H 44 -46.95 15.78 -19.52
CA PRO H 44 -48.33 15.97 -19.92
C PRO H 44 -49.18 14.71 -19.71
N LYS H 45 -50.48 14.94 -19.63
CA LYS H 45 -51.46 13.91 -19.36
C LYS H 45 -52.56 14.03 -20.40
N LEU H 46 -52.90 12.94 -21.07
CA LEU H 46 -53.99 12.95 -22.03
C LEU H 46 -55.32 12.97 -21.28
N LEU H 47 -56.19 13.89 -21.68
CA LEU H 47 -57.51 14.06 -21.09
C LEU H 47 -58.63 13.65 -22.02
N ILE H 48 -58.58 14.15 -23.25
CA ILE H 48 -59.61 13.90 -24.23
C ILE H 48 -58.98 13.59 -25.59
N TYR H 49 -59.53 12.60 -26.29
CA TYR H 49 -59.13 12.28 -27.66
C TYR H 49 -60.33 12.11 -28.59
N SER H 50 -60.04 12.12 -29.89
CA SER H 50 -61.06 12.00 -30.93
C SER H 50 -62.12 13.08 -30.73
N ALA H 51 -61.63 14.28 -30.41
CA ALA H 51 -62.44 15.48 -30.16
C ALA H 51 -63.28 15.47 -28.87
N SER H 52 -63.92 14.35 -28.55
CA SER H 52 -64.88 14.30 -27.44
C SER H 52 -64.87 13.03 -26.56
N THR H 53 -63.91 12.13 -26.72
CA THR H 53 -63.91 10.91 -25.90
C THR H 53 -63.04 11.15 -24.70
N LEU H 54 -63.54 10.79 -23.54
CA LEU H 54 -62.83 11.01 -22.29
C LEU H 54 -61.84 9.88 -22.08
N GLN H 55 -60.58 10.21 -21.82
CA GLN H 55 -59.58 9.20 -21.39
C GLN H 55 -60.06 8.63 -20.07
N SER H 56 -59.86 7.34 -19.85
CA SER H 56 -60.44 6.73 -18.66
C SER H 56 -59.68 7.23 -17.42
N GLY H 57 -60.40 7.41 -16.32
CA GLY H 57 -59.85 8.03 -15.12
C GLY H 57 -60.11 9.52 -15.03
N VAL H 58 -60.24 10.19 -16.18
CA VAL H 58 -60.50 11.62 -16.21
C VAL H 58 -61.95 11.87 -15.75
N PRO H 59 -62.15 12.78 -14.78
CA PRO H 59 -63.51 12.95 -14.23
C PRO H 59 -64.50 13.64 -15.19
N SER H 60 -65.79 13.40 -14.96
CA SER H 60 -66.84 13.79 -15.91
C SER H 60 -67.04 15.30 -16.15
N ARG H 61 -66.52 16.14 -15.26
CA ARG H 61 -66.58 17.61 -15.47
C ARG H 61 -65.85 18.06 -16.75
N PHE H 62 -64.82 17.32 -17.16
CA PHE H 62 -64.18 17.57 -18.45
C PHE H 62 -65.03 17.01 -19.59
N SER H 63 -65.05 17.75 -20.69
CA SER H 63 -65.82 17.35 -21.86
C SER H 63 -65.24 18.05 -23.09
N GLY H 64 -65.35 17.37 -24.23
CA GLY H 64 -64.76 17.82 -25.47
C GLY H 64 -65.83 17.92 -26.53
N SER H 65 -65.55 18.71 -27.55
CA SER H 65 -66.54 19.01 -28.55
C SER H 65 -65.87 19.58 -29.79
N GLY H 66 -66.53 19.42 -30.94
CA GLY H 66 -66.11 20.08 -32.19
C GLY H 66 -65.88 19.12 -33.34
N SER H 67 -65.85 19.69 -34.55
CA SER H 67 -65.49 18.98 -35.78
C SER H 67 -64.95 19.92 -36.82
N GLY H 68 -64.13 19.39 -37.71
CA GLY H 68 -63.63 20.15 -38.84
C GLY H 68 -62.44 21.00 -38.43
N THR H 69 -62.71 22.25 -38.06
CA THR H 69 -61.67 23.21 -37.67
C THR H 69 -61.81 23.84 -36.28
N ASP H 70 -63.00 23.85 -35.70
CA ASP H 70 -63.23 24.54 -34.43
C ASP H 70 -63.54 23.52 -33.33
N PHE H 71 -62.76 23.54 -32.24
CA PHE H 71 -62.92 22.59 -31.12
C PHE H 71 -62.92 23.27 -29.77
N THR H 72 -63.40 22.54 -28.76
CA THR H 72 -63.73 23.10 -27.45
C THR H 72 -63.51 22.11 -26.30
N LEU H 73 -62.57 22.42 -25.41
CA LEU H 73 -62.47 21.75 -24.11
C LEU H 73 -63.30 22.56 -23.14
N THR H 74 -63.96 21.89 -22.21
CA THR H 74 -64.89 22.52 -21.27
C THR H 74 -64.83 21.83 -19.92
N ILE H 75 -64.55 22.61 -18.88
CA ILE H 75 -64.59 22.12 -17.51
C ILE H 75 -65.86 22.74 -16.91
N SER H 76 -66.79 21.89 -16.51
CA SER H 76 -68.12 22.36 -16.10
C SER H 76 -68.08 23.07 -14.74
N SER H 77 -67.36 22.49 -13.79
CA SER H 77 -67.20 23.07 -12.45
C SER H 77 -65.74 22.93 -12.00
N LEU H 78 -64.95 23.94 -12.33
CA LEU H 78 -63.49 23.95 -12.09
C LEU H 78 -63.09 23.57 -10.67
N GLN H 79 -62.01 22.84 -10.52
CA GLN H 79 -61.59 22.34 -9.21
C GLN H 79 -60.13 22.73 -8.97
N PRO H 80 -59.66 22.62 -7.70
CA PRO H 80 -58.27 22.97 -7.41
C PRO H 80 -57.24 22.27 -8.30
N GLU H 81 -57.46 20.99 -8.60
CA GLU H 81 -56.52 20.17 -9.41
C GLU H 81 -56.45 20.61 -10.88
N ASP H 82 -57.44 21.37 -11.35
CA ASP H 82 -57.54 21.72 -12.78
C ASP H 82 -56.74 22.97 -13.18
N PHE H 83 -56.10 23.63 -12.23
CA PHE H 83 -55.31 24.82 -12.58
C PHE H 83 -54.01 24.34 -13.17
N ALA H 84 -53.84 24.65 -14.46
CA ALA H 84 -52.79 24.07 -15.26
C ALA H 84 -52.77 24.70 -16.64
N THR H 85 -51.85 24.26 -17.49
CA THR H 85 -51.86 24.63 -18.91
C THR H 85 -52.47 23.47 -19.73
N TYR H 86 -53.26 23.80 -20.75
CA TYR H 86 -53.94 22.83 -21.61
C TYR H 86 -53.51 23.01 -23.05
N TYR H 87 -53.13 21.92 -23.71
CA TYR H 87 -52.73 21.94 -25.13
C TYR H 87 -53.63 21.04 -25.96
N CYS H 88 -53.92 21.49 -27.18
CA CYS H 88 -54.62 20.68 -28.16
C CYS H 88 -53.61 20.11 -29.14
N LEU H 89 -53.94 18.94 -29.68
CA LEU H 89 -53.08 18.26 -30.67
C LEU H 89 -53.90 17.72 -31.85
N GLN H 90 -53.51 18.09 -33.07
CA GLN H 90 -54.04 17.46 -34.28
C GLN H 90 -53.14 16.33 -34.70
N ASP H 91 -53.72 15.17 -35.02
CA ASP H 91 -52.98 14.07 -35.68
C ASP H 91 -53.58 13.60 -37.01
N TYR H 92 -54.38 14.47 -37.63
CA TYR H 92 -54.91 14.19 -38.95
C TYR H 92 -53.82 14.15 -40.04
N ASN H 93 -52.95 15.15 -40.06
CA ASN H 93 -51.77 15.17 -40.96
C ASN H 93 -50.46 15.07 -40.20
N TYR H 94 -49.46 14.49 -40.85
CA TYR H 94 -48.08 14.57 -40.39
C TYR H 94 -47.47 15.82 -41.04
N PRO H 95 -46.71 16.64 -40.29
CA PRO H 95 -46.38 16.59 -38.87
C PRO H 95 -47.60 16.83 -38.01
N TRP H 96 -47.71 16.07 -36.93
CA TRP H 96 -48.71 16.37 -35.91
C TRP H 96 -48.27 17.68 -35.25
N THR H 97 -49.23 18.49 -34.82
CA THR H 97 -48.92 19.82 -34.31
C THR H 97 -49.78 20.18 -33.11
N PHE H 98 -49.15 20.83 -32.13
CA PHE H 98 -49.82 21.24 -30.90
C PHE H 98 -50.30 22.67 -31.00
N GLY H 99 -51.34 23.01 -30.26
CA GLY H 99 -51.66 24.40 -30.00
C GLY H 99 -50.63 25.04 -29.09
N GLN H 100 -50.59 26.37 -29.07
CA GLN H 100 -49.54 27.08 -28.32
C GLN H 100 -49.78 27.11 -26.83
N GLY H 101 -50.94 26.65 -26.37
CA GLY H 101 -51.20 26.40 -24.96
C GLY H 101 -52.12 27.43 -24.39
N THR H 102 -52.80 27.08 -23.29
CA THR H 102 -53.72 27.96 -22.59
C THR H 102 -53.58 27.76 -21.09
N LYS H 103 -53.02 28.74 -20.39
CA LYS H 103 -52.84 28.66 -18.94
C LYS H 103 -54.13 29.00 -18.22
N VAL H 104 -54.51 28.20 -17.24
CA VAL H 104 -55.69 28.47 -16.42
C VAL H 104 -55.20 28.79 -15.01
N GLU H 105 -55.17 30.08 -14.70
CA GLU H 105 -54.64 30.60 -13.42
C GLU H 105 -55.81 30.81 -12.44
N ILE H 106 -55.49 30.69 -11.15
CA ILE H 106 -56.45 30.94 -10.07
C ILE H 106 -56.70 32.43 -9.91
N LYS H 107 -57.98 32.81 -9.81
CA LYS H 107 -58.38 34.22 -9.72
C LYS H 107 -58.59 34.63 -8.27
N ARG H 108 -58.21 35.87 -7.95
CA ARG H 108 -58.29 36.40 -6.58
C ARG H 108 -58.41 37.94 -6.56
N THR H 109 -58.59 38.50 -5.37
CA THR H 109 -58.61 39.97 -5.15
C THR H 109 -57.31 40.62 -5.62
N VAL H 110 -57.37 41.89 -6.04
CA VAL H 110 -56.15 42.64 -6.43
C VAL H 110 -55.27 42.82 -5.18
N ALA H 111 -53.95 42.77 -5.38
CA ALA H 111 -53.00 42.94 -4.28
C ALA H 111 -51.78 43.67 -4.81
N ALA H 112 -51.35 44.68 -4.08
CA ALA H 112 -50.24 45.50 -4.52
C ALA H 112 -48.92 44.81 -4.18
N PRO H 113 -47.91 44.98 -5.04
CA PRO H 113 -46.60 44.47 -4.69
C PRO H 113 -45.95 45.37 -3.65
N SER H 114 -45.39 44.80 -2.59
CA SER H 114 -44.37 45.51 -1.83
C SER H 114 -43.12 45.50 -2.73
N VAL H 115 -42.53 46.68 -2.94
CA VAL H 115 -41.36 46.85 -3.81
C VAL H 115 -40.09 47.08 -2.98
N PHE H 116 -38.98 46.49 -3.43
CA PHE H 116 -37.69 46.60 -2.76
C PHE H 116 -36.62 46.73 -3.84
N ILE H 117 -35.56 47.50 -3.54
CA ILE H 117 -34.42 47.64 -4.45
C ILE H 117 -33.14 47.25 -3.72
N PHE H 118 -32.19 46.70 -4.45
CA PHE H 118 -30.95 46.15 -3.88
C PHE H 118 -29.76 46.67 -4.66
N PRO H 119 -28.83 47.36 -3.98
CA PRO H 119 -27.64 47.75 -4.74
C PRO H 119 -26.73 46.55 -4.99
N PRO H 120 -25.79 46.69 -5.92
CA PRO H 120 -24.73 45.70 -6.08
C PRO H 120 -23.98 45.49 -4.79
N SER H 121 -23.68 44.24 -4.45
CA SER H 121 -22.79 43.93 -3.34
C SER H 121 -21.39 44.46 -3.64
N ASP H 122 -20.68 44.82 -2.57
CA ASP H 122 -19.28 45.27 -2.66
C ASP H 122 -18.45 44.14 -3.30
N GLU H 123 -18.73 42.90 -2.89
CA GLU H 123 -18.01 41.74 -3.40
C GLU H 123 -18.12 41.61 -4.92
N GLN H 124 -19.32 41.83 -5.47
CA GLN H 124 -19.51 41.76 -6.93
C GLN H 124 -18.71 42.83 -7.65
N LEU H 125 -18.68 44.04 -7.09
CA LEU H 125 -17.97 45.16 -7.71
C LEU H 125 -16.47 44.91 -7.92
N LYS H 126 -15.86 44.11 -7.03
CA LYS H 126 -14.49 43.62 -7.25
C LYS H 126 -14.33 42.89 -8.59
N SER H 127 -15.33 42.11 -8.97
CA SER H 127 -15.31 41.33 -10.22
C SER H 127 -15.40 42.19 -11.49
N GLY H 128 -15.93 43.40 -11.39
CA GLY H 128 -16.01 44.32 -12.54
C GLY H 128 -17.38 44.45 -13.20
N THR H 129 -18.42 43.90 -12.57
CA THR H 129 -19.81 44.02 -13.05
C THR H 129 -20.70 44.47 -11.91
N ALA H 130 -21.79 45.18 -12.25
CA ALA H 130 -22.76 45.65 -11.27
C ALA H 130 -24.18 45.19 -11.62
N SER H 131 -24.82 44.54 -10.66
CA SER H 131 -26.17 44.01 -10.83
C SER H 131 -27.07 44.67 -9.80
N VAL H 132 -28.04 45.42 -10.29
CA VAL H 132 -29.02 46.07 -9.44
C VAL H 132 -30.32 45.31 -9.59
N VAL H 133 -30.93 44.91 -8.48
CA VAL H 133 -32.11 44.06 -8.49
C VAL H 133 -33.31 44.76 -7.88
N CYS H 134 -34.42 44.79 -8.62
CA CYS H 134 -35.69 45.24 -8.08
C CYS H 134 -36.63 44.06 -7.87
N LEU H 135 -37.29 44.03 -6.72
CA LEU H 135 -38.18 42.94 -6.36
C LEU H 135 -39.59 43.45 -6.16
N LEU H 136 -40.55 42.94 -6.93
CA LEU H 136 -41.97 43.14 -6.62
C LEU H 136 -42.43 41.85 -5.95
N ASN H 137 -42.99 41.96 -4.76
CA ASN H 137 -43.27 40.78 -3.94
C ASN H 137 -44.77 40.61 -3.73
N ASN H 138 -45.27 39.42 -4.01
CA ASN H 138 -46.66 38.99 -3.71
C ASN H 138 -47.77 39.92 -4.20
N PHE H 139 -47.96 39.94 -5.52
CA PHE H 139 -48.97 40.77 -6.19
C PHE H 139 -49.93 39.99 -7.09
N TYR H 140 -51.04 40.64 -7.46
CA TYR H 140 -52.04 40.11 -8.39
C TYR H 140 -52.82 41.28 -8.98
N PRO H 141 -53.09 41.25 -10.30
CA PRO H 141 -52.78 40.24 -11.33
C PRO H 141 -51.31 40.26 -11.76
N ARG H 142 -50.95 39.37 -12.68
CA ARG H 142 -49.56 39.19 -13.14
C ARG H 142 -48.99 40.41 -13.91
N GLU H 143 -49.86 41.21 -14.52
CA GLU H 143 -49.41 42.36 -15.33
C GLU H 143 -48.68 43.38 -14.47
N ALA H 144 -47.52 43.84 -14.95
CA ALA H 144 -46.72 44.82 -14.23
C ALA H 144 -45.67 45.45 -15.15
N LYS H 145 -45.52 46.77 -15.04
CA LYS H 145 -44.48 47.50 -15.75
C LYS H 145 -43.40 47.86 -14.74
N VAL H 146 -42.15 47.57 -15.07
CA VAL H 146 -41.01 47.93 -14.25
C VAL H 146 -40.06 48.75 -15.12
N GLN H 147 -39.80 50.00 -14.73
CA GLN H 147 -38.88 50.86 -15.44
C GLN H 147 -37.68 51.23 -14.59
N TRP H 148 -36.50 51.04 -15.17
CA TRP H 148 -35.26 51.50 -14.53
C TRP H 148 -34.97 52.93 -14.97
N LYS H 149 -34.63 53.79 -14.00
CA LYS H 149 -34.10 55.14 -14.28
C LYS H 149 -32.72 55.26 -13.61
N VAL H 150 -31.73 55.78 -14.35
CA VAL H 150 -30.38 56.05 -13.83
C VAL H 150 -30.07 57.55 -14.00
N ASP H 151 -30.17 58.33 -12.90
CA ASP H 151 -30.16 59.81 -12.94
C ASP H 151 -31.28 60.34 -13.85
N ASN H 152 -32.49 59.82 -13.61
CA ASN H 152 -33.68 60.09 -14.45
C ASN H 152 -33.55 59.85 -15.96
N ALA H 153 -32.67 58.92 -16.36
CA ALA H 153 -32.58 58.44 -17.75
C ALA H 153 -33.25 57.06 -17.85
N LEU H 154 -34.43 57.03 -18.46
CA LEU H 154 -35.21 55.77 -18.65
C LEU H 154 -34.30 54.77 -19.35
N GLN H 155 -34.04 53.65 -18.70
CA GLN H 155 -33.04 52.69 -19.16
C GLN H 155 -33.71 51.66 -20.06
N SER H 156 -32.98 51.13 -21.03
CA SER H 156 -33.56 50.32 -22.10
C SER H 156 -32.59 49.27 -22.62
N GLY H 157 -33.04 48.01 -22.66
CA GLY H 157 -32.27 46.90 -23.25
C GLY H 157 -31.03 46.43 -22.51
N ASN H 158 -30.92 46.75 -21.21
CA ASN H 158 -29.84 46.28 -20.34
C ASN H 158 -30.36 45.67 -19.02
N SER H 159 -31.60 45.15 -19.04
CA SER H 159 -32.23 44.51 -17.89
C SER H 159 -33.05 43.30 -18.29
N GLN H 160 -33.25 42.36 -17.35
CA GLN H 160 -34.01 41.11 -17.60
C GLN H 160 -34.97 40.83 -16.45
N GLU H 161 -36.13 40.27 -16.77
CA GLU H 161 -37.18 39.99 -15.78
C GLU H 161 -37.37 38.48 -15.60
N SER H 162 -38.05 38.12 -14.53
CA SER H 162 -38.40 36.74 -14.23
C SER H 162 -39.54 36.75 -13.23
N VAL H 163 -40.44 35.77 -13.34
CA VAL H 163 -41.69 35.76 -12.56
C VAL H 163 -41.93 34.39 -11.96
N THR H 164 -42.34 34.33 -10.71
CA THR H 164 -42.66 33.05 -10.09
C THR H 164 -43.97 32.52 -10.66
N GLU H 165 -44.19 31.22 -10.48
CA GLU H 165 -45.51 30.63 -10.68
C GLU H 165 -46.43 31.16 -9.57
N GLN H 166 -47.71 31.19 -9.86
CA GLN H 166 -48.74 31.56 -8.90
C GLN H 166 -48.57 30.75 -7.61
N ASP H 167 -48.65 31.41 -6.45
CA ASP H 167 -48.36 30.78 -5.17
C ASP H 167 -49.47 29.80 -4.75
N SER H 168 -49.08 28.69 -4.14
CA SER H 168 -50.06 27.71 -3.65
C SER H 168 -50.83 28.19 -2.41
N LYS H 169 -50.23 29.10 -1.62
CA LYS H 169 -50.86 29.63 -0.39
C LYS H 169 -51.83 30.80 -0.68
N ASP H 170 -51.32 31.87 -1.30
CA ASP H 170 -52.09 33.12 -1.48
C ASP H 170 -52.39 33.52 -2.94
N SER H 171 -52.04 32.66 -3.89
CA SER H 171 -52.30 32.89 -5.33
C SER H 171 -51.69 34.17 -5.94
N THR H 172 -50.59 34.66 -5.36
CA THR H 172 -49.91 35.86 -5.86
C THR H 172 -48.73 35.51 -6.74
N TYR H 173 -48.20 36.51 -7.41
CA TYR H 173 -46.97 36.41 -8.21
C TYR H 173 -45.89 37.27 -7.55
N SER H 174 -44.65 37.05 -7.94
CA SER H 174 -43.52 37.89 -7.53
C SER H 174 -42.62 38.04 -8.73
N LEU H 175 -41.96 39.19 -8.84
CA LEU H 175 -41.17 39.53 -10.03
C LEU H 175 -39.80 40.05 -9.62
N SER H 176 -38.79 39.69 -10.42
CA SER H 176 -37.42 40.15 -10.23
C SER H 176 -37.02 40.82 -11.53
N SER H 177 -36.66 42.10 -11.48
CA SER H 177 -35.99 42.74 -12.61
C SER H 177 -34.55 43.01 -12.20
N THR H 178 -33.62 42.74 -13.12
CA THR H 178 -32.19 42.84 -12.82
C THR H 178 -31.54 43.71 -13.89
N LEU H 179 -31.12 44.91 -13.48
CA LEU H 179 -30.37 45.85 -14.33
C LEU H 179 -28.90 45.53 -14.22
N THR H 180 -28.22 45.41 -15.37
CA THR H 180 -26.82 44.99 -15.42
C THR H 180 -25.96 46.01 -16.17
N LEU H 181 -24.90 46.49 -15.51
CA LEU H 181 -23.96 47.48 -16.05
C LEU H 181 -22.55 47.07 -15.72
N SER H 182 -21.58 47.61 -16.46
CA SER H 182 -20.17 47.48 -16.10
C SER H 182 -19.91 48.28 -14.81
N LYS H 183 -18.83 47.94 -14.11
CA LYS H 183 -18.39 48.70 -12.93
C LYS H 183 -18.19 50.17 -13.32
N ALA H 184 -17.53 50.37 -14.47
CA ALA H 184 -17.33 51.70 -15.06
C ALA H 184 -18.62 52.53 -15.07
N ASP H 185 -19.63 52.05 -15.80
CA ASP H 185 -20.90 52.78 -15.94
C ASP H 185 -21.67 52.92 -14.64
N TYR H 186 -21.52 51.95 -13.73
CA TYR H 186 -22.17 52.03 -12.43
C TYR H 186 -21.63 53.22 -11.64
N GLU H 187 -20.30 53.29 -11.57
CA GLU H 187 -19.62 54.36 -10.84
C GLU H 187 -19.75 55.76 -11.47
N LYS H 188 -20.07 55.82 -12.77
CA LYS H 188 -20.34 57.09 -13.47
C LYS H 188 -21.72 57.74 -13.20
N HIS H 189 -22.58 57.15 -12.36
CA HIS H 189 -23.91 57.72 -12.06
C HIS H 189 -24.23 57.61 -10.58
N LYS H 190 -25.30 58.26 -10.13
CA LYS H 190 -25.60 58.38 -8.69
C LYS H 190 -26.96 57.86 -8.24
N VAL H 191 -28.04 58.33 -8.86
CA VAL H 191 -29.40 57.91 -8.49
C VAL H 191 -29.80 56.66 -9.29
N TYR H 192 -29.98 55.54 -8.57
CA TYR H 192 -30.47 54.29 -9.16
C TYR H 192 -31.88 54.01 -8.70
N ALA H 193 -32.82 53.97 -9.64
CA ALA H 193 -34.25 53.96 -9.33
C ALA H 193 -35.05 52.94 -10.13
N CYS H 194 -35.95 52.25 -9.44
CA CYS H 194 -36.83 51.26 -10.00
C CYS H 194 -38.26 51.79 -9.88
N GLU H 195 -38.93 52.08 -11.01
CA GLU H 195 -40.35 52.52 -11.02
C GLU H 195 -41.32 51.42 -11.43
N VAL H 196 -42.37 51.24 -10.63
CA VAL H 196 -43.29 50.10 -10.73
C VAL H 196 -44.74 50.53 -10.91
N THR H 197 -45.30 50.32 -12.11
CA THR H 197 -46.74 50.53 -12.38
C THR H 197 -47.50 49.21 -12.27
N HIS H 198 -48.65 49.24 -11.59
CA HIS H 198 -49.46 48.04 -11.36
C HIS H 198 -50.85 48.44 -10.88
N GLN H 199 -51.85 47.64 -11.24
CA GLN H 199 -53.25 48.00 -11.01
C GLN H 199 -53.59 48.31 -9.54
N GLY H 200 -53.09 47.50 -8.62
CA GLY H 200 -53.24 47.74 -7.18
C GLY H 200 -52.56 48.97 -6.57
N LEU H 201 -51.68 49.61 -7.35
CA LEU H 201 -51.02 50.87 -6.96
C LEU H 201 -51.68 52.06 -7.64
N SER H 202 -52.25 52.97 -6.84
CA SER H 202 -52.96 54.16 -7.34
C SER H 202 -52.12 55.03 -8.27
N SER H 203 -50.83 55.19 -7.94
CA SER H 203 -49.87 55.86 -8.82
C SER H 203 -48.58 55.02 -8.82
N PRO H 204 -47.74 55.20 -9.86
CA PRO H 204 -46.46 54.48 -9.88
C PRO H 204 -45.63 54.66 -8.60
N VAL H 205 -45.10 53.56 -8.06
CA VAL H 205 -44.22 53.58 -6.89
C VAL H 205 -42.78 53.49 -7.36
N THR H 206 -41.95 54.42 -6.88
CA THR H 206 -40.52 54.36 -7.11
C THR H 206 -39.78 54.00 -5.83
N LYS H 207 -38.76 53.16 -5.95
CA LYS H 207 -37.78 52.92 -4.89
C LYS H 207 -36.42 53.18 -5.48
N SER H 208 -35.51 53.72 -4.67
CA SER H 208 -34.18 54.08 -5.14
C SER H 208 -33.19 54.20 -4.01
N PHE H 209 -31.93 54.26 -4.40
CA PHE H 209 -30.82 54.52 -3.50
C PHE H 209 -29.85 55.46 -4.23
N ASN H 210 -28.96 56.09 -3.47
CA ASN H 210 -27.86 56.86 -4.04
C ASN H 210 -26.57 56.05 -3.87
N ARG H 211 -25.76 56.00 -4.93
CA ARG H 211 -24.70 54.99 -5.08
C ARG H 211 -23.91 54.56 -3.83
N GLY H 212 -22.97 55.36 -3.34
CA GLY H 212 -22.14 54.96 -2.21
C GLY H 212 -22.73 55.18 -0.82
N GLU H 213 -23.99 55.60 -0.72
CA GLU H 213 -24.55 56.07 0.55
C GLU H 213 -25.25 54.94 1.29
N CYS H 214 -24.59 54.40 2.31
CA CYS H 214 -25.21 53.44 3.26
C CYS H 214 -26.64 53.78 3.75
N GLU I 1 -47.84 -1.64 -13.94
CA GLU I 1 -47.97 -0.25 -14.43
C GLU I 1 -47.12 -0.05 -15.70
N VAL I 2 -47.72 0.59 -16.70
CA VAL I 2 -47.01 1.02 -17.90
C VAL I 2 -46.02 2.12 -17.51
N GLN I 3 -44.81 2.10 -18.10
CA GLN I 3 -43.77 3.04 -17.68
C GLN I 3 -42.66 3.24 -18.68
N LEU I 4 -42.25 4.49 -18.86
CA LEU I 4 -41.21 4.89 -19.81
C LEU I 4 -40.14 5.71 -19.09
N VAL I 5 -38.87 5.33 -19.16
CA VAL I 5 -37.77 6.09 -18.53
C VAL I 5 -36.81 6.52 -19.63
N GLU I 6 -36.67 7.82 -19.82
CA GLU I 6 -35.72 8.37 -20.77
C GLU I 6 -34.33 8.45 -20.16
N SER I 7 -33.32 8.48 -21.02
CA SER I 7 -31.96 8.70 -20.58
C SER I 7 -31.16 9.20 -21.77
N GLY I 8 -29.92 9.63 -21.51
CA GLY I 8 -28.95 9.97 -22.57
C GLY I 8 -28.81 11.44 -22.91
N GLY I 9 -29.63 12.27 -22.29
CA GLY I 9 -29.52 13.71 -22.46
C GLY I 9 -28.28 14.28 -21.78
N GLY I 10 -27.93 15.50 -22.15
CA GLY I 10 -26.81 16.18 -21.55
C GLY I 10 -26.42 17.42 -22.29
N LEU I 11 -25.13 17.73 -22.22
CA LEU I 11 -24.59 19.00 -22.75
C LEU I 11 -23.69 18.72 -23.93
N VAL I 12 -23.87 19.48 -25.01
CA VAL I 12 -22.98 19.38 -26.17
C VAL I 12 -22.93 20.72 -26.84
N GLN I 13 -21.98 20.85 -27.77
CA GLN I 13 -21.81 22.06 -28.55
C GLN I 13 -22.57 21.97 -29.87
N PRO I 14 -22.86 23.14 -30.47
CA PRO I 14 -23.40 23.20 -31.83
C PRO I 14 -22.62 22.33 -32.79
N GLY I 15 -23.33 21.53 -33.59
CA GLY I 15 -22.72 20.52 -34.47
C GLY I 15 -22.51 19.16 -33.84
N GLY I 16 -22.73 19.02 -32.53
CA GLY I 16 -22.49 17.75 -31.84
C GLY I 16 -23.64 16.77 -31.94
N SER I 17 -23.49 15.65 -31.22
CA SER I 17 -24.41 14.52 -31.27
C SER I 17 -24.81 13.97 -29.91
N LEU I 18 -26.06 13.53 -29.81
CA LEU I 18 -26.57 12.80 -28.65
C LEU I 18 -27.42 11.63 -29.10
N ARG I 19 -27.52 10.62 -28.25
CA ARG I 19 -28.42 9.50 -28.47
C ARG I 19 -29.30 9.38 -27.26
N LEU I 20 -30.60 9.63 -27.42
CA LEU I 20 -31.55 9.42 -26.33
C LEU I 20 -32.06 7.97 -26.36
N SER I 21 -32.31 7.41 -25.19
CA SER I 21 -32.90 6.09 -25.03
C SER I 21 -34.15 6.21 -24.19
N CYS I 22 -35.13 5.36 -24.48
CA CYS I 22 -36.32 5.25 -23.65
C CYS I 22 -36.60 3.79 -23.36
N ALA I 23 -36.64 3.43 -22.08
CA ALA I 23 -36.87 2.06 -21.67
C ALA I 23 -38.33 1.82 -21.33
N ALA I 24 -39.00 0.99 -22.12
CA ALA I 24 -40.41 0.66 -21.86
C ALA I 24 -40.57 -0.58 -20.99
N SER I 25 -41.60 -0.56 -20.14
CA SER I 25 -41.94 -1.72 -19.33
C SER I 25 -43.43 -1.76 -18.96
N GLY I 26 -43.92 -2.96 -18.64
CA GLY I 26 -45.30 -3.17 -18.20
C GLY I 26 -46.34 -3.12 -19.30
N PHE I 27 -45.92 -3.34 -20.55
CA PHE I 27 -46.84 -3.52 -21.67
C PHE I 27 -46.08 -4.12 -22.86
N THR I 28 -46.80 -4.59 -23.88
CA THR I 28 -46.14 -5.22 -25.01
C THR I 28 -45.61 -4.14 -25.96
N PHE I 29 -44.36 -3.76 -25.72
CA PHE I 29 -43.71 -2.66 -26.44
C PHE I 29 -43.86 -2.76 -27.95
N SER I 30 -43.73 -3.97 -28.48
CA SER I 30 -43.76 -4.21 -29.93
C SER I 30 -45.13 -4.00 -30.58
N SER I 31 -46.18 -3.85 -29.78
CA SER I 31 -47.55 -3.66 -30.29
C SER I 31 -47.96 -2.20 -30.46
N TYR I 32 -47.22 -1.26 -29.87
CA TYR I 32 -47.59 0.15 -29.90
C TYR I 32 -46.58 0.99 -30.65
N ALA I 33 -47.07 1.99 -31.37
CA ALA I 33 -46.24 3.05 -31.93
C ALA I 33 -45.73 3.98 -30.80
N MET I 34 -44.61 4.65 -31.08
CA MET I 34 -43.89 5.43 -30.09
C MET I 34 -43.49 6.78 -30.67
N ASP I 35 -43.39 7.78 -29.78
CA ASP I 35 -43.04 9.15 -30.17
C ASP I 35 -41.95 9.80 -29.30
N TRP I 36 -41.29 10.80 -29.88
CA TRP I 36 -40.57 11.80 -29.11
C TRP I 36 -41.27 13.16 -29.22
N VAL I 37 -41.44 13.81 -28.08
CA VAL I 37 -42.01 15.15 -27.99
C VAL I 37 -41.04 16.01 -27.19
N ARG I 38 -40.79 17.25 -27.62
CA ARG I 38 -39.90 18.14 -26.87
C ARG I 38 -40.60 19.42 -26.41
N GLN I 39 -40.00 20.03 -25.40
CA GLN I 39 -40.47 21.27 -24.79
C GLN I 39 -39.25 22.12 -24.42
N ALA I 40 -39.04 23.20 -25.16
CA ALA I 40 -37.95 24.15 -24.87
C ALA I 40 -38.32 24.97 -23.62
N PRO I 41 -37.32 25.57 -22.93
CA PRO I 41 -37.63 26.20 -21.62
C PRO I 41 -38.62 27.35 -21.74
N GLY I 42 -39.73 27.29 -21.01
CA GLY I 42 -40.78 28.31 -21.11
C GLY I 42 -41.71 28.26 -22.32
N LYS I 43 -41.33 27.56 -23.39
CA LYS I 43 -42.21 27.36 -24.56
C LYS I 43 -43.15 26.16 -24.35
N GLY I 44 -44.00 25.88 -25.35
CA GLY I 44 -44.94 24.76 -25.31
C GLY I 44 -44.41 23.48 -25.95
N LEU I 45 -45.32 22.53 -26.17
CA LEU I 45 -44.96 21.16 -26.63
C LEU I 45 -44.75 21.11 -28.14
N GLU I 46 -43.74 20.40 -28.59
CA GLU I 46 -43.51 20.21 -30.03
C GLU I 46 -43.32 18.72 -30.30
N TRP I 47 -44.19 18.18 -31.16
CA TRP I 47 -44.05 16.80 -31.59
C TRP I 47 -42.80 16.72 -32.48
N VAL I 48 -41.94 15.73 -32.23
CA VAL I 48 -40.66 15.63 -32.92
C VAL I 48 -40.63 14.49 -33.91
N SER I 49 -41.03 13.31 -33.45
CA SER I 49 -40.92 12.12 -34.27
C SER I 49 -41.84 11.02 -33.80
N ALA I 50 -42.28 10.20 -34.75
CA ALA I 50 -43.01 8.95 -34.44
C ALA I 50 -42.42 7.77 -35.20
N ILE I 51 -42.69 6.58 -34.68
CA ILE I 51 -42.26 5.36 -35.34
C ILE I 51 -43.33 4.28 -35.16
N THR I 52 -43.49 3.44 -36.19
CA THR I 52 -44.50 2.37 -36.14
C THR I 52 -44.05 1.26 -35.21
N MET I 53 -45.01 0.43 -34.81
CA MET I 53 -44.74 -0.68 -33.89
C MET I 53 -43.62 -1.60 -34.38
N SER I 54 -43.60 -1.83 -35.69
CA SER I 54 -42.59 -2.67 -36.33
C SER I 54 -41.21 -2.07 -36.33
N GLY I 55 -41.11 -0.75 -36.19
CA GLY I 55 -39.83 -0.06 -36.26
C GLY I 55 -39.39 0.26 -37.67
N ILE I 56 -40.24 0.01 -38.68
CA ILE I 56 -39.87 0.10 -40.10
C ILE I 56 -40.10 1.47 -40.72
N THR I 57 -41.16 2.17 -40.30
CA THR I 57 -41.53 3.47 -40.86
C THR I 57 -41.43 4.57 -39.79
N ALA I 58 -40.72 5.64 -40.12
CA ALA I 58 -40.53 6.77 -39.22
C ALA I 58 -41.14 8.02 -39.80
N TYR I 59 -41.60 8.91 -38.93
CA TYR I 59 -42.13 10.23 -39.31
C TYR I 59 -41.40 11.34 -38.51
N TYR I 60 -41.20 12.50 -39.13
CA TYR I 60 -40.47 13.61 -38.50
C TYR I 60 -41.14 14.96 -38.65
N THR I 61 -41.00 15.80 -37.62
CA THR I 61 -41.35 17.22 -37.71
C THR I 61 -40.29 17.96 -38.53
N ASP I 62 -40.65 19.12 -39.06
CA ASP I 62 -39.85 19.74 -40.15
C ASP I 62 -38.50 20.23 -39.72
N ASP I 63 -38.43 20.88 -38.56
CA ASP I 63 -37.15 21.37 -38.00
C ASP I 63 -36.04 20.30 -37.88
N VAL I 64 -36.45 19.04 -37.81
CA VAL I 64 -35.62 17.92 -37.44
C VAL I 64 -35.22 17.02 -38.61
N LYS I 65 -35.90 17.11 -39.77
CA LYS I 65 -35.65 16.20 -40.91
C LYS I 65 -34.21 16.18 -41.37
N GLY I 66 -33.65 14.98 -41.51
CA GLY I 66 -32.26 14.83 -41.93
C GLY I 66 -31.21 15.11 -40.88
N ARG I 67 -31.64 15.43 -39.66
CA ARG I 67 -30.73 15.64 -38.53
C ARG I 67 -30.93 14.56 -37.48
N PHE I 68 -32.18 14.40 -37.04
CA PHE I 68 -32.51 13.31 -36.11
C PHE I 68 -33.00 12.04 -36.80
N THR I 69 -32.77 10.91 -36.13
CA THR I 69 -33.26 9.62 -36.59
C THR I 69 -33.87 8.85 -35.44
N ILE I 70 -35.16 8.51 -35.60
CA ILE I 70 -35.86 7.68 -34.63
C ILE I 70 -35.70 6.21 -34.99
N SER I 71 -35.61 5.36 -34.00
CA SER I 71 -35.47 3.93 -34.19
C SER I 71 -35.87 3.21 -32.92
N ARG I 72 -35.94 1.89 -32.99
CA ARG I 72 -36.29 1.09 -31.85
C ARG I 72 -35.75 -0.33 -31.98
N ASP I 73 -35.66 -1.02 -30.86
CA ASP I 73 -35.23 -2.41 -30.79
C ASP I 73 -36.26 -3.13 -29.92
N ASN I 74 -37.16 -3.86 -30.57
CA ASN I 74 -38.25 -4.52 -29.84
C ASN I 74 -37.82 -5.63 -28.89
N SER I 75 -36.71 -6.31 -29.20
CA SER I 75 -36.14 -7.30 -28.26
C SER I 75 -35.55 -6.67 -26.98
N LYS I 76 -35.17 -5.39 -27.05
CA LYS I 76 -34.68 -4.65 -25.87
C LYS I 76 -35.73 -3.76 -25.19
N ASN I 77 -36.93 -3.66 -25.72
CA ASN I 77 -37.99 -2.78 -25.20
C ASN I 77 -37.52 -1.33 -25.05
N THR I 78 -36.82 -0.86 -26.08
CA THR I 78 -36.13 0.41 -26.04
C THR I 78 -36.38 1.23 -27.30
N LEU I 79 -36.62 2.52 -27.09
CA LEU I 79 -36.78 3.49 -28.18
C LEU I 79 -35.57 4.43 -28.19
N TYR I 80 -35.12 4.79 -29.39
CA TYR I 80 -33.94 5.64 -29.54
C TYR I 80 -34.26 6.92 -30.32
N LEU I 81 -33.49 7.98 -30.04
CA LEU I 81 -33.45 9.16 -30.91
C LEU I 81 -32.00 9.59 -31.09
N GLN I 82 -31.46 9.39 -32.30
CA GLN I 82 -30.11 9.84 -32.63
C GLN I 82 -30.24 11.28 -33.04
N MET I 83 -29.52 12.18 -32.38
CA MET I 83 -29.63 13.62 -32.65
C MET I 83 -28.27 14.08 -33.18
N ASN I 84 -28.19 14.40 -34.47
CA ASN I 84 -26.97 14.92 -35.08
C ASN I 84 -27.16 16.36 -35.49
N SER I 85 -26.07 17.03 -35.85
CA SER I 85 -26.10 18.45 -36.28
C SER I 85 -26.93 19.31 -35.34
N LEU I 86 -26.67 19.14 -34.05
CA LEU I 86 -27.48 19.80 -33.03
C LEU I 86 -27.24 21.29 -33.05
N ARG I 87 -28.26 22.05 -32.69
CA ARG I 87 -28.12 23.49 -32.59
C ARG I 87 -28.85 24.02 -31.39
N ALA I 88 -28.59 25.28 -31.05
CA ALA I 88 -29.06 25.90 -29.81
C ALA I 88 -30.56 25.76 -29.62
N GLU I 89 -31.32 25.83 -30.71
CA GLU I 89 -32.78 25.78 -30.69
C GLU I 89 -33.31 24.38 -30.32
N ASP I 90 -32.46 23.35 -30.45
CA ASP I 90 -32.83 22.01 -30.02
C ASP I 90 -32.83 21.84 -28.50
N THR I 91 -32.38 22.85 -27.78
CA THR I 91 -32.35 22.81 -26.32
C THR I 91 -33.76 22.70 -25.77
N ALA I 92 -34.00 21.62 -25.04
CA ALA I 92 -35.35 21.28 -24.56
C ALA I 92 -35.34 20.03 -23.69
N VAL I 93 -36.42 19.84 -22.92
CA VAL I 93 -36.73 18.56 -22.33
C VAL I 93 -37.32 17.66 -23.42
N TYR I 94 -36.78 16.46 -23.61
CA TYR I 94 -37.29 15.49 -24.59
C TYR I 94 -38.04 14.37 -23.91
N TYR I 95 -39.32 14.24 -24.25
CA TYR I 95 -40.21 13.25 -23.68
C TYR I 95 -40.38 12.07 -24.62
N CYS I 96 -40.49 10.90 -24.04
CA CYS I 96 -40.79 9.66 -24.74
C CYS I 96 -42.28 9.42 -24.50
N ALA I 97 -43.03 9.05 -25.54
CA ALA I 97 -44.47 8.86 -25.36
C ALA I 97 -45.04 7.71 -26.20
N LYS I 98 -45.83 6.86 -25.53
CA LYS I 98 -46.51 5.72 -26.14
C LYS I 98 -47.81 6.16 -26.81
N GLU I 99 -47.97 5.80 -28.09
CA GLU I 99 -49.22 6.05 -28.82
C GLU I 99 -50.24 4.99 -28.46
N GLU I 100 -51.52 5.35 -28.50
CA GLU I 100 -52.63 4.41 -28.29
C GLU I 100 -53.51 4.38 -29.54
N PHE I 101 -54.01 3.20 -29.86
CA PHE I 101 -54.92 2.99 -30.98
C PHE I 101 -56.32 2.71 -30.48
N LEU I 102 -57.33 2.98 -31.31
CA LEU I 102 -58.70 2.49 -31.05
C LEU I 102 -58.69 0.97 -31.06
N PRO I 103 -59.49 0.33 -30.18
CA PRO I 103 -59.44 -1.14 -30.06
C PRO I 103 -59.60 -1.88 -31.41
N GLY I 104 -58.77 -2.88 -31.63
CA GLY I 104 -58.74 -3.63 -32.90
C GLY I 104 -58.26 -2.89 -34.14
N THR I 105 -57.59 -1.75 -33.97
CA THR I 105 -57.12 -0.94 -35.10
C THR I 105 -55.68 -0.49 -34.94
N HIS I 106 -55.15 0.14 -35.99
CA HIS I 106 -53.93 0.93 -35.92
C HIS I 106 -54.33 2.39 -36.13
N TYR I 107 -55.49 2.77 -35.55
CA TYR I 107 -56.06 4.10 -35.69
C TYR I 107 -55.60 4.89 -34.48
N PHE I 108 -54.56 5.68 -34.72
CA PHE I 108 -53.88 6.45 -33.70
C PHE I 108 -54.75 7.60 -33.21
N TYR I 109 -54.90 7.74 -31.90
CA TYR I 109 -55.65 8.88 -31.33
C TYR I 109 -54.93 9.80 -30.31
N GLY I 110 -53.70 9.45 -29.94
CA GLY I 110 -52.92 10.28 -29.00
C GLY I 110 -51.90 9.51 -28.18
N MET I 111 -51.28 10.23 -27.23
CA MET I 111 -50.21 9.71 -26.40
C MET I 111 -50.69 9.64 -24.96
N ASP I 112 -50.97 8.42 -24.49
CA ASP I 112 -51.60 8.23 -23.16
C ASP I 112 -50.63 7.92 -22.03
N VAL I 113 -49.37 7.65 -22.37
CA VAL I 113 -48.33 7.43 -21.37
C VAL I 113 -47.06 8.18 -21.79
N TRP I 114 -46.56 8.99 -20.86
CA TRP I 114 -45.38 9.80 -21.08
C TRP I 114 -44.28 9.45 -20.10
N GLY I 115 -43.03 9.62 -20.51
CA GLY I 115 -41.91 9.54 -19.59
C GLY I 115 -41.78 10.79 -18.74
N GLN I 116 -40.74 10.86 -17.93
CA GLN I 116 -40.48 12.03 -17.10
C GLN I 116 -39.65 13.08 -17.84
N GLY I 117 -38.93 12.66 -18.86
CA GLY I 117 -38.25 13.54 -19.79
C GLY I 117 -36.76 13.49 -19.51
N THR I 118 -35.95 13.80 -20.51
CA THR I 118 -34.51 13.95 -20.30
C THR I 118 -34.11 15.26 -20.96
N THR I 119 -33.19 15.98 -20.33
CA THR I 119 -32.83 17.33 -20.78
C THR I 119 -31.66 17.29 -21.76
N VAL I 120 -31.81 18.01 -22.86
CA VAL I 120 -30.72 18.24 -23.79
C VAL I 120 -30.46 19.73 -23.83
N THR I 121 -29.19 20.10 -23.77
CA THR I 121 -28.75 21.48 -23.75
C THR I 121 -27.65 21.65 -24.80
N VAL I 122 -27.89 22.48 -25.81
CA VAL I 122 -26.90 22.73 -26.87
C VAL I 122 -26.38 24.16 -26.73
N SER I 123 -25.08 24.30 -26.52
CA SER I 123 -24.47 25.63 -26.30
C SER I 123 -22.95 25.61 -26.45
N SER I 124 -22.38 26.76 -26.76
CA SER I 124 -20.92 26.92 -26.78
C SER I 124 -20.33 27.11 -25.39
N ALA I 125 -21.14 27.51 -24.42
CA ALA I 125 -20.66 27.71 -23.06
C ALA I 125 -20.04 26.46 -22.43
N SER I 126 -18.94 26.66 -21.70
CA SER I 126 -18.37 25.66 -20.81
C SER I 126 -19.11 25.62 -19.50
N THR I 127 -19.02 24.48 -18.82
CA THR I 127 -19.68 24.28 -17.53
C THR I 127 -18.98 25.20 -16.53
N LYS I 128 -19.77 25.89 -15.72
CA LYS I 128 -19.22 26.85 -14.78
C LYS I 128 -20.14 26.99 -13.57
N GLY I 129 -19.55 26.94 -12.37
CA GLY I 129 -20.30 27.15 -11.12
C GLY I 129 -20.68 28.60 -10.94
N PRO I 130 -21.70 28.88 -10.12
CA PRO I 130 -22.15 30.26 -9.94
C PRO I 130 -21.23 31.05 -9.01
N SER I 131 -21.28 32.37 -9.13
CA SER I 131 -20.82 33.28 -8.10
C SER I 131 -22.05 33.67 -7.31
N VAL I 132 -21.98 33.59 -5.99
CA VAL I 132 -23.12 33.95 -5.15
C VAL I 132 -22.81 35.24 -4.40
N PHE I 133 -23.70 36.22 -4.56
CA PHE I 133 -23.55 37.55 -3.98
C PHE I 133 -24.74 37.81 -3.08
N PRO I 134 -24.52 38.52 -1.95
CA PRO I 134 -25.64 38.84 -1.09
C PRO I 134 -26.47 39.97 -1.66
N LEU I 135 -27.78 39.87 -1.53
CA LEU I 135 -28.67 41.00 -1.76
C LEU I 135 -29.05 41.46 -0.36
N ALA I 136 -28.27 42.45 0.11
CA ALA I 136 -28.27 42.88 1.50
C ALA I 136 -29.52 43.71 1.84
N PRO I 137 -30.16 43.44 3.00
CA PRO I 137 -31.48 44.02 3.33
C PRO I 137 -31.53 45.55 3.42
N SER I 138 -32.73 46.08 3.22
CA SER I 138 -32.92 47.54 3.05
C SER I 138 -32.34 48.38 4.20
N SER I 139 -31.92 49.61 3.86
CA SER I 139 -31.35 50.53 4.84
C SER I 139 -32.39 51.00 5.89
N LYS I 140 -33.65 51.19 5.46
CA LYS I 140 -34.79 51.62 6.32
C LYS I 140 -35.85 50.53 6.54
N SER I 141 -36.60 50.62 7.64
CA SER I 141 -37.62 49.62 8.01
C SER I 141 -38.58 50.15 9.10
N GLY I 144 -39.91 48.08 12.86
CA GLY I 144 -41.19 47.42 13.17
C GLY I 144 -41.99 46.90 11.99
N GLY I 145 -41.44 46.93 10.78
CA GLY I 145 -42.09 46.48 9.53
C GLY I 145 -41.58 45.16 8.98
N THR I 146 -41.50 45.07 7.65
CA THR I 146 -40.97 43.89 6.92
C THR I 146 -39.78 44.26 6.03
N ALA I 147 -38.76 43.39 5.97
CA ALA I 147 -37.57 43.62 5.13
C ALA I 147 -37.29 42.45 4.16
N ALA I 148 -36.81 42.80 2.97
CA ALA I 148 -36.47 41.83 1.94
C ALA I 148 -34.97 41.65 1.88
N LEU I 149 -34.54 40.49 1.39
CA LEU I 149 -33.23 39.95 1.69
C LEU I 149 -33.00 38.76 0.75
N GLY I 150 -31.84 38.70 0.07
CA GLY I 150 -31.64 37.62 -0.90
C GLY I 150 -30.24 37.25 -1.30
N CYS I 151 -30.14 36.35 -2.28
CA CYS I 151 -28.90 35.93 -2.91
C CYS I 151 -29.02 36.06 -4.39
N LEU I 152 -27.96 36.54 -5.04
CA LEU I 152 -27.90 36.62 -6.49
C LEU I 152 -26.94 35.53 -6.96
N VAL I 153 -27.48 34.53 -7.65
CA VAL I 153 -26.71 33.39 -8.11
C VAL I 153 -26.42 33.65 -9.58
N LYS I 154 -25.18 34.04 -9.87
CA LYS I 154 -24.88 34.65 -11.16
C LYS I 154 -23.80 33.91 -11.94
N ASP I 155 -23.96 33.89 -13.26
CA ASP I 155 -22.99 33.37 -14.22
C ASP I 155 -22.66 31.88 -14.05
N TYR I 156 -23.69 31.04 -14.02
CA TYR I 156 -23.52 29.58 -14.05
C TYR I 156 -24.01 28.95 -15.34
N PHE I 157 -23.52 27.75 -15.60
CA PHE I 157 -23.92 26.99 -16.77
C PHE I 157 -23.60 25.52 -16.58
N PRO I 158 -24.52 24.63 -17.00
CA PRO I 158 -25.88 24.80 -17.50
C PRO I 158 -26.85 24.83 -16.34
N GLU I 159 -28.15 24.85 -16.64
CA GLU I 159 -29.18 24.67 -15.61
C GLU I 159 -29.12 23.22 -15.10
N PRO I 160 -29.64 22.95 -13.90
CA PRO I 160 -30.29 23.81 -12.90
C PRO I 160 -29.44 24.14 -11.67
N VAL I 161 -29.89 25.12 -10.89
CA VAL I 161 -29.42 25.27 -9.51
C VAL I 161 -30.62 25.13 -8.59
N THR I 162 -30.38 24.62 -7.38
CA THR I 162 -31.35 24.64 -6.30
C THR I 162 -30.83 25.59 -5.23
N VAL I 163 -31.76 26.22 -4.52
CA VAL I 163 -31.44 27.17 -3.47
C VAL I 163 -32.36 26.92 -2.29
N SER I 164 -31.79 26.77 -1.10
CA SER I 164 -32.54 26.77 0.15
C SER I 164 -31.99 27.85 1.08
N TRP I 165 -32.72 28.13 2.17
CA TRP I 165 -32.30 29.11 3.18
C TRP I 165 -32.18 28.45 4.57
N ASN I 166 -31.09 28.77 5.27
CA ASN I 166 -30.75 28.17 6.57
C ASN I 166 -30.94 26.65 6.55
N SER I 167 -30.37 26.01 5.55
CA SER I 167 -30.38 24.56 5.37
C SER I 167 -31.79 23.93 5.35
N GLY I 168 -32.77 24.65 4.80
CA GLY I 168 -34.15 24.17 4.75
C GLY I 168 -35.03 24.56 5.93
N ALA I 169 -34.43 25.10 6.99
CA ALA I 169 -35.18 25.56 8.17
C ALA I 169 -36.04 26.79 7.89
N LEU I 170 -35.66 27.62 6.92
CA LEU I 170 -36.43 28.80 6.51
C LEU I 170 -37.07 28.58 5.14
N THR I 171 -38.39 28.43 5.11
CA THR I 171 -39.15 28.28 3.85
C THR I 171 -40.28 29.31 3.64
N SER I 172 -40.81 29.89 4.71
CA SER I 172 -41.86 30.94 4.59
C SER I 172 -41.31 32.19 3.92
N GLY I 173 -42.06 32.68 2.93
CA GLY I 173 -41.74 33.93 2.24
C GLY I 173 -40.58 33.88 1.27
N VAL I 174 -40.04 32.68 1.02
CA VAL I 174 -38.96 32.50 0.06
C VAL I 174 -39.54 32.53 -1.36
N HIS I 175 -38.88 33.23 -2.27
CA HIS I 175 -39.19 33.15 -3.69
C HIS I 175 -37.90 32.95 -4.45
N THR I 176 -37.70 31.75 -4.97
CA THR I 176 -36.60 31.48 -5.87
C THR I 176 -37.12 31.61 -7.30
N PHE I 177 -36.43 32.42 -8.10
CA PHE I 177 -36.92 32.86 -9.40
C PHE I 177 -36.44 31.96 -10.53
N PRO I 178 -37.26 31.82 -11.58
CA PRO I 178 -36.71 31.21 -12.78
C PRO I 178 -35.48 31.96 -13.26
N ALA I 179 -34.47 31.21 -13.67
CA ALA I 179 -33.26 31.78 -14.20
C ALA I 179 -33.56 32.54 -15.46
N VAL I 180 -32.62 33.35 -15.91
CA VAL I 180 -32.70 33.97 -17.22
C VAL I 180 -31.40 33.67 -17.93
N LEU I 181 -31.47 33.53 -19.25
CA LEU I 181 -30.27 33.29 -20.03
C LEU I 181 -29.74 34.66 -20.37
N GLN I 182 -28.53 34.96 -19.93
CA GLN I 182 -27.89 36.23 -20.25
C GLN I 182 -27.25 36.11 -21.63
N SER I 183 -26.97 37.25 -22.25
CA SER I 183 -26.37 37.29 -23.58
C SER I 183 -24.97 36.66 -23.61
N SER I 184 -24.30 36.55 -22.46
CA SER I 184 -23.04 35.79 -22.37
C SER I 184 -23.17 34.28 -22.66
N GLY I 185 -24.38 33.74 -22.54
CA GLY I 185 -24.58 32.30 -22.63
C GLY I 185 -24.69 31.62 -21.26
N LEU I 186 -24.48 32.39 -20.19
CA LEU I 186 -24.51 31.88 -18.83
C LEU I 186 -25.85 32.26 -18.23
N TYR I 187 -26.29 31.50 -17.24
CA TYR I 187 -27.57 31.75 -16.59
C TYR I 187 -27.35 32.56 -15.32
N SER I 188 -28.43 33.12 -14.82
CA SER I 188 -28.41 33.95 -13.63
C SER I 188 -29.79 33.96 -12.99
N LEU I 189 -29.84 33.91 -11.67
CA LEU I 189 -31.11 33.97 -10.95
C LEU I 189 -30.91 34.57 -9.56
N SER I 190 -32.01 34.94 -8.92
CA SER I 190 -31.97 35.45 -7.57
C SER I 190 -32.97 34.70 -6.72
N SER I 191 -32.61 34.41 -5.49
CA SER I 191 -33.55 33.88 -4.50
C SER I 191 -33.70 34.97 -3.44
N VAL I 192 -34.91 35.19 -2.96
CA VAL I 192 -35.17 36.25 -2.00
C VAL I 192 -36.13 35.76 -0.93
N VAL I 193 -36.12 36.42 0.22
CA VAL I 193 -37.02 36.08 1.32
C VAL I 193 -37.50 37.35 2.05
N THR I 194 -38.75 37.34 2.47
CA THR I 194 -39.32 38.42 3.27
C THR I 194 -39.36 37.96 4.72
N VAL I 195 -38.79 38.77 5.61
CA VAL I 195 -38.73 38.48 7.04
C VAL I 195 -39.05 39.74 7.86
N PRO I 196 -39.46 39.55 9.13
CA PRO I 196 -39.65 40.73 9.99
C PRO I 196 -38.33 41.52 10.21
N SER I 197 -38.43 42.85 10.28
CA SER I 197 -37.27 43.73 10.51
C SER I 197 -36.58 43.48 11.85
N SER I 198 -37.37 43.19 12.87
CA SER I 198 -36.91 42.79 14.20
C SER I 198 -35.77 41.76 14.18
N SER I 199 -35.91 40.74 13.34
CA SER I 199 -34.94 39.63 13.28
C SER I 199 -33.57 39.98 12.66
N LEU I 200 -33.47 41.10 11.94
CA LEU I 200 -32.21 41.45 11.23
C LEU I 200 -30.95 41.56 12.10
N GLY I 201 -31.12 41.80 13.40
CA GLY I 201 -30.03 41.73 14.37
C GLY I 201 -29.80 40.30 14.84
N THR I 202 -30.86 39.66 15.35
CA THR I 202 -30.76 38.31 15.94
C THR I 202 -30.50 37.18 14.93
N GLN I 203 -31.45 36.98 14.00
CA GLN I 203 -31.45 35.79 13.13
C GLN I 203 -30.40 35.86 12.01
N THR I 204 -29.66 34.77 11.85
CA THR I 204 -28.69 34.63 10.77
C THR I 204 -29.40 34.07 9.52
N TYR I 205 -29.05 34.64 8.38
CA TYR I 205 -29.61 34.24 7.09
C TYR I 205 -28.50 33.79 6.13
N ILE I 206 -28.50 32.49 5.83
CA ILE I 206 -27.56 31.87 4.91
C ILE I 206 -28.36 31.26 3.76
N CYS I 207 -27.98 31.55 2.53
CA CYS I 207 -28.56 30.88 1.37
C CYS I 207 -27.61 29.77 0.92
N ASN I 208 -28.17 28.59 0.65
CA ASN I 208 -27.42 27.40 0.29
C ASN I 208 -27.73 27.12 -1.16
N VAL I 209 -26.70 27.17 -2.01
CA VAL I 209 -26.86 27.13 -3.46
C VAL I 209 -26.16 25.88 -3.97
N ASN I 210 -26.93 24.94 -4.53
CA ASN I 210 -26.36 23.73 -5.14
C ASN I 210 -26.37 23.84 -6.69
N HIS I 211 -25.26 23.48 -7.33
CA HIS I 211 -25.15 23.43 -8.78
C HIS I 211 -24.50 22.10 -9.18
N LYS I 212 -25.36 21.08 -9.29
CA LYS I 212 -24.91 19.72 -9.56
C LYS I 212 -24.05 19.53 -10.80
N PRO I 213 -24.35 20.24 -11.89
CA PRO I 213 -23.52 20.07 -13.10
C PRO I 213 -22.05 20.45 -12.98
N SER I 214 -21.72 21.40 -12.11
CA SER I 214 -20.33 21.79 -11.87
C SER I 214 -19.76 21.15 -10.62
N ASN I 215 -20.62 20.51 -9.84
CA ASN I 215 -20.25 19.87 -8.57
C ASN I 215 -19.83 20.90 -7.53
N THR I 216 -20.57 22.00 -7.45
CA THR I 216 -20.27 23.11 -6.54
C THR I 216 -21.45 23.36 -5.62
N LYS I 217 -21.19 23.46 -4.31
CA LYS I 217 -22.16 24.03 -3.36
C LYS I 217 -21.53 25.32 -2.82
N VAL I 218 -22.37 26.28 -2.47
CA VAL I 218 -21.92 27.54 -1.90
C VAL I 218 -22.94 27.95 -0.85
N ASP I 219 -22.48 28.11 0.38
CA ASP I 219 -23.30 28.75 1.43
C ASP I 219 -22.84 30.21 1.50
N LYS I 220 -23.75 31.12 1.86
CA LYS I 220 -23.43 32.55 1.89
C LYS I 220 -24.25 33.32 2.93
N LYS I 221 -23.58 33.95 3.90
CA LYS I 221 -24.24 34.87 4.84
C LYS I 221 -24.75 36.09 4.10
N VAL I 222 -25.92 36.54 4.52
CA VAL I 222 -26.47 37.81 4.08
C VAL I 222 -26.77 38.60 5.36
N GLU I 223 -25.94 39.62 5.62
CA GLU I 223 -26.10 40.49 6.81
C GLU I 223 -26.42 41.91 6.33
N PRO I 224 -27.03 42.74 7.20
CA PRO I 224 -27.23 44.16 6.88
C PRO I 224 -25.92 44.94 6.57
N LYS I 225 -26.04 46.16 6.02
CA LYS I 225 -24.88 47.03 5.75
C LYS I 225 -25.20 48.52 6.01
N ARG J 1 -69.40 -48.64 23.44
CA ARG J 1 -69.44 -47.21 23.87
C ARG J 1 -68.12 -46.79 24.56
N ASN J 2 -67.98 -46.91 25.89
CA ASN J 2 -66.85 -46.29 26.63
C ASN J 2 -65.47 -46.61 26.00
N LEU J 3 -65.27 -47.88 25.65
CA LEU J 3 -63.96 -48.35 25.18
C LEU J 3 -63.81 -48.24 23.68
N ASN J 4 -64.88 -48.60 22.96
CA ASN J 4 -64.92 -48.50 21.49
C ASN J 4 -65.03 -47.04 21.03
N ALA J 5 -65.56 -46.16 21.89
CA ALA J 5 -65.56 -44.72 21.61
C ALA J 5 -64.17 -44.15 21.75
N ALA J 6 -63.44 -44.57 22.78
CA ALA J 6 -62.06 -44.14 23.01
C ALA J 6 -61.11 -44.56 21.88
N ARG J 7 -61.30 -45.78 21.36
CA ARG J 7 -60.61 -46.24 20.17
C ARG J 7 -60.78 -45.26 19.01
N GLU J 8 -62.04 -44.86 18.75
CA GLU J 8 -62.36 -44.04 17.59
C GLU J 8 -61.88 -42.58 17.70
N LEU J 9 -61.76 -42.06 18.93
CA LEU J 9 -61.13 -40.75 19.13
C LEU J 9 -59.65 -40.83 18.79
N PHE J 10 -58.96 -41.88 19.25
CA PHE J 10 -57.54 -42.06 18.91
C PHE J 10 -57.30 -42.31 17.43
N LEU J 11 -58.25 -42.89 16.71
CA LEU J 11 -58.14 -43.01 15.24
C LEU J 11 -58.32 -41.64 14.57
N ASP J 12 -59.23 -40.80 15.11
CA ASP J 12 -59.42 -39.44 14.59
C ASP J 12 -58.20 -38.54 14.85
N GLU J 13 -57.58 -38.67 16.03
CA GLU J 13 -56.33 -37.96 16.31
C GLU J 13 -55.23 -38.41 15.35
N LEU J 14 -55.13 -39.72 15.15
CA LEU J 14 -54.10 -40.31 14.29
C LEU J 14 -54.31 -39.97 12.81
N LYS J 15 -55.57 -39.76 12.41
CA LYS J 15 -55.88 -39.36 11.04
C LYS J 15 -55.36 -37.93 10.80
N ALA J 16 -55.65 -37.04 11.76
CA ALA J 16 -55.26 -35.65 11.69
C ALA J 16 -53.74 -35.44 11.68
N LEU J 17 -53.05 -36.10 12.60
CA LEU J 17 -51.58 -36.06 12.63
C LEU J 17 -50.99 -36.60 11.35
N THR J 18 -51.51 -37.70 10.84
CA THR J 18 -51.01 -38.30 9.61
C THR J 18 -51.17 -37.34 8.43
N ALA J 19 -52.23 -36.53 8.43
CA ALA J 19 -52.42 -35.52 7.38
C ALA J 19 -51.38 -34.41 7.49
N GLU J 20 -51.19 -33.89 8.70
CA GLU J 20 -50.20 -32.87 8.96
C GLU J 20 -48.81 -33.33 8.51
N LEU J 21 -48.40 -34.50 8.95
CA LEU J 21 -47.15 -35.13 8.49
C LEU J 21 -47.09 -35.26 7.00
N LYS J 22 -48.20 -35.52 6.33
CA LYS J 22 -48.23 -35.62 4.86
C LYS J 22 -47.83 -34.29 4.22
N VAL J 23 -48.35 -33.19 4.75
CA VAL J 23 -47.99 -31.86 4.23
C VAL J 23 -46.49 -31.60 4.45
N TYR J 24 -46.00 -31.85 5.67
CA TYR J 24 -44.58 -31.76 5.96
C TYR J 24 -43.72 -32.63 5.03
N SER J 25 -44.24 -33.79 4.64
CA SER J 25 -43.54 -34.65 3.66
C SER J 25 -43.42 -34.02 2.31
N VAL J 26 -44.48 -33.34 1.88
CA VAL J 26 -44.49 -32.63 0.60
C VAL J 26 -43.44 -31.51 0.63
N ILE J 27 -43.46 -30.74 1.71
CA ILE J 27 -42.52 -29.63 1.89
C ILE J 27 -41.10 -30.18 1.88
N GLN J 28 -40.89 -31.17 2.75
CA GLN J 28 -39.58 -31.78 2.90
C GLN J 28 -39.06 -32.39 1.59
N SER J 29 -39.92 -32.84 0.69
CA SER J 29 -39.45 -33.42 -0.57
C SER J 29 -39.07 -32.34 -1.58
N GLN J 30 -39.71 -31.17 -1.51
CA GLN J 30 -39.25 -29.98 -2.29
C GLN J 30 -37.87 -29.55 -1.82
N ILE J 31 -37.69 -29.55 -0.49
CA ILE J 31 -36.43 -29.17 0.10
C ILE J 31 -35.31 -30.15 -0.32
N ASN J 32 -35.60 -31.45 -0.34
CA ASN J 32 -34.60 -32.44 -0.76
C ASN J 32 -34.33 -32.34 -2.26
N ALA J 33 -35.35 -32.00 -3.05
CA ALA J 33 -35.17 -31.82 -4.49
C ALA J 33 -34.18 -30.70 -4.75
N ALA J 34 -34.31 -29.62 -3.98
CA ALA J 34 -33.40 -28.48 -4.02
C ALA J 34 -32.00 -28.89 -3.62
N LEU J 35 -31.85 -29.50 -2.44
CA LEU J 35 -30.53 -29.98 -1.99
C LEU J 35 -29.84 -30.86 -3.05
N SER J 36 -30.60 -31.77 -3.63
CA SER J 36 -30.07 -32.68 -4.65
C SER J 36 -29.51 -31.96 -5.90
N ALA J 37 -30.22 -30.93 -6.39
CA ALA J 37 -29.79 -30.17 -7.56
C ALA J 37 -28.93 -28.96 -7.22
N ARG J 38 -28.36 -28.92 -6.00
CA ARG J 38 -27.57 -27.79 -5.49
C ARG J 38 -28.28 -26.52 -5.92
N GLN J 39 -29.54 -26.45 -5.50
CA GLN J 39 -30.51 -25.39 -5.83
C GLN J 39 -31.11 -24.69 -4.61
N GLY J 40 -31.71 -23.53 -4.84
CA GLY J 40 -32.38 -22.75 -3.81
C GLY J 40 -33.86 -23.09 -3.80
N ILE J 41 -34.60 -22.56 -2.84
CA ILE J 41 -36.03 -22.79 -2.76
C ILE J 41 -36.78 -21.56 -2.29
N ARG J 42 -37.78 -21.14 -3.07
CA ARG J 42 -38.73 -20.13 -2.64
C ARG J 42 -39.86 -20.78 -1.87
N ILE J 43 -40.27 -20.15 -0.78
CA ILE J 43 -41.39 -20.64 0.03
C ILE J 43 -42.55 -19.66 0.15
N ASP J 44 -42.53 -18.60 -0.64
CA ASP J 44 -43.62 -17.60 -0.67
C ASP J 44 -44.51 -17.91 -1.88
N ALA J 45 -45.23 -16.93 -2.41
CA ALA J 45 -46.12 -17.18 -3.56
C ALA J 45 -45.39 -17.63 -4.84
N GLY J 46 -44.09 -17.36 -4.92
CA GLY J 46 -43.25 -17.84 -6.01
C GLY J 46 -42.87 -19.32 -5.89
N GLY J 47 -42.98 -19.89 -4.70
CA GLY J 47 -42.79 -21.34 -4.48
C GLY J 47 -44.06 -22.13 -4.82
N ILE J 48 -44.08 -23.42 -4.48
CA ILE J 48 -45.26 -24.24 -4.77
C ILE J 48 -46.50 -23.85 -3.95
N ASP J 49 -47.65 -24.25 -4.50
CA ASP J 49 -48.95 -24.16 -3.85
C ASP J 49 -49.26 -25.50 -3.17
N LEU J 50 -49.40 -25.49 -1.85
CA LEU J 50 -49.68 -26.71 -1.09
C LEU J 50 -51.15 -27.16 -1.13
N VAL J 51 -52.05 -26.28 -1.56
CA VAL J 51 -53.46 -26.62 -1.79
C VAL J 51 -53.57 -27.12 -3.22
N ASP J 52 -53.08 -28.33 -3.45
CA ASP J 52 -53.05 -28.93 -4.77
C ASP J 52 -53.25 -30.43 -4.60
N PRO J 53 -54.42 -30.96 -5.02
CA PRO J 53 -54.76 -32.38 -4.88
C PRO J 53 -53.64 -33.35 -5.26
N THR J 54 -52.97 -33.07 -6.38
CA THR J 54 -51.92 -33.95 -6.94
C THR J 54 -50.79 -34.26 -5.97
N LEU J 55 -50.53 -33.37 -5.03
CA LEU J 55 -49.47 -33.55 -4.05
C LEU J 55 -49.76 -34.67 -3.06
N TYR J 56 -51.05 -34.95 -2.83
CA TYR J 56 -51.50 -35.90 -1.81
C TYR J 56 -52.22 -37.15 -2.36
N GLY J 57 -52.05 -37.45 -3.66
CA GLY J 57 -52.62 -38.66 -4.30
C GLY J 57 -53.95 -38.52 -5.03
N TYR J 58 -54.62 -37.37 -4.90
CA TYR J 58 -55.91 -37.13 -5.54
C TYR J 58 -55.71 -36.52 -6.92
N ALA J 59 -56.52 -36.96 -7.90
CA ALA J 59 -56.52 -36.37 -9.23
C ALA J 59 -57.25 -35.02 -9.18
N VAL J 60 -57.08 -34.23 -10.24
CA VAL J 60 -57.39 -32.78 -10.23
C VAL J 60 -58.84 -32.42 -9.83
N GLY J 61 -59.82 -33.10 -10.44
CA GLY J 61 -61.25 -32.82 -10.21
C GLY J 61 -61.96 -33.73 -9.22
N ASP J 62 -61.22 -34.64 -8.58
CA ASP J 62 -61.76 -35.64 -7.64
C ASP J 62 -62.55 -34.97 -6.51
N PRO J 63 -63.85 -35.27 -6.39
CA PRO J 63 -64.68 -34.55 -5.41
C PRO J 63 -64.37 -34.87 -3.95
N ARG J 64 -63.72 -36.02 -3.69
CA ARG J 64 -63.35 -36.43 -2.33
C ARG J 64 -62.05 -35.78 -1.81
N TRP J 65 -61.37 -35.00 -2.66
CA TRP J 65 -60.30 -34.08 -2.22
C TRP J 65 -60.81 -33.15 -1.11
N LYS J 66 -61.97 -32.54 -1.31
CA LYS J 66 -62.52 -31.56 -0.35
C LYS J 66 -62.90 -32.19 1.00
N ASP J 67 -63.21 -33.49 1.00
CA ASP J 67 -63.50 -34.26 2.21
C ASP J 67 -62.25 -34.83 2.88
N SER J 68 -61.07 -34.59 2.31
CA SER J 68 -59.84 -35.20 2.82
C SER J 68 -59.40 -34.52 4.13
N PRO J 69 -58.66 -35.26 4.98
CA PRO J 69 -58.11 -34.66 6.20
C PRO J 69 -57.01 -33.62 5.90
N GLU J 70 -56.32 -33.79 4.75
CA GLU J 70 -55.33 -32.82 4.28
C GLU J 70 -56.00 -31.47 3.97
N TYR J 71 -57.01 -31.46 3.10
CA TYR J 71 -57.76 -30.23 2.84
C TYR J 71 -58.40 -29.64 4.10
N ALA J 72 -58.83 -30.50 5.01
CA ALA J 72 -59.43 -30.05 6.28
C ALA J 72 -58.44 -29.17 7.06
N LEU J 73 -57.22 -29.66 7.20
CA LEU J 73 -56.16 -28.95 7.85
C LEU J 73 -55.81 -27.63 7.17
N LEU J 74 -55.52 -27.70 5.87
CA LEU J 74 -55.00 -26.56 5.10
C LEU J 74 -56.03 -25.44 5.01
N SER J 75 -57.26 -25.78 4.66
CA SER J 75 -58.32 -24.77 4.45
C SER J 75 -58.83 -24.12 5.75
N ASN J 76 -58.50 -24.68 6.92
CA ASN J 76 -58.83 -24.06 8.23
C ASN J 76 -57.79 -23.08 8.80
N LEU J 77 -56.65 -22.90 8.12
CA LEU J 77 -55.58 -22.04 8.63
C LEU J 77 -55.86 -20.55 8.40
N ASP J 78 -55.46 -19.71 9.35
CA ASP J 78 -55.52 -18.24 9.19
C ASP J 78 -54.90 -17.70 7.90
N THR J 79 -53.86 -18.36 7.39
CA THR J 79 -53.14 -17.93 6.20
C THR J 79 -53.72 -18.43 4.88
N PHE J 80 -54.72 -19.31 4.95
CA PHE J 80 -55.35 -19.90 3.76
C PHE J 80 -56.12 -18.83 2.99
N SER J 81 -56.01 -18.87 1.67
CA SER J 81 -56.68 -17.89 0.83
C SER J 81 -57.05 -18.48 -0.53
N GLY J 82 -57.40 -19.77 -0.55
CA GLY J 82 -57.60 -20.52 -1.79
C GLY J 82 -56.32 -21.20 -2.23
N LYS J 83 -55.21 -20.47 -2.18
CA LYS J 83 -53.88 -20.99 -2.33
C LYS J 83 -53.20 -21.03 -0.96
N LEU J 84 -52.02 -21.63 -0.89
CA LEU J 84 -51.26 -21.69 0.35
C LEU J 84 -49.80 -21.98 0.06
N SER J 85 -48.93 -21.01 0.34
CA SER J 85 -47.49 -21.19 0.16
C SER J 85 -46.92 -22.01 1.29
N ILE J 86 -45.68 -22.46 1.11
CA ILE J 86 -44.99 -23.22 2.15
C ILE J 86 -44.85 -22.36 3.42
N LYS J 87 -44.57 -21.06 3.25
CA LYS J 87 -44.45 -20.15 4.37
C LYS J 87 -45.79 -19.89 5.05
N ASP J 88 -46.84 -19.75 4.24
CA ASP J 88 -48.22 -19.64 4.76
C ASP J 88 -48.59 -20.83 5.66
N PHE J 89 -48.24 -22.05 5.20
CA PHE J 89 -48.54 -23.24 5.99
C PHE J 89 -47.72 -23.30 7.27
N LEU J 90 -46.42 -23.12 7.14
CA LEU J 90 -45.51 -23.21 8.29
C LEU J 90 -45.78 -22.13 9.33
N SER J 91 -46.20 -20.95 8.89
CA SER J 91 -46.54 -19.84 9.80
C SER J 91 -48.00 -19.88 10.23
N GLY J 92 -48.85 -20.54 9.46
CA GLY J 92 -50.29 -20.60 9.74
C GLY J 92 -50.69 -21.41 10.96
N SER J 93 -51.80 -20.99 11.58
CA SER J 93 -52.42 -21.68 12.71
C SER J 93 -53.92 -21.80 12.40
N PRO J 94 -54.61 -22.84 12.93
CA PRO J 94 -54.20 -23.86 13.91
C PRO J 94 -53.68 -25.16 13.30
N LYS J 95 -52.61 -25.69 13.89
CA LYS J 95 -52.12 -27.03 13.58
C LYS J 95 -51.24 -27.52 14.73
N GLN J 96 -51.07 -28.83 14.85
CA GLN J 96 -50.47 -29.41 16.06
C GLN J 96 -48.94 -29.22 16.21
N SER J 97 -48.26 -28.75 15.17
CA SER J 97 -46.83 -28.41 15.24
C SER J 97 -46.58 -26.93 15.57
N GLY J 98 -47.64 -26.18 15.86
CA GLY J 98 -47.52 -24.78 16.21
C GLY J 98 -47.28 -23.93 14.99
N GLU J 99 -46.42 -22.92 15.14
CA GLU J 99 -46.15 -21.92 14.11
C GLU J 99 -44.64 -21.72 13.97
N LEU J 100 -44.21 -21.31 12.79
CA LEU J 100 -42.84 -20.83 12.55
C LEU J 100 -42.93 -19.39 12.05
N LYS J 101 -42.50 -18.44 12.89
CA LYS J 101 -42.49 -17.04 12.52
C LYS J 101 -41.11 -16.65 11.99
N GLY J 102 -41.08 -15.56 11.22
CA GLY J 102 -39.84 -14.98 10.71
C GLY J 102 -39.00 -15.87 9.83
N LEU J 103 -39.63 -16.59 8.92
CA LEU J 103 -38.93 -17.31 7.87
C LEU J 103 -38.81 -16.37 6.69
N SER J 104 -37.69 -16.40 5.99
CA SER J 104 -37.52 -15.57 4.81
C SER J 104 -38.29 -16.15 3.62
N ASP J 105 -38.59 -15.31 2.64
CA ASP J 105 -39.33 -15.75 1.46
C ASP J 105 -38.57 -16.72 0.54
N GLU J 106 -37.24 -16.77 0.67
CA GLU J 106 -36.44 -17.76 -0.05
C GLU J 106 -35.23 -18.20 0.77
N TYR J 107 -34.72 -19.36 0.42
CA TYR J 107 -33.48 -19.88 0.99
C TYR J 107 -32.65 -20.29 -0.22
N PRO J 108 -31.62 -19.49 -0.56
CA PRO J 108 -30.84 -19.71 -1.79
C PRO J 108 -29.69 -20.64 -1.58
N PHE J 109 -29.26 -21.32 -2.63
CA PHE J 109 -28.07 -22.16 -2.53
C PHE J 109 -26.85 -21.30 -2.29
N GLU J 110 -26.14 -21.60 -1.20
CA GLU J 110 -24.78 -21.10 -0.94
C GLU J 110 -23.84 -22.30 -0.75
N LYS J 111 -22.54 -22.02 -0.84
CA LYS J 111 -21.52 -23.03 -0.86
C LYS J 111 -20.98 -23.39 0.53
N ASP J 112 -21.23 -22.55 1.52
CA ASP J 112 -20.76 -22.78 2.89
C ASP J 112 -21.94 -22.44 3.76
N ASN J 113 -22.30 -23.34 4.67
CA ASN J 113 -23.48 -23.15 5.51
C ASN J 113 -24.74 -22.90 4.65
N ASN J 114 -24.94 -23.77 3.66
CA ASN J 114 -26.09 -23.67 2.73
C ASN J 114 -27.40 -23.36 3.49
N PRO J 115 -28.05 -22.22 3.20
CA PRO J 115 -29.34 -21.92 3.85
C PRO J 115 -30.46 -22.92 3.57
N VAL J 116 -30.39 -23.64 2.45
CA VAL J 116 -31.36 -24.70 2.16
C VAL J 116 -31.22 -25.80 3.23
N GLY J 117 -29.98 -26.20 3.49
CA GLY J 117 -29.66 -27.17 4.55
C GLY J 117 -30.17 -26.79 5.93
N ASN J 118 -30.05 -25.50 6.29
CA ASN J 118 -30.52 -25.01 7.59
C ASN J 118 -32.03 -24.98 7.68
N PHE J 119 -32.69 -24.68 6.56
CA PHE J 119 -34.15 -24.73 6.45
C PHE J 119 -34.65 -26.17 6.55
N ALA J 120 -33.96 -27.09 5.87
CA ALA J 120 -34.25 -28.52 5.93
C ALA J 120 -34.26 -29.04 7.38
N THR J 121 -33.27 -28.60 8.15
CA THR J 121 -33.19 -28.91 9.56
C THR J 121 -34.32 -28.27 10.37
N THR J 122 -34.62 -26.99 10.12
CA THR J 122 -35.74 -26.31 10.81
C THR J 122 -37.09 -27.00 10.57
N VAL J 123 -37.34 -27.44 9.34
CA VAL J 123 -38.59 -28.10 8.97
C VAL J 123 -38.61 -29.54 9.53
N SER J 124 -37.50 -30.25 9.39
CA SER J 124 -37.35 -31.61 9.96
C SER J 124 -37.57 -31.70 11.48
N ASP J 125 -37.29 -30.64 12.24
CA ASP J 125 -37.55 -30.58 13.69
C ASP J 125 -38.99 -30.25 14.07
N ARG J 126 -39.91 -30.33 13.10
CA ARG J 126 -41.35 -30.32 13.37
C ARG J 126 -41.98 -31.69 13.08
N SER J 127 -41.40 -32.49 12.18
CA SER J 127 -41.58 -33.95 12.20
C SER J 127 -41.06 -34.57 13.51
N ALA K 1 -13.55 -11.48 4.55
CA ALA K 1 -12.45 -12.26 5.16
C ALA K 1 -11.46 -12.75 4.09
N ILE K 2 -11.85 -13.75 3.30
CA ILE K 2 -10.86 -14.56 2.56
C ILE K 2 -10.02 -13.70 1.61
N GLN K 3 -8.71 -13.77 1.76
CA GLN K 3 -7.76 -12.96 1.01
C GLN K 3 -7.06 -13.81 -0.01
N MET K 4 -7.05 -13.35 -1.26
CA MET K 4 -6.35 -14.04 -2.33
C MET K 4 -5.07 -13.27 -2.67
N THR K 5 -3.97 -13.98 -2.79
CA THR K 5 -2.68 -13.39 -3.07
C THR K 5 -2.13 -14.04 -4.30
N GLN K 6 -2.14 -13.32 -5.42
CA GLN K 6 -1.49 -13.77 -6.65
C GLN K 6 0.00 -13.53 -6.59
N SER K 7 0.74 -14.22 -7.44
CA SER K 7 2.13 -13.90 -7.69
C SER K 7 2.62 -14.60 -8.96
N PRO K 8 3.56 -13.98 -9.71
CA PRO K 8 4.17 -12.68 -9.41
C PRO K 8 3.20 -11.54 -9.74
N SER K 9 3.41 -10.36 -9.13
CA SER K 9 2.58 -9.18 -9.46
C SER K 9 2.67 -8.81 -10.93
N SER K 10 3.84 -9.04 -11.52
CA SER K 10 4.00 -8.94 -12.96
C SER K 10 5.14 -9.84 -13.43
N LEU K 11 5.29 -9.95 -14.74
CA LEU K 11 6.05 -11.01 -15.34
C LEU K 11 6.25 -10.70 -16.80
N SER K 12 7.44 -10.95 -17.32
CA SER K 12 7.74 -10.69 -18.72
C SER K 12 8.01 -12.00 -19.45
N ALA K 13 7.57 -12.11 -20.71
CA ALA K 13 7.75 -13.34 -21.48
C ALA K 13 7.54 -13.11 -22.95
N SER K 14 7.95 -14.09 -23.75
CA SER K 14 7.90 -13.99 -25.22
C SER K 14 6.88 -14.92 -25.82
N VAL K 15 6.45 -14.60 -27.03
CA VAL K 15 5.56 -15.47 -27.79
C VAL K 15 6.19 -16.86 -27.81
N GLY K 16 5.43 -17.88 -27.39
CA GLY K 16 5.91 -19.26 -27.35
C GLY K 16 6.28 -19.78 -25.98
N ASP K 17 6.62 -18.89 -25.03
CA ASP K 17 6.99 -19.29 -23.67
C ASP K 17 5.87 -20.01 -22.91
N ARG K 18 6.26 -20.65 -21.83
CA ARG K 18 5.36 -21.35 -20.94
C ARG K 18 5.21 -20.50 -19.68
N VAL K 19 4.02 -19.93 -19.49
CA VAL K 19 3.75 -19.00 -18.39
C VAL K 19 2.91 -19.65 -17.27
N THR K 20 3.18 -19.26 -16.02
CA THR K 20 2.55 -19.88 -14.86
C THR K 20 2.31 -18.87 -13.75
N ILE K 21 1.04 -18.60 -13.49
CA ILE K 21 0.61 -17.64 -12.48
C ILE K 21 0.04 -18.44 -11.32
N THR K 22 0.26 -17.96 -10.10
CA THR K 22 -0.13 -18.64 -8.88
C THR K 22 -1.09 -17.76 -8.11
N CYS K 23 -2.07 -18.40 -7.48
CA CYS K 23 -3.04 -17.73 -6.62
C CYS K 23 -3.18 -18.55 -5.35
N ARG K 24 -3.01 -17.89 -4.20
CA ARG K 24 -3.03 -18.54 -2.88
C ARG K 24 -4.10 -17.93 -2.01
N ALA K 25 -4.93 -18.78 -1.41
CA ALA K 25 -5.99 -18.34 -0.52
C ALA K 25 -5.55 -18.43 0.93
N SER K 26 -6.04 -17.53 1.78
CA SER K 26 -5.73 -17.56 3.20
C SER K 26 -6.47 -18.65 3.98
N GLN K 27 -7.34 -19.39 3.30
CA GLN K 27 -8.23 -20.40 3.89
C GLN K 27 -8.67 -21.33 2.75
N GLY K 28 -9.19 -22.50 3.09
CA GLY K 28 -9.62 -23.47 2.08
C GLY K 28 -10.79 -22.94 1.29
N ILE K 29 -10.72 -23.07 -0.04
CA ILE K 29 -11.82 -22.68 -0.94
C ILE K 29 -12.17 -23.77 -1.95
N ARG K 30 -11.82 -25.02 -1.64
CA ARG K 30 -12.23 -26.18 -2.45
C ARG K 30 -11.74 -26.03 -3.89
N ASN K 31 -12.61 -26.10 -4.90
CA ASN K 31 -12.24 -25.77 -6.27
C ASN K 31 -12.97 -24.54 -6.75
N ASP K 32 -13.45 -23.73 -5.82
CA ASP K 32 -14.35 -22.64 -6.14
C ASP K 32 -13.52 -21.38 -6.43
N LEU K 33 -12.82 -21.43 -7.55
CA LEU K 33 -11.89 -20.42 -7.96
C LEU K 33 -11.91 -20.26 -9.45
N GLY K 34 -12.12 -19.02 -9.91
CA GLY K 34 -12.07 -18.70 -11.34
C GLY K 34 -10.89 -17.80 -11.73
N TRP K 35 -10.57 -17.79 -13.02
CA TRP K 35 -9.55 -16.94 -13.59
C TRP K 35 -10.17 -16.06 -14.67
N TYR K 36 -9.89 -14.75 -14.57
CA TYR K 36 -10.35 -13.75 -15.53
C TYR K 36 -9.14 -13.07 -16.20
N GLN K 37 -9.31 -12.70 -17.46
CA GLN K 37 -8.33 -11.94 -18.26
C GLN K 37 -8.90 -10.54 -18.45
N GLN K 38 -8.08 -9.51 -18.28
CA GLN K 38 -8.48 -8.12 -18.61
C GLN K 38 -7.36 -7.46 -19.43
N LYS K 39 -7.77 -6.69 -20.44
CA LYS K 39 -6.88 -5.83 -21.21
C LYS K 39 -7.22 -4.35 -20.93
N PRO K 40 -6.27 -3.42 -21.17
CA PRO K 40 -6.54 -2.04 -20.79
C PRO K 40 -7.75 -1.43 -21.51
N GLY K 41 -8.60 -0.73 -20.75
CA GLY K 41 -9.83 -0.13 -21.26
C GLY K 41 -10.84 -1.10 -21.82
N LYS K 42 -10.89 -2.31 -21.24
CA LYS K 42 -11.85 -3.33 -21.65
C LYS K 42 -12.37 -4.09 -20.44
N ALA K 43 -13.51 -4.73 -20.64
CA ALA K 43 -14.16 -5.48 -19.57
C ALA K 43 -13.41 -6.80 -19.37
N PRO K 44 -13.43 -7.34 -18.13
CA PRO K 44 -12.86 -8.65 -17.92
C PRO K 44 -13.62 -9.77 -18.63
N LYS K 45 -12.92 -10.88 -18.86
CA LYS K 45 -13.43 -12.02 -19.59
C LYS K 45 -13.12 -13.27 -18.75
N LEU K 46 -14.12 -14.11 -18.53
CA LEU K 46 -13.90 -15.35 -17.80
C LEU K 46 -13.18 -16.35 -18.70
N LEU K 47 -12.12 -16.94 -18.15
CA LEU K 47 -11.32 -17.94 -18.86
C LEU K 47 -11.47 -19.33 -18.29
N ILE K 48 -11.32 -19.43 -16.98
CA ILE K 48 -11.36 -20.72 -16.29
C ILE K 48 -12.21 -20.59 -15.03
N TYR K 49 -13.06 -21.60 -14.79
CA TYR K 49 -13.84 -21.70 -13.55
C TYR K 49 -13.74 -23.08 -12.92
N SER K 50 -14.17 -23.16 -11.67
CA SER K 50 -14.13 -24.39 -10.88
C SER K 50 -12.72 -24.95 -10.87
N ALA K 51 -11.76 -24.04 -10.71
CA ALA K 51 -10.32 -24.33 -10.68
C ALA K 51 -9.68 -24.76 -12.00
N SER K 52 -10.35 -25.62 -12.78
CA SER K 52 -9.76 -26.21 -13.97
C SER K 52 -10.65 -26.37 -15.21
N THR K 53 -11.86 -25.84 -15.21
CA THR K 53 -12.74 -26.02 -16.37
C THR K 53 -12.58 -24.84 -17.29
N LEU K 54 -12.40 -25.12 -18.56
CA LEU K 54 -12.20 -24.06 -19.54
C LEU K 54 -13.52 -23.49 -19.96
N GLN K 55 -13.69 -22.16 -19.91
CA GLN K 55 -14.87 -21.47 -20.48
C GLN K 55 -14.89 -21.76 -21.96
N SER K 56 -16.06 -21.96 -22.55
CA SER K 56 -16.08 -22.38 -23.95
C SER K 56 -15.61 -21.22 -24.84
N GLY K 57 -14.90 -21.54 -25.91
CA GLY K 57 -14.25 -20.54 -26.75
C GLY K 57 -12.80 -20.29 -26.37
N VAL K 58 -12.45 -20.47 -25.10
CA VAL K 58 -11.08 -20.26 -24.64
C VAL K 58 -10.21 -21.40 -25.17
N PRO K 59 -9.07 -21.06 -25.83
CA PRO K 59 -8.27 -22.11 -26.48
C PRO K 59 -7.52 -23.03 -25.49
N SER K 60 -7.17 -24.23 -25.98
CA SER K 60 -6.63 -25.29 -25.12
C SER K 60 -5.26 -25.03 -24.48
N ARG K 61 -4.51 -24.04 -24.97
CA ARG K 61 -3.24 -23.66 -24.33
C ARG K 61 -3.41 -23.17 -22.88
N PHE K 62 -4.57 -22.59 -22.57
CA PHE K 62 -4.90 -22.24 -21.19
C PHE K 62 -5.33 -23.50 -20.43
N SER K 63 -4.94 -23.56 -19.16
CA SER K 63 -5.27 -24.67 -18.29
C SER K 63 -5.21 -24.22 -16.85
N GLY K 64 -6.04 -24.83 -16.02
CA GLY K 64 -6.18 -24.46 -14.63
C GLY K 64 -5.95 -25.67 -13.77
N SER K 65 -5.60 -25.42 -12.51
CA SER K 65 -5.18 -26.48 -11.63
C SER K 65 -5.24 -25.99 -10.19
N GLY K 66 -5.39 -26.96 -9.26
CA GLY K 66 -5.29 -26.69 -7.83
C GLY K 66 -6.52 -27.07 -7.03
N SER K 67 -6.33 -27.17 -5.72
CA SER K 67 -7.40 -27.40 -4.74
C SER K 67 -7.02 -26.85 -3.39
N GLY K 68 -8.02 -26.49 -2.61
CA GLY K 68 -7.82 -26.08 -1.23
C GLY K 68 -7.41 -24.63 -1.16
N THR K 69 -6.10 -24.37 -1.14
CA THR K 69 -5.55 -23.00 -1.05
C THR K 69 -4.59 -22.58 -2.16
N ASP K 70 -3.99 -23.51 -2.89
CA ASP K 70 -2.97 -23.19 -3.89
C ASP K 70 -3.50 -23.51 -5.28
N PHE K 71 -3.52 -22.51 -6.18
CA PHE K 71 -4.03 -22.68 -7.55
C PHE K 71 -3.09 -22.10 -8.60
N THR K 72 -3.32 -22.51 -9.85
CA THR K 72 -2.38 -22.29 -10.94
C THR K 72 -3.08 -22.12 -12.30
N LEU K 73 -2.93 -20.93 -12.89
CA LEU K 73 -3.24 -20.74 -14.31
C LEU K 73 -1.96 -20.98 -15.08
N THR K 74 -2.07 -21.57 -16.26
CA THR K 74 -0.92 -21.96 -17.08
C THR K 74 -1.23 -21.79 -18.56
N ILE K 75 -0.40 -21.01 -19.24
CA ILE K 75 -0.50 -20.85 -20.68
C ILE K 75 0.69 -21.62 -21.24
N SER K 76 0.42 -22.66 -22.03
CA SER K 76 1.45 -23.59 -22.47
C SER K 76 2.38 -22.96 -23.51
N SER K 77 1.80 -22.25 -24.47
CA SER K 77 2.57 -21.58 -25.53
C SER K 77 1.98 -20.19 -25.79
N LEU K 78 2.48 -19.20 -25.04
CA LEU K 78 1.96 -17.82 -25.05
C LEU K 78 1.81 -17.23 -26.45
N GLN K 79 0.75 -16.46 -26.66
CA GLN K 79 0.45 -15.92 -27.97
C GLN K 79 0.28 -14.42 -27.86
N PRO K 80 0.28 -13.69 -29.02
CA PRO K 80 0.12 -12.23 -28.96
C PRO K 80 -1.11 -11.76 -28.19
N GLU K 81 -2.24 -12.47 -28.35
CA GLU K 81 -3.52 -12.09 -27.71
C GLU K 81 -3.51 -12.27 -26.19
N ASP K 82 -2.57 -13.04 -25.65
CA ASP K 82 -2.55 -13.37 -24.22
C ASP K 82 -1.85 -12.35 -23.33
N PHE K 83 -1.27 -11.30 -23.91
CA PHE K 83 -0.61 -10.28 -23.09
C PHE K 83 -1.69 -9.41 -22.49
N ALA K 84 -1.78 -9.49 -21.16
CA ALA K 84 -2.89 -8.92 -20.42
C ALA K 84 -2.65 -9.05 -18.93
N THR K 85 -3.59 -8.56 -18.13
CA THR K 85 -3.61 -8.81 -16.69
C THR K 85 -4.60 -9.96 -16.37
N TYR K 86 -4.23 -10.84 -15.43
CA TYR K 86 -5.04 -11.98 -15.04
C TYR K 86 -5.38 -11.91 -13.57
N TYR K 87 -6.66 -12.09 -13.24
CA TYR K 87 -7.14 -12.09 -11.85
C TYR K 87 -7.79 -13.42 -11.49
N CYS K 88 -7.57 -13.86 -10.25
CA CYS K 88 -8.25 -15.02 -9.70
C CYS K 88 -9.37 -14.52 -8.81
N LEU K 89 -10.42 -15.34 -8.69
CA LEU K 89 -11.59 -15.03 -7.86
C LEU K 89 -12.03 -16.27 -7.07
N GLN K 90 -12.15 -16.11 -5.75
CA GLN K 90 -12.79 -17.11 -4.91
C GLN K 90 -14.25 -16.76 -4.72
N ASP K 91 -15.14 -17.74 -4.91
CA ASP K 91 -16.56 -17.58 -4.54
C ASP K 91 -17.09 -18.64 -3.55
N TYR K 92 -16.17 -19.25 -2.80
CA TYR K 92 -16.54 -20.18 -1.75
C TYR K 92 -17.26 -19.48 -0.58
N ASN K 93 -16.72 -18.35 -0.11
CA ASN K 93 -17.39 -17.53 0.92
C ASN K 93 -17.79 -16.17 0.38
N TYR K 94 -18.85 -15.60 0.94
CA TYR K 94 -19.18 -14.19 0.76
C TYR K 94 -18.45 -13.42 1.88
N PRO K 95 -17.82 -12.28 1.57
CA PRO K 95 -17.64 -11.62 0.28
C PRO K 95 -16.76 -12.43 -0.64
N TRP K 96 -17.13 -12.49 -1.91
CA TRP K 96 -16.22 -13.03 -2.93
C TRP K 96 -15.06 -12.03 -3.04
N THR K 97 -13.87 -12.54 -3.32
CA THR K 97 -12.68 -11.69 -3.34
C THR K 97 -11.74 -12.05 -4.47
N PHE K 98 -11.17 -11.01 -5.09
CA PHE K 98 -10.25 -11.16 -6.21
C PHE K 98 -8.82 -11.15 -5.73
N GLY K 99 -7.94 -11.80 -6.47
CA GLY K 99 -6.50 -11.56 -6.32
C GLY K 99 -6.12 -10.19 -6.82
N GLN K 100 -4.95 -9.70 -6.42
CA GLN K 100 -4.55 -8.32 -6.73
C GLN K 100 -4.09 -8.15 -8.18
N GLY K 101 -3.93 -9.24 -8.92
CA GLY K 101 -3.72 -9.20 -10.36
C GLY K 101 -2.30 -9.56 -10.70
N THR K 102 -2.11 -10.00 -11.94
CA THR K 102 -0.80 -10.37 -12.45
C THR K 102 -0.68 -9.94 -13.92
N LYS K 103 0.15 -8.91 -14.17
CA LYS K 103 0.33 -8.39 -15.53
C LYS K 103 1.33 -9.26 -16.28
N VAL K 104 1.00 -9.58 -17.53
CA VAL K 104 1.89 -10.35 -18.38
C VAL K 104 2.31 -9.42 -19.52
N GLU K 105 3.53 -8.89 -19.40
CA GLU K 105 4.09 -7.92 -20.33
C GLU K 105 4.94 -8.65 -21.38
N ILE K 106 5.00 -8.07 -22.57
CA ILE K 106 5.83 -8.54 -23.69
C ILE K 106 7.30 -8.26 -23.38
N LYS K 107 8.17 -9.27 -23.55
CA LYS K 107 9.62 -9.14 -23.30
C LYS K 107 10.34 -8.90 -24.62
N ARG K 108 11.37 -8.07 -24.56
CA ARG K 108 12.05 -7.56 -25.77
C ARG K 108 13.46 -7.08 -25.46
N THR K 109 14.24 -6.78 -26.50
CA THR K 109 15.61 -6.22 -26.35
C THR K 109 15.57 -4.90 -25.58
N VAL K 110 16.66 -4.60 -24.87
CA VAL K 110 16.79 -3.32 -24.14
C VAL K 110 16.82 -2.16 -25.16
N ALA K 111 16.23 -1.03 -24.78
CA ALA K 111 16.23 0.16 -25.62
C ALA K 111 16.34 1.37 -24.72
N ALA K 112 17.21 2.31 -25.09
CA ALA K 112 17.43 3.50 -24.30
C ALA K 112 16.34 4.52 -24.60
N PRO K 113 15.94 5.29 -23.59
CA PRO K 113 15.03 6.38 -23.85
C PRO K 113 15.76 7.53 -24.50
N SER K 114 15.21 8.10 -25.57
CA SER K 114 15.59 9.45 -25.95
C SER K 114 14.94 10.37 -24.91
N VAL K 115 15.74 11.25 -24.29
CA VAL K 115 15.28 12.15 -23.24
C VAL K 115 15.15 13.58 -23.77
N PHE K 116 14.10 14.27 -23.32
CA PHE K 116 13.81 15.65 -23.71
C PHE K 116 13.33 16.41 -22.48
N ILE K 117 13.68 17.70 -22.40
CA ILE K 117 13.18 18.56 -21.32
C ILE K 117 12.46 19.76 -21.93
N PHE K 118 11.46 20.26 -21.23
CA PHE K 118 10.60 21.34 -21.74
C PHE K 118 10.46 22.41 -20.68
N PRO K 119 10.86 23.65 -20.99
CA PRO K 119 10.59 24.67 -19.98
C PRO K 119 9.11 25.04 -19.94
N PRO K 120 8.68 25.72 -18.87
CA PRO K 120 7.35 26.31 -18.83
C PRO K 120 7.14 27.25 -20.00
N SER K 121 5.97 27.16 -20.63
CA SER K 121 5.55 28.13 -21.63
C SER K 121 5.42 29.51 -21.00
N ASP K 122 5.67 30.55 -21.80
CA ASP K 122 5.50 31.93 -21.36
C ASP K 122 4.04 32.14 -20.94
N GLU K 123 3.12 31.58 -21.72
CA GLU K 123 1.69 31.69 -21.44
C GLU K 123 1.31 31.17 -20.05
N GLN K 124 1.88 30.04 -19.65
CA GLN K 124 1.61 29.50 -18.31
C GLN K 124 2.10 30.41 -17.21
N LEU K 125 3.29 30.99 -17.41
CA LEU K 125 3.90 31.85 -16.40
C LEU K 125 3.05 33.08 -16.06
N LYS K 126 2.26 33.59 -17.02
CA LYS K 126 1.25 34.61 -16.75
C LYS K 126 0.26 34.19 -15.65
N SER K 127 -0.13 32.91 -15.65
CA SER K 127 -1.07 32.38 -14.66
C SER K 127 -0.51 32.29 -13.23
N GLY K 128 0.81 32.24 -13.09
CA GLY K 128 1.45 32.21 -11.75
C GLY K 128 1.96 30.84 -11.29
N THR K 129 1.99 29.86 -12.19
CA THR K 129 2.56 28.53 -11.90
C THR K 129 3.53 28.14 -13.01
N ALA K 130 4.53 27.33 -12.67
CA ALA K 130 5.52 26.84 -13.62
C ALA K 130 5.59 25.31 -13.61
N SER K 131 5.46 24.73 -14.80
CA SER K 131 5.47 23.28 -14.98
C SER K 131 6.61 22.94 -15.92
N VAL K 132 7.56 22.19 -15.40
CA VAL K 132 8.71 21.72 -16.18
C VAL K 132 8.50 20.25 -16.43
N VAL K 133 8.59 19.83 -17.68
CA VAL K 133 8.29 18.46 -18.07
C VAL K 133 9.51 17.75 -18.65
N CYS K 134 9.83 16.58 -18.11
CA CYS K 134 10.83 15.71 -18.70
C CYS K 134 10.18 14.50 -19.35
N LEU K 135 10.61 14.16 -20.56
CA LEU K 135 10.03 13.07 -21.34
C LEU K 135 11.09 12.02 -21.62
N LEU K 136 10.86 10.79 -21.16
CA LEU K 136 11.64 9.64 -21.63
C LEU K 136 10.79 8.93 -22.68
N ASN K 137 11.33 8.76 -23.87
CA ASN K 137 10.54 8.29 -25.00
C ASN K 137 11.01 6.92 -25.47
N ASN K 138 10.07 5.97 -25.59
CA ASN K 138 10.29 4.65 -26.20
C ASN K 138 11.49 3.84 -25.66
N PHE K 139 11.33 3.37 -24.42
CA PHE K 139 12.37 2.58 -23.73
C PHE K 139 11.88 1.22 -23.22
N TYR K 140 12.83 0.37 -22.86
CA TYR K 140 12.59 -0.95 -22.26
C TYR K 140 13.85 -1.38 -21.50
N PRO K 141 13.70 -1.94 -20.29
CA PRO K 141 12.50 -2.27 -19.53
C PRO K 141 11.83 -1.05 -18.90
N ARG K 142 10.72 -1.28 -18.20
CA ARG K 142 9.91 -0.22 -17.60
C ARG K 142 10.62 0.53 -16.44
N GLU K 143 11.59 -0.12 -15.79
CA GLU K 143 12.31 0.48 -14.66
C GLU K 143 13.09 1.72 -15.11
N ALA K 144 12.97 2.81 -14.35
CA ALA K 144 13.65 4.06 -14.65
C ALA K 144 13.64 4.99 -13.45
N LYS K 145 14.78 5.62 -13.19
CA LYS K 145 14.92 6.64 -12.15
C LYS K 145 14.99 7.99 -12.85
N VAL K 146 14.15 8.93 -12.42
CA VAL K 146 14.17 10.30 -12.94
C VAL K 146 14.35 11.23 -11.75
N GLN K 147 15.44 12.00 -11.75
CA GLN K 147 15.75 12.94 -10.68
C GLN K 147 15.75 14.38 -11.19
N TRP K 148 15.00 15.25 -10.53
CA TRP K 148 15.05 16.67 -10.81
C TRP K 148 16.14 17.32 -9.95
N LYS K 149 16.97 18.15 -10.58
CA LYS K 149 17.91 19.03 -9.87
C LYS K 149 17.61 20.49 -10.26
N VAL K 150 17.55 21.38 -9.28
CA VAL K 150 17.38 22.83 -9.50
C VAL K 150 18.58 23.58 -8.88
N ASP K 151 19.52 24.02 -9.72
CA ASP K 151 20.84 24.54 -9.27
C ASP K 151 21.58 23.47 -8.45
N ASN K 152 21.63 22.26 -9.00
CA ASN K 152 22.18 21.06 -8.34
C ASN K 152 21.62 20.71 -6.94
N ALA K 153 20.37 21.10 -6.67
CA ALA K 153 19.65 20.69 -5.47
C ALA K 153 18.64 19.59 -5.85
N LEU K 154 18.93 18.33 -5.47
CA LEU K 154 18.04 17.19 -5.71
C LEU K 154 16.66 17.52 -5.17
N GLN K 155 15.67 17.55 -6.06
CA GLN K 155 14.33 18.05 -5.73
C GLN K 155 13.45 16.93 -5.17
N SER K 156 12.55 17.28 -4.26
CA SER K 156 11.84 16.27 -3.47
C SER K 156 10.41 16.68 -3.14
N GLY K 157 9.47 15.78 -3.45
CA GLY K 157 8.06 15.96 -3.13
C GLY K 157 7.28 17.02 -3.89
N ASN K 158 7.80 17.48 -5.05
CA ASN K 158 7.12 18.50 -5.87
C ASN K 158 7.03 18.10 -7.36
N SER K 159 7.05 16.79 -7.63
CA SER K 159 6.94 16.28 -9.02
C SER K 159 6.10 15.00 -9.09
N GLN K 160 5.53 14.70 -10.26
CA GLN K 160 4.68 13.52 -10.47
C GLN K 160 5.01 12.82 -11.78
N GLU K 161 4.92 11.50 -11.80
CA GLU K 161 5.27 10.69 -12.98
C GLU K 161 4.03 10.02 -13.57
N SER K 162 4.18 9.52 -14.79
CA SER K 162 3.11 8.82 -15.49
C SER K 162 3.73 8.03 -16.63
N VAL K 163 3.17 6.86 -16.95
CA VAL K 163 3.79 5.88 -17.86
C VAL K 163 2.78 5.35 -18.84
N THR K 164 3.14 5.25 -20.11
CA THR K 164 2.26 4.65 -21.11
C THR K 164 2.17 3.14 -20.89
N GLU K 165 1.12 2.53 -21.44
CA GLU K 165 1.07 1.07 -21.55
C GLU K 165 2.09 0.67 -22.62
N GLN K 166 2.58 -0.55 -22.53
CA GLN K 166 3.49 -1.13 -23.52
C GLN K 166 2.93 -0.94 -24.94
N ASP K 167 3.78 -0.51 -25.87
CA ASP K 167 3.33 -0.17 -27.23
C ASP K 167 2.99 -1.42 -28.05
N SER K 168 1.95 -1.34 -28.87
CA SER K 168 1.57 -2.46 -29.74
C SER K 168 2.55 -2.69 -30.90
N LYS K 169 3.26 -1.64 -31.32
CA LYS K 169 4.20 -1.74 -32.45
C LYS K 169 5.59 -2.24 -32.02
N ASP K 170 6.23 -1.55 -31.07
CA ASP K 170 7.62 -1.83 -30.68
C ASP K 170 7.84 -2.30 -29.22
N SER K 171 6.74 -2.53 -28.48
CA SER K 171 6.80 -3.02 -27.10
C SER K 171 7.57 -2.15 -26.09
N THR K 172 7.67 -0.84 -26.36
CA THR K 172 8.39 0.08 -25.46
C THR K 172 7.44 0.80 -24.53
N TYR K 173 8.00 1.49 -23.54
CA TYR K 173 7.27 2.36 -22.63
C TYR K 173 7.72 3.80 -22.86
N SER K 174 6.96 4.76 -22.36
CA SER K 174 7.35 6.18 -22.36
C SER K 174 6.96 6.75 -21.01
N LEU K 175 7.71 7.71 -20.51
CA LEU K 175 7.48 8.28 -19.18
C LEU K 175 7.47 9.80 -19.22
N SER K 176 6.62 10.41 -18.41
CA SER K 176 6.52 11.85 -18.25
C SER K 176 6.72 12.13 -16.79
N SER K 177 7.73 12.93 -16.45
CA SER K 177 7.84 13.47 -15.10
C SER K 177 7.60 14.98 -15.19
N THR K 178 6.82 15.52 -14.25
CA THR K 178 6.40 16.91 -14.29
C THR K 178 6.72 17.56 -12.96
N LEU K 179 7.70 18.46 -12.96
CA LEU K 179 8.09 19.25 -11.79
C LEU K 179 7.24 20.52 -11.75
N THR K 180 6.67 20.81 -10.59
CA THR K 180 5.72 21.93 -10.45
C THR K 180 6.16 22.89 -9.33
N LEU K 181 6.30 24.17 -9.69
CA LEU K 181 6.73 25.23 -8.76
C LEU K 181 5.87 26.46 -8.97
N SER K 182 5.84 27.35 -7.97
CA SER K 182 5.24 28.67 -8.14
C SER K 182 6.10 29.49 -9.11
N LYS K 183 5.50 30.53 -9.71
CA LYS K 183 6.26 31.46 -10.57
C LYS K 183 7.41 32.06 -9.77
N ALA K 184 7.12 32.45 -8.53
CA ALA K 184 8.11 32.95 -7.58
C ALA K 184 9.36 32.07 -7.52
N ASP K 185 9.19 30.81 -7.10
CA ASP K 185 10.31 29.86 -6.96
C ASP K 185 10.98 29.52 -8.27
N TYR K 186 10.24 29.54 -9.38
CA TYR K 186 10.82 29.29 -10.70
C TYR K 186 11.82 30.37 -11.03
N GLU K 187 11.40 31.62 -10.89
CA GLU K 187 12.25 32.77 -11.19
C GLU K 187 13.42 32.97 -10.22
N LYS K 188 13.34 32.41 -9.02
CA LYS K 188 14.46 32.40 -8.05
C LYS K 188 15.62 31.44 -8.34
N HIS K 189 15.60 30.66 -9.42
CA HIS K 189 16.69 29.71 -9.75
C HIS K 189 17.00 29.74 -11.24
N LYS K 190 18.11 29.10 -11.64
CA LYS K 190 18.63 29.23 -13.01
C LYS K 190 18.76 27.90 -13.79
N VAL K 191 19.49 26.93 -13.23
CA VAL K 191 19.71 25.64 -13.90
C VAL K 191 18.60 24.65 -13.55
N TYR K 192 17.79 24.29 -14.56
CA TYR K 192 16.73 23.28 -14.41
C TYR K 192 17.12 22.02 -15.15
N ALA K 193 17.26 20.93 -14.41
CA ALA K 193 17.88 19.70 -14.94
C ALA K 193 17.12 18.44 -14.56
N CYS K 194 16.97 17.56 -15.56
CA CYS K 194 16.31 16.27 -15.42
C CYS K 194 17.37 15.18 -15.62
N GLU K 195 17.68 14.41 -14.58
CA GLU K 195 18.64 13.28 -14.67
C GLU K 195 17.95 11.91 -14.74
N VAL K 196 18.36 11.10 -15.71
CA VAL K 196 17.67 9.86 -16.07
C VAL K 196 18.60 8.64 -16.02
N THR K 197 18.42 7.78 -15.01
CA THR K 197 19.14 6.50 -14.92
C THR K 197 18.29 5.35 -15.48
N HIS K 198 18.89 4.49 -16.31
CA HIS K 198 18.17 3.41 -16.97
C HIS K 198 19.16 2.39 -17.55
N GLN K 199 18.76 1.13 -17.58
CA GLN K 199 19.68 0.04 -17.94
C GLN K 199 20.36 0.20 -19.31
N GLY K 200 19.59 0.63 -20.32
CA GLY K 200 20.13 0.93 -21.65
C GLY K 200 21.07 2.12 -21.78
N LEU K 201 21.18 2.94 -20.74
CA LEU K 201 22.11 4.07 -20.67
C LEU K 201 23.33 3.71 -19.82
N SER K 202 24.51 3.71 -20.45
CA SER K 202 25.77 3.36 -19.78
C SER K 202 26.06 4.19 -18.53
N SER K 203 25.76 5.48 -18.60
CA SER K 203 25.82 6.37 -17.43
C SER K 203 24.56 7.24 -17.43
N PRO K 204 24.19 7.81 -16.27
CA PRO K 204 23.03 8.71 -16.23
C PRO K 204 23.10 9.83 -17.28
N VAL K 205 21.99 10.07 -17.98
CA VAL K 205 21.87 11.15 -18.96
C VAL K 205 21.15 12.31 -18.31
N THR K 206 21.74 13.50 -18.38
CA THR K 206 21.09 14.73 -17.94
C THR K 206 20.73 15.58 -19.15
N LYS K 207 19.53 16.18 -19.10
CA LYS K 207 19.13 17.24 -20.01
C LYS K 207 18.73 18.41 -19.15
N SER K 208 19.02 19.62 -19.65
CA SER K 208 18.75 20.83 -18.89
C SER K 208 18.70 22.05 -19.77
N PHE K 209 18.18 23.13 -19.18
CA PHE K 209 18.16 24.44 -19.79
C PHE K 209 18.49 25.44 -18.69
N ASN K 210 18.87 26.65 -19.11
CA ASN K 210 19.03 27.77 -18.18
C ASN K 210 17.85 28.71 -18.36
N ARG K 211 17.27 29.18 -17.25
CA ARG K 211 15.91 29.75 -17.23
C ARG K 211 15.48 30.64 -18.41
N GLY K 212 15.94 31.89 -18.49
CA GLY K 212 15.49 32.80 -19.53
C GLY K 212 16.24 32.72 -20.87
N GLU K 213 17.14 31.73 -21.02
CA GLU K 213 18.11 31.75 -22.11
C GLU K 213 17.60 30.94 -23.29
N CYS K 214 17.12 31.64 -24.33
CA CYS K 214 16.58 31.03 -25.55
C CYS K 214 17.63 30.12 -26.21
N GLU L 1 -27.62 -11.86 -29.14
CA GLU L 1 -26.43 -11.66 -28.27
C GLU L 1 -26.87 -11.22 -26.87
N VAL L 2 -26.26 -11.85 -25.86
CA VAL L 2 -26.43 -11.42 -24.46
C VAL L 2 -25.74 -10.06 -24.30
N GLN L 3 -26.34 -9.16 -23.53
CA GLN L 3 -25.81 -7.80 -23.43
C GLN L 3 -26.28 -7.03 -22.20
N LEU L 4 -25.33 -6.32 -21.58
CA LEU L 4 -25.56 -5.54 -20.37
C LEU L 4 -25.07 -4.11 -20.61
N VAL L 5 -25.91 -3.09 -20.44
CA VAL L 5 -25.50 -1.68 -20.61
C VAL L 5 -25.72 -0.95 -19.29
N GLU L 6 -24.63 -0.49 -18.68
CA GLU L 6 -24.70 0.28 -17.44
C GLU L 6 -25.01 1.74 -17.74
N SER L 7 -25.56 2.43 -16.76
CA SER L 7 -25.79 3.88 -16.86
C SER L 7 -25.92 4.43 -15.45
N GLY L 8 -25.95 5.75 -15.35
CA GLY L 8 -26.25 6.45 -14.08
C GLY L 8 -25.05 6.94 -13.28
N GLY L 9 -23.86 6.63 -13.74
CA GLY L 9 -22.65 7.16 -13.11
C GLY L 9 -22.46 8.64 -13.39
N GLY L 10 -21.58 9.26 -12.64
CA GLY L 10 -21.24 10.66 -12.82
C GLY L 10 -20.45 11.20 -11.64
N LEU L 11 -20.63 12.48 -11.36
CA LEU L 11 -19.85 13.22 -10.37
C LEU L 11 -20.69 13.61 -9.19
N VAL L 12 -20.19 13.41 -7.99
CA VAL L 12 -20.87 13.89 -6.77
C VAL L 12 -19.83 14.19 -5.73
N GLN L 13 -20.28 14.84 -4.67
CA GLN L 13 -19.43 15.15 -3.53
C GLN L 13 -19.54 14.10 -2.46
N PRO L 14 -18.52 14.01 -1.58
CA PRO L 14 -18.58 13.17 -0.38
C PRO L 14 -19.87 13.34 0.38
N GLY L 15 -20.50 12.23 0.75
CA GLY L 15 -21.84 12.22 1.37
C GLY L 15 -23.00 12.17 0.38
N GLY L 16 -22.73 12.26 -0.92
CA GLY L 16 -23.80 12.28 -1.93
C GLY L 16 -24.28 10.89 -2.32
N SER L 17 -25.16 10.87 -3.33
CA SER L 17 -25.85 9.66 -3.77
C SER L 17 -25.89 9.49 -5.27
N LEU L 18 -25.80 8.24 -5.72
CA LEU L 18 -25.99 7.87 -7.13
C LEU L 18 -26.83 6.60 -7.21
N ARG L 19 -27.50 6.41 -8.34
CA ARG L 19 -28.22 5.18 -8.62
C ARG L 19 -27.71 4.67 -9.94
N LEU L 20 -27.05 3.53 -9.95
CA LEU L 20 -26.62 2.90 -11.19
C LEU L 20 -27.74 1.96 -11.70
N SER L 21 -27.88 1.89 -13.02
CA SER L 21 -28.79 0.96 -13.69
C SER L 21 -27.99 0.09 -14.64
N CYS L 22 -28.44 -1.15 -14.79
CA CYS L 22 -27.92 -2.04 -15.82
C CYS L 22 -29.06 -2.67 -16.58
N ALA L 23 -29.09 -2.46 -17.90
CA ALA L 23 -30.16 -2.98 -18.73
C ALA L 23 -29.75 -4.29 -19.40
N ALA L 24 -30.41 -5.39 -19.04
CA ALA L 24 -30.11 -6.70 -19.62
C ALA L 24 -30.98 -7.00 -20.84
N SER L 25 -30.39 -7.68 -21.81
CA SER L 25 -31.14 -8.11 -22.99
C SER L 25 -30.52 -9.38 -23.63
N GLY L 26 -31.35 -10.11 -24.38
CA GLY L 26 -30.93 -11.30 -25.11
C GLY L 26 -30.73 -12.54 -24.24
N PHE L 27 -31.34 -12.58 -23.06
CA PHE L 27 -31.39 -13.78 -22.23
C PHE L 27 -32.47 -13.62 -21.15
N THR L 28 -32.84 -14.69 -20.48
CA THR L 28 -33.91 -14.62 -19.49
C THR L 28 -33.37 -14.06 -18.17
N PHE L 29 -33.43 -12.74 -18.06
CA PHE L 29 -32.84 -12.00 -16.94
C PHE L 29 -33.24 -12.58 -15.59
N SER L 30 -34.50 -12.97 -15.44
CA SER L 30 -35.02 -13.46 -14.16
C SER L 30 -34.47 -14.83 -13.72
N SER L 31 -33.76 -15.52 -14.61
CA SER L 31 -33.19 -16.84 -14.31
C SER L 31 -31.77 -16.82 -13.78
N TYR L 32 -31.07 -15.70 -13.91
CA TYR L 32 -29.67 -15.59 -13.50
C TYR L 32 -29.48 -14.61 -12.37
N ALA L 33 -28.57 -14.96 -11.46
CA ALA L 33 -28.05 -14.01 -10.48
C ALA L 33 -27.15 -12.95 -11.14
N MET L 34 -27.04 -11.80 -10.49
CA MET L 34 -26.37 -10.63 -11.04
C MET L 34 -25.43 -9.99 -10.02
N ASP L 35 -24.38 -9.35 -10.52
CA ASP L 35 -23.36 -8.70 -9.67
C ASP L 35 -23.00 -7.27 -10.09
N TRP L 36 -22.49 -6.50 -9.12
CA TRP L 36 -21.67 -5.33 -9.41
C TRP L 36 -20.22 -5.59 -9.01
N VAL L 37 -19.32 -5.21 -9.91
CA VAL L 37 -17.88 -5.28 -9.68
C VAL L 37 -17.30 -3.90 -9.99
N ARG L 38 -16.38 -3.41 -9.15
CA ARG L 38 -15.74 -2.11 -9.41
C ARG L 38 -14.24 -2.21 -9.56
N GLN L 39 -13.69 -1.18 -10.22
CA GLN L 39 -12.26 -1.07 -10.49
C GLN L 39 -11.89 0.41 -10.38
N ALA L 40 -11.15 0.77 -9.34
CA ALA L 40 -10.65 2.15 -9.15
C ALA L 40 -9.50 2.40 -10.15
N PRO L 41 -9.18 3.68 -10.44
CA PRO L 41 -8.19 3.96 -11.52
C PRO L 41 -6.81 3.38 -11.18
N GLY L 42 -6.26 2.56 -12.07
CA GLY L 42 -4.98 1.90 -11.82
C GLY L 42 -4.97 0.70 -10.87
N LYS L 43 -5.99 0.54 -10.03
CA LYS L 43 -6.11 -0.62 -9.15
C LYS L 43 -6.77 -1.81 -9.87
N GLY L 44 -6.90 -2.93 -9.16
CA GLY L 44 -7.55 -4.14 -9.69
C GLY L 44 -9.04 -4.24 -9.39
N LEU L 45 -9.61 -5.41 -9.64
CA LEU L 45 -11.06 -5.66 -9.56
C LEU L 45 -11.52 -5.90 -8.13
N GLU L 46 -12.66 -5.34 -7.76
CA GLU L 46 -13.25 -5.59 -6.45
C GLU L 46 -14.72 -5.98 -6.62
N TRP L 47 -15.07 -7.17 -6.13
CA TRP L 47 -16.45 -7.59 -6.12
C TRP L 47 -17.20 -6.73 -5.10
N VAL L 48 -18.36 -6.18 -5.50
CA VAL L 48 -19.09 -5.23 -4.67
C VAL L 48 -20.35 -5.84 -4.09
N SER L 49 -21.15 -6.44 -4.96
CA SER L 49 -22.45 -6.93 -4.54
C SER L 49 -22.98 -8.00 -5.48
N ALA L 50 -23.77 -8.92 -4.94
CA ALA L 50 -24.53 -9.88 -5.73
C ALA L 50 -25.98 -9.93 -5.29
N ILE L 51 -26.83 -10.41 -6.19
CA ILE L 51 -28.23 -10.59 -5.89
C ILE L 51 -28.76 -11.85 -6.57
N THR L 52 -29.68 -12.54 -5.89
CA THR L 52 -30.26 -13.78 -6.45
C THR L 52 -31.21 -13.47 -7.57
N MET L 53 -31.51 -14.48 -8.36
CA MET L 53 -32.40 -14.35 -9.53
C MET L 53 -33.75 -13.76 -9.17
N SER L 54 -34.27 -14.15 -8.00
CA SER L 54 -35.54 -13.67 -7.48
C SER L 54 -35.51 -12.22 -7.07
N GLY L 55 -34.34 -11.68 -6.78
CA GLY L 55 -34.22 -10.32 -6.28
C GLY L 55 -34.41 -10.19 -4.78
N ILE L 56 -34.56 -11.31 -4.07
CA ILE L 56 -34.93 -11.33 -2.64
C ILE L 56 -33.75 -11.28 -1.69
N THR L 57 -32.65 -11.92 -2.05
CA THR L 57 -31.46 -11.99 -1.20
C THR L 57 -30.28 -11.26 -1.84
N ALA L 58 -29.68 -10.34 -1.09
CA ALA L 58 -28.53 -9.56 -1.54
C ALA L 58 -27.31 -9.88 -0.68
N TYR L 59 -26.14 -9.81 -1.30
CA TYR L 59 -24.86 -9.98 -0.62
C TYR L 59 -23.94 -8.78 -0.90
N TYR L 60 -23.13 -8.39 0.07
CA TYR L 60 -22.27 -7.20 -0.05
C TYR L 60 -20.83 -7.44 0.41
N THR L 61 -19.90 -6.77 -0.27
CA THR L 61 -18.50 -6.65 0.20
C THR L 61 -18.44 -5.69 1.38
N ASP L 62 -17.39 -5.80 2.18
CA ASP L 62 -17.39 -5.17 3.53
C ASP L 62 -17.37 -3.64 3.51
N ASP L 63 -16.55 -3.07 2.62
CA ASP L 63 -16.45 -1.61 2.46
C ASP L 63 -17.80 -0.90 2.21
N VAL L 64 -18.75 -1.65 1.68
CA VAL L 64 -19.98 -1.14 1.12
C VAL L 64 -21.23 -1.37 2.00
N LYS L 65 -21.15 -2.29 2.98
CA LYS L 65 -22.35 -2.66 3.81
C LYS L 65 -23.01 -1.47 4.47
N GLY L 66 -24.33 -1.36 4.32
CA GLY L 66 -25.09 -0.27 4.92
C GLY L 66 -24.96 1.08 4.22
N ARG L 67 -24.23 1.12 3.10
CA ARG L 67 -24.13 2.32 2.27
C ARG L 67 -24.76 2.07 0.92
N PHE L 68 -24.35 0.99 0.24
CA PHE L 68 -25.00 0.61 -1.02
C PHE L 68 -26.10 -0.43 -0.84
N THR L 69 -27.06 -0.40 -1.78
CA THR L 69 -28.13 -1.37 -1.85
C THR L 69 -28.31 -1.88 -3.26
N ILE L 70 -28.19 -3.19 -3.44
CA ILE L 70 -28.41 -3.83 -4.73
C ILE L 70 -29.88 -4.26 -4.81
N SER L 71 -30.45 -4.13 -6.00
CA SER L 71 -31.82 -4.55 -6.24
C SER L 71 -32.02 -4.79 -7.71
N ARG L 72 -33.18 -5.33 -8.04
CA ARG L 72 -33.54 -5.59 -9.44
C ARG L 72 -35.04 -5.54 -9.64
N ASP L 73 -35.44 -5.35 -10.88
CA ASP L 73 -36.84 -5.39 -11.30
C ASP L 73 -36.91 -6.30 -12.50
N ASN L 74 -37.36 -7.53 -12.28
CA ASN L 74 -37.37 -8.54 -13.36
C ASN L 74 -38.33 -8.23 -14.52
N SER L 75 -39.42 -7.51 -14.26
CA SER L 75 -40.31 -7.04 -15.34
C SER L 75 -39.67 -5.97 -16.23
N LYS L 76 -38.68 -5.24 -15.71
CA LYS L 76 -37.93 -4.24 -16.48
C LYS L 76 -36.57 -4.74 -17.04
N ASN L 77 -36.16 -5.96 -16.71
CA ASN L 77 -34.85 -6.50 -17.10
C ASN L 77 -33.70 -5.59 -16.73
N THR L 78 -33.77 -5.07 -15.50
CA THR L 78 -32.87 -4.03 -15.04
C THR L 78 -32.32 -4.35 -13.65
N LEU L 79 -31.02 -4.11 -13.49
CA LEU L 79 -30.33 -4.24 -12.20
C LEU L 79 -29.96 -2.86 -11.70
N TYR L 80 -30.08 -2.65 -10.40
CA TYR L 80 -29.82 -1.37 -9.78
C TYR L 80 -28.72 -1.45 -8.72
N LEU L 81 -28.01 -0.34 -8.50
CA LEU L 81 -27.17 -0.16 -7.32
C LEU L 81 -27.38 1.24 -6.78
N GLN L 82 -28.04 1.35 -5.62
CA GLN L 82 -28.21 2.63 -4.93
C GLN L 82 -26.96 2.85 -4.12
N MET L 83 -26.27 3.96 -4.34
CA MET L 83 -25.01 4.25 -3.66
C MET L 83 -25.22 5.50 -2.79
N ASN L 84 -25.27 5.32 -1.48
CA ASN L 84 -25.40 6.44 -0.53
C ASN L 84 -24.12 6.61 0.27
N SER L 85 -24.02 7.72 1.00
CA SER L 85 -22.84 8.01 1.84
C SER L 85 -21.54 7.78 1.08
N LEU L 86 -21.49 8.31 -0.14
CA LEU L 86 -20.37 8.05 -1.03
C LEU L 86 -19.12 8.73 -0.50
N ARG L 87 -17.97 8.14 -0.78
CA ARG L 87 -16.70 8.73 -0.40
C ARG L 87 -15.68 8.58 -1.50
N ALA L 88 -14.58 9.32 -1.37
CA ALA L 88 -13.57 9.41 -2.42
C ALA L 88 -13.08 8.05 -2.92
N GLU L 89 -12.97 7.10 -1.98
CA GLU L 89 -12.45 5.76 -2.28
C GLU L 89 -13.43 4.93 -3.15
N ASP L 90 -14.70 5.34 -3.20
CA ASP L 90 -15.67 4.69 -4.08
C ASP L 90 -15.47 5.05 -5.55
N THR L 91 -14.57 5.97 -5.84
CA THR L 91 -14.30 6.38 -7.21
C THR L 91 -13.73 5.23 -8.00
N ALA L 92 -14.45 4.86 -9.05
CA ALA L 92 -14.15 3.65 -9.83
C ALA L 92 -15.07 3.50 -11.03
N VAL L 93 -14.66 2.67 -11.98
CA VAL L 93 -15.56 2.14 -13.00
C VAL L 93 -16.38 1.02 -12.35
N TYR L 94 -17.71 1.08 -12.46
CA TYR L 94 -18.61 0.05 -11.92
C TYR L 94 -19.16 -0.80 -13.06
N TYR L 95 -18.86 -2.11 -13.00
CA TYR L 95 -19.29 -3.07 -13.99
C TYR L 95 -20.50 -3.85 -13.50
N CYS L 96 -21.37 -4.16 -14.42
CA CYS L 96 -22.52 -5.03 -14.20
C CYS L 96 -22.13 -6.39 -14.75
N ALA L 97 -22.40 -7.46 -14.03
CA ALA L 97 -22.00 -8.79 -14.49
C ALA L 97 -22.99 -9.90 -14.18
N LYS L 98 -23.30 -10.71 -15.20
CA LYS L 98 -24.21 -11.85 -15.10
C LYS L 98 -23.49 -13.07 -14.56
N GLU L 99 -24.04 -13.67 -13.50
CA GLU L 99 -23.50 -14.93 -12.95
C GLU L 99 -23.99 -16.10 -13.80
N GLU L 100 -23.19 -17.16 -13.85
CA GLU L 100 -23.57 -18.41 -14.51
C GLU L 100 -23.54 -19.57 -13.49
N PHE L 101 -24.49 -20.48 -13.65
CA PHE L 101 -24.57 -21.68 -12.82
C PHE L 101 -24.20 -22.91 -13.62
N LEU L 102 -23.75 -23.97 -12.93
CA LEU L 102 -23.61 -25.30 -13.56
C LEU L 102 -24.98 -25.77 -14.02
N PRO L 103 -25.04 -26.45 -15.18
CA PRO L 103 -26.36 -26.83 -15.75
C PRO L 103 -27.28 -27.58 -14.76
N GLY L 104 -28.54 -27.19 -14.72
CA GLY L 104 -29.51 -27.75 -13.78
C GLY L 104 -29.32 -27.43 -12.31
N THR L 105 -28.50 -26.41 -11.99
CA THR L 105 -28.22 -26.04 -10.61
C THR L 105 -28.33 -24.54 -10.35
N HIS L 106 -28.23 -24.15 -9.09
CA HIS L 106 -27.95 -22.77 -8.70
C HIS L 106 -26.54 -22.73 -8.11
N TYR L 107 -25.64 -23.51 -8.72
CA TYR L 107 -24.26 -23.64 -8.27
C TYR L 107 -23.43 -22.64 -9.07
N PHE L 108 -23.20 -21.50 -8.43
CA PHE L 108 -22.52 -20.37 -9.04
C PHE L 108 -21.05 -20.65 -9.28
N TYR L 109 -20.55 -20.39 -10.49
CA TYR L 109 -19.12 -20.57 -10.81
C TYR L 109 -18.34 -19.36 -11.37
N GLY L 110 -19.03 -18.24 -11.61
CA GLY L 110 -18.37 -17.03 -12.10
C GLY L 110 -19.24 -16.10 -12.93
N MET L 111 -18.62 -15.07 -13.48
CA MET L 111 -19.30 -14.02 -14.24
C MET L 111 -18.85 -14.10 -15.68
N ASP L 112 -19.72 -14.61 -16.56
CA ASP L 112 -19.35 -14.88 -17.96
C ASP L 112 -19.76 -13.80 -18.94
N VAL L 113 -20.56 -12.82 -18.49
CA VAL L 113 -20.93 -11.67 -19.32
C VAL L 113 -20.83 -10.39 -18.50
N TRP L 114 -20.09 -9.43 -19.03
CA TRP L 114 -19.86 -8.16 -18.36
C TRP L 114 -20.37 -7.00 -19.21
N GLY L 115 -20.77 -5.93 -18.55
CA GLY L 115 -21.07 -4.68 -19.25
C GLY L 115 -19.80 -3.94 -19.63
N GLN L 116 -19.96 -2.76 -20.21
CA GLN L 116 -18.82 -1.91 -20.59
C GLN L 116 -18.35 -1.03 -19.43
N GLY L 117 -19.24 -0.78 -18.48
CA GLY L 117 -18.91 -0.13 -17.21
C GLY L 117 -19.45 1.28 -17.22
N THR L 118 -19.71 1.84 -16.04
CA THR L 118 -20.07 3.25 -15.94
C THR L 118 -19.20 3.85 -14.85
N THR L 119 -18.75 5.09 -15.06
CA THR L 119 -17.80 5.73 -14.16
C THR L 119 -18.49 6.51 -13.05
N VAL L 120 -18.04 6.29 -11.82
CA VAL L 120 -18.45 7.11 -10.68
C VAL L 120 -17.22 7.81 -10.16
N THR L 121 -17.36 9.11 -9.89
CA THR L 121 -16.28 9.95 -9.39
C THR L 121 -16.78 10.72 -8.17
N VAL L 122 -16.17 10.47 -7.01
CA VAL L 122 -16.56 11.18 -5.77
C VAL L 122 -15.44 12.13 -5.37
N SER L 123 -15.75 13.42 -5.30
CA SER L 123 -14.73 14.44 -4.99
C SER L 123 -15.33 15.78 -4.60
N SER L 124 -14.57 16.57 -3.86
CA SER L 124 -14.96 17.95 -3.53
C SER L 124 -14.69 18.92 -4.67
N ALA L 125 -13.84 18.57 -5.62
CA ALA L 125 -13.53 19.45 -6.75
C ALA L 125 -14.75 19.83 -7.59
N SER L 126 -14.80 21.08 -8.03
CA SER L 126 -15.73 21.56 -9.03
C SER L 126 -15.27 21.22 -10.42
N THR L 127 -16.21 21.11 -11.35
CA THR L 127 -15.92 20.77 -12.73
C THR L 127 -15.17 21.94 -13.33
N LYS L 128 -14.11 21.65 -14.06
CA LYS L 128 -13.27 22.69 -14.63
C LYS L 128 -12.60 22.21 -15.92
N GLY L 129 -12.67 23.03 -16.96
CA GLY L 129 -11.96 22.73 -18.22
C GLY L 129 -10.46 22.92 -18.09
N PRO L 130 -9.69 22.27 -18.97
CA PRO L 130 -8.23 22.37 -18.85
C PRO L 130 -7.69 23.68 -19.40
N SER L 131 -6.49 24.05 -18.94
CA SER L 131 -5.66 25.02 -19.63
C SER L 131 -4.69 24.21 -20.47
N VAL L 132 -4.55 24.55 -21.75
CA VAL L 132 -3.62 23.84 -22.62
C VAL L 132 -2.44 24.74 -22.96
N PHE L 133 -1.24 24.24 -22.70
CA PHE L 133 0.01 24.96 -22.90
C PHE L 133 0.88 24.18 -23.86
N PRO L 134 1.64 24.89 -24.72
CA PRO L 134 2.51 24.19 -25.65
C PRO L 134 3.75 23.67 -24.94
N LEU L 135 4.18 22.48 -25.31
CA LEU L 135 5.50 22.00 -24.96
C LEU L 135 6.32 22.15 -26.22
N ALA L 136 6.99 23.30 -26.30
CA ALA L 136 7.64 23.78 -27.50
C ALA L 136 8.93 22.99 -27.81
N PRO L 137 9.14 22.61 -29.10
CA PRO L 137 10.21 21.68 -29.47
C PRO L 137 11.65 22.13 -29.18
N SER L 138 12.52 21.15 -29.11
CA SER L 138 13.90 21.26 -28.72
C SER L 138 14.68 22.42 -29.36
N SER L 139 15.64 22.93 -28.61
CA SER L 139 16.53 24.01 -29.05
C SER L 139 17.43 23.61 -30.24
N LYS L 140 17.91 22.35 -30.26
CA LYS L 140 18.76 21.78 -31.35
C LYS L 140 18.06 20.71 -32.21
N GLY L 145 17.97 15.18 -37.44
CA GLY L 145 17.60 14.18 -36.44
C GLY L 145 16.10 14.07 -36.16
N THR L 146 15.75 13.81 -34.89
CA THR L 146 14.35 13.74 -34.41
C THR L 146 14.10 14.74 -33.27
N ALA L 147 12.92 15.38 -33.26
CA ALA L 147 12.54 16.35 -32.22
C ALA L 147 11.20 16.02 -31.54
N ALA L 148 11.14 16.32 -30.24
CA ALA L 148 9.95 16.08 -29.42
C ALA L 148 9.18 17.36 -29.21
N LEU L 149 7.89 17.24 -28.94
CA LEU L 149 6.92 18.30 -29.18
C LEU L 149 5.60 17.90 -28.55
N GLY L 150 4.96 18.76 -27.75
CA GLY L 150 3.72 18.34 -27.08
C GLY L 150 2.78 19.42 -26.59
N CYS L 151 1.76 18.96 -25.86
CA CYS L 151 0.80 19.81 -25.17
C CYS L 151 0.69 19.39 -23.73
N LEU L 152 0.61 20.36 -22.82
CA LEU L 152 0.39 20.08 -21.41
C LEU L 152 -1.04 20.48 -21.10
N VAL L 153 -1.87 19.49 -20.78
CA VAL L 153 -3.29 19.69 -20.52
C VAL L 153 -3.45 19.69 -19.02
N LYS L 154 -3.62 20.87 -18.42
CA LYS L 154 -3.43 21.03 -16.99
C LYS L 154 -4.66 21.58 -16.28
N ASP L 155 -4.86 21.10 -15.05
CA ASP L 155 -5.90 21.57 -14.12
C ASP L 155 -7.34 21.42 -14.63
N TYR L 156 -7.69 20.20 -15.05
CA TYR L 156 -9.08 19.86 -15.36
C TYR L 156 -9.70 18.89 -14.37
N PHE L 157 -11.02 18.87 -14.36
CA PHE L 157 -11.76 17.95 -13.52
C PHE L 157 -13.19 17.82 -14.02
N PRO L 158 -13.73 16.58 -14.01
CA PRO L 158 -13.16 15.28 -13.73
C PRO L 158 -12.56 14.69 -14.98
N GLU L 159 -12.09 13.45 -14.90
CA GLU L 159 -11.68 12.68 -16.09
C GLU L 159 -12.92 12.40 -16.95
N PRO L 160 -12.75 12.13 -18.26
CA PRO L 160 -11.54 12.08 -19.07
C PRO L 160 -11.35 13.29 -20.00
N VAL L 161 -10.15 13.40 -20.55
CA VAL L 161 -9.93 14.21 -21.75
C VAL L 161 -9.43 13.30 -22.86
N THR L 162 -9.79 13.64 -24.10
CA THR L 162 -9.20 13.02 -25.28
C THR L 162 -8.33 14.07 -25.96
N VAL L 163 -7.27 13.59 -26.60
CA VAL L 163 -6.33 14.45 -27.30
C VAL L 163 -5.97 13.80 -28.63
N SER L 164 -6.11 14.56 -29.71
CA SER L 164 -5.59 14.16 -31.03
C SER L 164 -4.65 15.25 -31.55
N TRP L 165 -3.92 14.94 -32.63
CA TRP L 165 -3.00 15.89 -33.27
C TRP L 165 -3.39 16.11 -34.73
N ASN L 166 -3.38 17.38 -35.15
CA ASN L 166 -3.82 17.80 -36.50
C ASN L 166 -5.12 17.10 -36.91
N SER L 167 -6.11 17.19 -36.02
CA SER L 167 -7.45 16.64 -36.23
C SER L 167 -7.49 15.14 -36.59
N GLY L 168 -6.56 14.37 -36.04
CA GLY L 168 -6.49 12.93 -36.32
C GLY L 168 -5.57 12.53 -37.48
N ALA L 169 -5.13 13.51 -38.26
CA ALA L 169 -4.21 13.27 -39.38
C ALA L 169 -2.80 12.83 -38.94
N LEU L 170 -2.38 13.24 -37.73
CA LEU L 170 -1.08 12.84 -37.17
C LEU L 170 -1.26 11.86 -36.02
N THR L 171 -0.89 10.59 -36.24
CA THR L 171 -0.93 9.55 -35.22
C THR L 171 0.42 8.86 -34.93
N SER L 172 1.36 8.87 -35.88
CA SER L 172 2.69 8.28 -35.67
C SER L 172 3.46 9.01 -34.58
N GLY L 173 4.04 8.23 -33.66
CA GLY L 173 4.88 8.75 -32.59
C GLY L 173 4.17 9.48 -31.47
N VAL L 174 2.84 9.50 -31.48
CA VAL L 174 2.07 10.18 -30.45
C VAL L 174 2.06 9.33 -29.16
N HIS L 175 2.27 9.95 -28.01
CA HIS L 175 2.06 9.31 -26.73
C HIS L 175 1.24 10.23 -25.86
N THR L 176 -0.03 9.89 -25.65
CA THR L 176 -0.86 10.58 -24.68
C THR L 176 -0.79 9.81 -23.37
N PHE L 177 -0.48 10.53 -22.29
CA PHE L 177 -0.11 9.92 -21.02
C PHE L 177 -1.32 9.77 -20.10
N PRO L 178 -1.34 8.73 -19.26
CA PRO L 178 -2.33 8.74 -18.20
C PRO L 178 -2.24 10.00 -17.37
N ALA L 179 -3.39 10.55 -17.03
CA ALA L 179 -3.45 11.73 -16.18
C ALA L 179 -2.89 11.40 -14.82
N VAL L 180 -2.60 12.42 -14.03
CA VAL L 180 -2.17 12.23 -12.64
C VAL L 180 -3.04 13.16 -11.82
N LEU L 181 -3.38 12.74 -10.62
CA LEU L 181 -4.22 13.53 -9.77
C LEU L 181 -3.26 14.40 -8.98
N GLN L 182 -3.39 15.72 -9.13
CA GLN L 182 -2.56 16.65 -8.39
C GLN L 182 -3.17 16.87 -7.02
N SER L 183 -2.36 17.39 -6.10
CA SER L 183 -2.82 17.65 -4.74
C SER L 183 -3.94 18.67 -4.66
N SER L 184 -4.12 19.50 -5.70
CA SER L 184 -5.28 20.41 -5.78
C SER L 184 -6.62 19.69 -5.91
N GLY L 185 -6.62 18.43 -6.35
CA GLY L 185 -7.84 17.71 -6.68
C GLY L 185 -8.14 17.71 -8.17
N LEU L 186 -7.35 18.42 -8.95
CA LEU L 186 -7.53 18.55 -10.39
C LEU L 186 -6.55 17.62 -11.06
N TYR L 187 -6.88 17.19 -12.28
CA TYR L 187 -6.03 16.29 -13.04
C TYR L 187 -5.14 17.08 -13.98
N SER L 188 -4.12 16.41 -14.47
CA SER L 188 -3.17 17.00 -15.39
C SER L 188 -2.51 15.90 -16.21
N LEU L 189 -2.29 16.16 -17.49
CA LEU L 189 -1.62 15.18 -18.36
C LEU L 189 -0.91 15.91 -19.49
N SER L 190 -0.02 15.19 -20.16
CA SER L 190 0.68 15.72 -21.32
C SER L 190 0.54 14.77 -22.49
N SER L 191 0.35 15.30 -23.68
CA SER L 191 0.40 14.50 -24.90
C SER L 191 1.62 14.98 -25.66
N VAL L 192 2.37 14.07 -26.26
CA VAL L 192 3.64 14.42 -26.92
C VAL L 192 3.75 13.64 -28.21
N VAL L 193 4.55 14.16 -29.13
CA VAL L 193 4.79 13.49 -30.41
C VAL L 193 6.26 13.65 -30.82
N THR L 194 6.79 12.60 -31.44
CA THR L 194 8.13 12.57 -32.02
C THR L 194 7.96 12.76 -33.52
N VAL L 195 8.67 13.74 -34.06
CA VAL L 195 8.63 14.07 -35.50
C VAL L 195 10.02 14.38 -36.01
N PRO L 196 10.23 14.25 -37.35
CA PRO L 196 11.53 14.66 -37.91
C PRO L 196 11.79 16.18 -37.71
N SER L 197 13.06 16.53 -37.46
CA SER L 197 13.48 17.94 -37.27
C SER L 197 13.23 18.81 -38.50
N SER L 198 13.45 18.23 -39.68
CA SER L 198 13.14 18.83 -40.97
C SER L 198 11.79 19.54 -41.04
N SER L 199 10.75 18.89 -40.50
CA SER L 199 9.38 19.39 -40.58
C SER L 199 9.07 20.62 -39.69
N LEU L 200 9.92 20.91 -38.70
CA LEU L 200 9.65 22.00 -37.74
C LEU L 200 9.43 23.39 -38.34
N GLY L 201 9.95 23.63 -39.54
CA GLY L 201 9.64 24.84 -40.31
C GLY L 201 8.34 24.69 -41.08
N THR L 202 8.24 23.65 -41.90
CA THR L 202 7.08 23.43 -42.80
C THR L 202 5.78 23.04 -42.08
N GLN L 203 5.79 21.90 -41.40
CA GLN L 203 4.56 21.28 -40.87
C GLN L 203 4.02 22.00 -39.62
N THR L 204 2.71 22.28 -39.64
CA THR L 204 2.02 22.85 -38.49
C THR L 204 1.55 21.73 -37.58
N TYR L 205 1.72 21.96 -36.27
CA TYR L 205 1.32 21.00 -35.25
C TYR L 205 0.32 21.64 -34.28
N ILE L 206 -0.91 21.13 -34.34
CA ILE L 206 -1.99 21.55 -33.46
C ILE L 206 -2.45 20.33 -32.66
N CYS L 207 -2.54 20.48 -31.33
CA CYS L 207 -3.15 19.45 -30.49
C CYS L 207 -4.60 19.85 -30.20
N ASN L 208 -5.50 18.87 -30.35
CA ASN L 208 -6.94 19.08 -30.20
C ASN L 208 -7.36 18.35 -28.93
N VAL L 209 -7.86 19.12 -27.96
CA VAL L 209 -8.12 18.61 -26.62
C VAL L 209 -9.60 18.71 -26.36
N ASN L 210 -10.27 17.56 -26.19
CA ASN L 210 -11.70 17.54 -25.82
C ASN L 210 -11.87 17.20 -24.33
N HIS L 211 -12.73 17.96 -23.64
CA HIS L 211 -13.10 17.67 -22.24
C HIS L 211 -14.62 17.75 -22.10
N LYS L 212 -15.26 16.63 -22.42
CA LYS L 212 -16.72 16.53 -22.45
C LYS L 212 -17.43 16.95 -21.15
N PRO L 213 -16.86 16.62 -19.99
CA PRO L 213 -17.55 17.01 -18.74
C PRO L 213 -17.73 18.52 -18.51
N SER L 214 -16.83 19.34 -19.02
CA SER L 214 -16.94 20.80 -18.91
C SER L 214 -17.49 21.43 -20.17
N ASN L 215 -17.64 20.64 -21.23
CA ASN L 215 -18.11 21.09 -22.55
C ASN L 215 -17.12 22.08 -23.19
N THR L 216 -15.82 21.75 -23.11
CA THR L 216 -14.75 22.60 -23.63
C THR L 216 -13.94 21.82 -24.66
N LYS L 217 -13.72 22.42 -25.84
CA LYS L 217 -12.66 21.96 -26.75
C LYS L 217 -11.62 23.05 -26.84
N VAL L 218 -10.37 22.67 -27.05
CA VAL L 218 -9.28 23.64 -27.19
C VAL L 218 -8.35 23.09 -28.25
N ASP L 219 -8.13 23.85 -29.31
CA ASP L 219 -7.06 23.58 -30.26
C ASP L 219 -5.89 24.49 -29.88
N LYS L 220 -4.66 24.05 -30.13
CA LYS L 220 -3.47 24.81 -29.75
C LYS L 220 -2.28 24.57 -30.68
N LYS L 221 -1.78 25.64 -31.31
CA LYS L 221 -0.54 25.58 -32.11
C LYS L 221 0.63 25.33 -31.18
N VAL L 222 1.56 24.50 -31.66
CA VAL L 222 2.84 24.31 -31.00
C VAL L 222 3.90 24.61 -32.07
N GLU L 223 4.54 25.78 -31.96
CA GLU L 223 5.61 26.22 -32.86
C GLU L 223 6.91 26.31 -32.08
N PRO L 224 8.06 26.26 -32.78
CA PRO L 224 9.36 26.50 -32.10
C PRO L 224 9.47 27.87 -31.40
N LYS L 225 10.50 28.04 -30.56
CA LYS L 225 10.74 29.32 -29.83
C LYS L 225 11.43 30.34 -30.74
N SER L 226 11.61 31.58 -30.25
CA SER L 226 12.25 32.66 -31.06
C SER L 226 13.78 32.51 -31.25
N CYS L 227 14.19 31.49 -32.00
CA CYS L 227 15.60 31.05 -32.10
C CYS L 227 15.73 30.04 -33.25
#